data_6V7E
#
_entry.id   6V7E
#
_cell.length_a   53.720
_cell.length_b   286.490
_cell.length_c   67.120
_cell.angle_alpha   90.000
_cell.angle_beta   90.030
_cell.angle_gamma   90.000
#
_symmetry.space_group_name_H-M   'P 1 21 1'
#
loop_
_entity.id
_entity.type
_entity.pdbx_description
1 polymer Arginase-1
2 non-polymer 'MANGANESE (II) ION'
3 non-polymer 3-[(5~{S},7~{S},8~{S})-8-azanyl-8-carboxy-1-azaspiro[4.4]nonan-7-yl]propyl-$l^{3}-oxidanyl-bis(oxidanyl)boranuide
4 water water
#
_entity_poly.entity_id   1
_entity_poly.type   'polypeptide(L)'
_entity_poly.pdbx_seq_one_letter_code
;MSAKSRTIGIIGAPFSKGQPRGGVEEGPTVLRKAGLLEKLKEQECDVKDYGDLPFADIPNDSPFQIVKNPRSVGKASEQL
AGKVAEVKKNGRISLVLGGDHSLAIGSISGHARVHPDLGVIWVDAHTDINTPLTTTSGNLHGQPVSFLLKELKGKIPDVP
GFSWVTPCISAKDIVYIGLRDVDPGEHYILKTLGIKYFSMTEVDRLGIGKVMEETLSYLLGRKKRPIHLSFDVDGLDPSF
TPATGTPVVGGLTYREGLYITEEIYKTGLLSGLDIMEVNPSLGKTPEEVTRTVNTAVAITLACFGLAREGNHKPIDYLNP
PK
;
_entity_poly.pdbx_strand_id   A,B,C,D,E,F
#
# COMPACT_ATOMS: atom_id res chain seq x y z
N ALA A 3 1.91 49.34 -2.68
CA ALA A 3 1.56 47.95 -2.99
C ALA A 3 1.51 47.12 -1.72
N LYS A 4 0.49 46.22 -1.60
CA LYS A 4 0.30 45.34 -0.44
C LYS A 4 1.57 44.52 -0.15
N SER A 5 2.25 44.02 -1.20
CA SER A 5 3.50 43.23 -1.09
C SER A 5 4.70 44.09 -0.64
N ARG A 6 4.54 45.44 -0.67
CA ARG A 6 5.59 46.36 -0.22
C ARG A 6 5.12 47.30 0.93
N THR A 7 4.11 46.86 1.72
CA THR A 7 3.61 47.59 2.88
C THR A 7 4.01 46.81 4.13
N ILE A 8 4.96 47.37 4.92
CA ILE A 8 5.61 46.66 6.02
C ILE A 8 5.48 47.30 7.41
N GLY A 9 5.29 46.43 8.41
CA GLY A 9 5.32 46.79 9.82
C GLY A 9 6.53 46.15 10.49
N ILE A 10 7.54 46.97 10.82
CA ILE A 10 8.81 46.52 11.45
C ILE A 10 8.61 46.27 12.94
N ILE A 11 8.98 45.06 13.41
CA ILE A 11 8.97 44.73 14.84
C ILE A 11 10.34 44.20 15.23
N GLY A 12 10.99 44.90 16.14
CA GLY A 12 12.25 44.43 16.69
C GLY A 12 11.98 43.48 17.85
N ALA A 13 12.62 42.31 17.83
CA ALA A 13 12.44 41.35 18.92
C ALA A 13 13.83 40.97 19.49
N PRO A 14 14.38 41.83 20.38
CA PRO A 14 15.73 41.57 20.90
C PRO A 14 15.73 40.56 22.06
N PHE A 15 15.51 39.26 21.75
CA PHE A 15 15.40 38.21 22.76
C PHE A 15 16.31 37.01 22.48
N SER A 16 16.99 36.49 23.52
CA SER A 16 17.94 35.40 23.37
C SER A 16 17.71 34.17 24.26
N LYS A 17 16.84 34.25 25.27
CA LYS A 17 16.65 33.18 26.27
C LYS A 17 15.98 31.87 25.76
N GLY A 18 15.76 31.78 24.44
CA GLY A 18 15.29 30.56 23.79
C GLY A 18 16.47 29.65 23.47
N GLN A 19 17.69 30.11 23.79
CA GLN A 19 18.94 29.40 23.58
C GLN A 19 20.07 29.93 24.52
N PRO A 20 21.21 29.20 24.71
CA PRO A 20 22.18 29.67 25.71
C PRO A 20 23.25 30.64 25.24
N ARG A 21 23.34 30.94 23.93
CA ARG A 21 24.43 31.80 23.43
C ARG A 21 24.06 33.28 23.32
N GLY A 22 24.75 34.11 24.11
CA GLY A 22 24.53 35.55 24.14
C GLY A 22 24.91 36.28 22.87
N GLY A 23 24.18 37.34 22.58
CA GLY A 23 24.43 38.19 21.41
C GLY A 23 23.33 38.25 20.38
N VAL A 24 22.47 37.19 20.30
CA VAL A 24 21.39 37.10 19.30
C VAL A 24 20.28 38.16 19.58
N GLU A 25 20.19 38.65 20.84
CA GLU A 25 19.29 39.74 21.22
C GLU A 25 19.76 41.06 20.55
N GLU A 26 21.00 41.07 20.03
CA GLU A 26 21.58 42.23 19.34
C GLU A 26 21.35 42.18 17.83
N GLY A 27 20.61 41.17 17.38
CA GLY A 27 20.23 41.00 15.98
C GLY A 27 19.43 42.18 15.41
N PRO A 28 18.37 42.69 16.12
CA PRO A 28 17.64 43.86 15.58
C PRO A 28 18.51 45.10 15.41
N THR A 29 19.37 45.40 16.41
CA THR A 29 20.28 46.55 16.35
C THR A 29 21.21 46.51 15.13
N VAL A 30 21.87 45.38 14.88
CA VAL A 30 22.84 45.29 13.77
C VAL A 30 22.13 45.27 12.39
N LEU A 31 20.92 44.69 12.30
CA LEU A 31 20.12 44.71 11.06
C LEU A 31 19.71 46.17 10.73
N ARG A 32 19.33 46.93 11.79
CA ARG A 32 18.95 48.34 11.74
C ARG A 32 20.15 49.21 11.38
N LYS A 33 21.32 48.98 12.02
CA LYS A 33 22.57 49.72 11.78
C LYS A 33 23.00 49.61 10.32
N ALA A 34 22.82 48.41 9.71
CA ALA A 34 23.14 48.14 8.31
C ALA A 34 22.24 48.95 7.34
N GLY A 35 21.20 49.60 7.88
CA GLY A 35 20.29 50.45 7.11
C GLY A 35 19.15 49.73 6.42
N LEU A 36 18.63 48.67 7.03
CA LEU A 36 17.53 47.86 6.46
C LEU A 36 16.28 48.69 6.13
N LEU A 37 15.86 49.54 7.07
CA LEU A 37 14.66 50.35 6.93
C LEU A 37 14.78 51.39 5.83
N GLU A 38 15.98 51.94 5.68
CA GLU A 38 16.27 52.95 4.64
C GLU A 38 16.28 52.30 3.26
N LYS A 39 16.89 51.10 3.14
CA LYS A 39 16.99 50.35 1.87
C LYS A 39 15.60 49.92 1.40
N LEU A 40 14.73 49.48 2.34
CA LEU A 40 13.35 49.09 2.05
C LEU A 40 12.57 50.29 1.47
N LYS A 41 12.68 51.47 2.13
CA LYS A 41 12.04 52.71 1.65
C LYS A 41 12.58 53.12 0.27
N GLU A 42 13.87 52.82 0.01
CA GLU A 42 14.55 53.07 -1.28
C GLU A 42 14.10 52.06 -2.38
N GLN A 43 13.32 51.05 -1.98
CA GLN A 43 12.80 49.99 -2.83
C GLN A 43 11.30 50.21 -3.10
N GLU A 44 10.81 51.42 -2.78
CA GLU A 44 9.41 51.85 -2.92
C GLU A 44 8.47 51.11 -1.93
N CYS A 45 8.97 50.83 -0.72
CA CYS A 45 8.16 50.21 0.35
C CYS A 45 7.53 51.28 1.27
N ASP A 46 6.30 51.02 1.75
CA ASP A 46 5.63 51.85 2.76
C ASP A 46 6.01 51.19 4.10
N VAL A 47 6.95 51.80 4.81
CA VAL A 47 7.51 51.24 6.03
C VAL A 47 7.05 52.00 7.30
N LYS A 48 6.51 51.26 8.26
CA LYS A 48 6.11 51.78 9.57
C LYS A 48 6.89 50.98 10.58
N ASP A 49 7.56 51.66 11.47
CA ASP A 49 8.41 51.05 12.47
C ASP A 49 7.70 50.96 13.82
N TYR A 50 7.39 49.74 14.27
CA TYR A 50 6.67 49.54 15.55
C TYR A 50 7.66 49.43 16.73
N GLY A 51 8.93 49.64 16.43
CA GLY A 51 10.01 49.65 17.41
C GLY A 51 10.44 48.28 17.87
N ASP A 52 11.39 48.27 18.82
CA ASP A 52 11.89 47.03 19.40
C ASP A 52 11.14 46.77 20.70
N LEU A 53 10.53 45.58 20.84
CA LEU A 53 9.75 45.20 22.03
C LEU A 53 10.60 45.16 23.31
N PRO A 54 10.09 45.71 24.43
CA PRO A 54 10.85 45.63 25.68
C PRO A 54 10.61 44.29 26.40
N PHE A 55 11.66 43.50 26.58
CA PHE A 55 11.50 42.22 27.27
C PHE A 55 12.01 42.30 28.71
N ALA A 56 11.08 42.45 29.65
CA ALA A 56 11.38 42.57 31.07
C ALA A 56 11.93 41.25 31.60
N ASP A 57 13.02 41.35 32.39
CA ASP A 57 13.71 40.23 33.02
C ASP A 57 12.78 39.53 34.01
N ILE A 58 12.66 38.19 33.91
CA ILE A 58 11.80 37.43 34.80
C ILE A 58 12.62 36.80 35.92
N PRO A 59 12.47 37.34 37.17
CA PRO A 59 13.21 36.76 38.31
C PRO A 59 12.66 35.38 38.66
N ASN A 60 13.54 34.47 39.09
CA ASN A 60 13.22 33.07 39.49
C ASN A 60 12.45 32.32 38.39
N ASP A 61 12.97 32.35 37.15
CA ASP A 61 12.36 31.65 36.02
C ASP A 61 12.88 30.21 36.02
N SER A 62 12.43 29.43 37.02
CA SER A 62 12.75 28.02 37.26
C SER A 62 12.49 27.19 35.99
N PRO A 63 13.30 26.15 35.72
CA PRO A 63 13.07 25.37 34.50
C PRO A 63 11.90 24.41 34.60
N PHE A 64 11.30 24.05 33.45
CA PHE A 64 10.27 23.03 33.39
C PHE A 64 11.04 21.80 32.93
N GLN A 65 11.31 20.85 33.85
CA GLN A 65 12.12 19.67 33.57
C GLN A 65 13.52 20.15 33.09
N ILE A 66 13.90 19.86 31.84
CA ILE A 66 15.19 20.31 31.30
C ILE A 66 15.05 21.60 30.43
N VAL A 67 13.79 22.05 30.23
CA VAL A 67 13.45 23.24 29.44
C VAL A 67 13.83 24.52 30.19
N LYS A 68 14.76 25.31 29.60
CA LYS A 68 15.34 26.51 30.20
C LYS A 68 14.57 27.80 29.91
N ASN A 69 14.43 28.67 30.93
CA ASN A 69 13.75 29.99 30.85
C ASN A 69 12.31 29.88 30.25
N PRO A 70 11.42 28.99 30.77
CA PRO A 70 10.08 28.85 30.14
C PRO A 70 9.19 30.09 30.21
N ARG A 71 9.15 30.80 31.37
CA ARG A 71 8.31 31.99 31.53
C ARG A 71 8.79 33.14 30.65
N SER A 72 10.12 33.30 30.49
CA SER A 72 10.70 34.35 29.65
C SER A 72 10.37 34.14 28.16
N VAL A 73 10.59 32.92 27.65
CA VAL A 73 10.30 32.55 26.26
C VAL A 73 8.79 32.66 26.01
N GLY A 74 8.00 32.16 26.96
CA GLY A 74 6.55 32.23 26.93
C GLY A 74 6.03 33.66 26.85
N LYS A 75 6.56 34.55 27.73
CA LYS A 75 6.16 35.98 27.77
C LYS A 75 6.64 36.75 26.56
N ALA A 76 7.89 36.51 26.11
CA ALA A 76 8.41 37.18 24.93
C ALA A 76 7.56 36.88 23.71
N SER A 77 7.13 35.61 23.56
CA SER A 77 6.26 35.20 22.45
C SER A 77 4.84 35.71 22.64
N GLU A 78 4.34 35.75 23.89
CA GLU A 78 3.01 36.28 24.18
C GLU A 78 2.88 37.75 23.75
N GLN A 79 3.89 38.57 24.09
CA GLN A 79 3.94 39.99 23.75
C GLN A 79 4.10 40.19 22.24
N LEU A 80 4.92 39.32 21.59
CA LEU A 80 5.15 39.39 20.15
C LEU A 80 3.90 39.03 19.36
N ALA A 81 3.11 38.08 19.87
CA ALA A 81 1.85 37.70 19.26
C ALA A 81 0.89 38.89 19.18
N GLY A 82 0.79 39.64 20.30
CA GLY A 82 -0.07 40.84 20.38
C GLY A 82 0.34 41.89 19.37
N LYS A 83 1.65 42.15 19.26
CA LYS A 83 2.25 43.11 18.32
C LYS A 83 2.06 42.69 16.85
N VAL A 84 2.31 41.40 16.50
CA VAL A 84 2.15 40.90 15.13
C VAL A 84 0.68 41.05 14.69
N ALA A 85 -0.25 40.68 15.59
CA ALA A 85 -1.69 40.82 15.36
C ALA A 85 -2.08 42.30 15.12
N GLU A 86 -1.41 43.24 15.81
CA GLU A 86 -1.65 44.68 15.67
C GLU A 86 -1.16 45.16 14.30
N VAL A 87 0.04 44.72 13.89
CA VAL A 87 0.61 45.06 12.57
C VAL A 87 -0.29 44.52 11.45
N LYS A 88 -0.71 43.24 11.57
CA LYS A 88 -1.55 42.58 10.57
C LYS A 88 -2.89 43.30 10.43
N LYS A 89 -3.50 43.70 11.55
CA LYS A 89 -4.78 44.42 11.59
C LYS A 89 -4.68 45.82 10.92
N ASN A 90 -3.46 46.36 10.75
CA ASN A 90 -3.21 47.64 10.07
C ASN A 90 -2.94 47.47 8.56
N GLY A 91 -3.15 46.24 8.04
CA GLY A 91 -2.97 45.93 6.62
C GLY A 91 -1.52 45.97 6.16
N ARG A 92 -0.60 45.54 7.04
CA ARG A 92 0.83 45.54 6.74
C ARG A 92 1.40 44.14 6.87
N ILE A 93 2.50 43.88 6.19
CA ILE A 93 3.22 42.61 6.31
C ILE A 93 4.09 42.77 7.55
N SER A 94 3.91 41.89 8.54
CA SER A 94 4.76 41.92 9.73
C SER A 94 6.15 41.39 9.40
N LEU A 95 7.19 42.12 9.80
CA LEU A 95 8.59 41.74 9.58
C LEU A 95 9.30 41.75 10.96
N VAL A 96 9.43 40.55 11.54
CA VAL A 96 10.06 40.34 12.84
C VAL A 96 11.56 40.23 12.67
N LEU A 97 12.31 41.08 13.41
CA LEU A 97 13.76 41.07 13.43
C LEU A 97 14.21 40.48 14.76
N GLY A 98 14.71 39.25 14.72
CA GLY A 98 15.16 38.54 15.92
C GLY A 98 16.65 38.70 16.21
N GLY A 99 17.13 38.12 17.31
CA GLY A 99 16.34 37.31 18.25
C GLY A 99 16.34 35.85 17.87
N ASP A 100 16.19 34.95 18.86
CA ASP A 100 16.21 33.50 18.60
C ASP A 100 14.88 32.98 18.00
N HIS A 101 14.89 31.77 17.42
CA HIS A 101 13.73 31.22 16.70
C HIS A 101 12.53 30.83 17.59
N SER A 102 12.68 30.83 18.95
CA SER A 102 11.56 30.52 19.85
C SER A 102 10.41 31.51 19.66
N LEU A 103 10.75 32.73 19.19
CA LEU A 103 9.82 33.83 18.96
C LEU A 103 8.82 33.55 17.85
N ALA A 104 9.11 32.55 16.98
CA ALA A 104 8.20 32.16 15.91
C ALA A 104 6.84 31.71 16.46
N ILE A 105 6.82 31.21 17.74
CA ILE A 105 5.57 30.83 18.42
C ILE A 105 4.60 32.03 18.37
N GLY A 106 5.07 33.19 18.81
CA GLY A 106 4.27 34.41 18.88
C GLY A 106 4.07 35.08 17.54
N SER A 107 5.12 35.10 16.71
CA SER A 107 5.02 35.68 15.37
C SER A 107 3.91 34.99 14.54
N ILE A 108 3.95 33.65 14.44
CA ILE A 108 2.95 32.86 13.68
C ILE A 108 1.58 32.89 14.37
N SER A 109 1.53 32.78 15.72
CA SER A 109 0.23 32.81 16.45
C SER A 109 -0.47 34.13 16.22
N GLY A 110 0.28 35.22 16.31
CA GLY A 110 -0.22 36.58 16.09
C GLY A 110 -0.79 36.75 14.71
N HIS A 111 -0.05 36.26 13.72
CA HIS A 111 -0.41 36.30 12.30
C HIS A 111 -1.68 35.45 12.02
N ALA A 112 -1.81 34.26 12.66
CA ALA A 112 -3.00 33.39 12.53
C ALA A 112 -4.27 33.97 13.17
N ARG A 113 -4.12 34.93 14.11
CA ARG A 113 -5.26 35.61 14.74
C ARG A 113 -6.00 36.49 13.71
N VAL A 114 -5.26 37.08 12.77
CA VAL A 114 -5.84 37.91 11.71
C VAL A 114 -6.06 37.07 10.44
N HIS A 115 -5.08 36.18 10.11
CA HIS A 115 -5.17 35.33 8.92
C HIS A 115 -5.04 33.84 9.29
N PRO A 116 -6.16 33.19 9.73
CA PRO A 116 -6.07 31.80 10.14
C PRO A 116 -5.82 30.78 9.02
N ASP A 117 -5.97 31.19 7.74
CA ASP A 117 -5.71 30.33 6.59
C ASP A 117 -4.23 30.44 6.10
N LEU A 118 -3.33 30.99 6.95
CA LEU A 118 -1.90 31.14 6.56
C LEU A 118 -1.19 29.79 6.30
N GLY A 119 -0.17 29.85 5.45
CA GLY A 119 0.68 28.73 5.08
C GLY A 119 2.11 29.09 5.40
N VAL A 120 2.83 28.20 6.10
CA VAL A 120 4.16 28.49 6.60
C VAL A 120 5.30 27.86 5.78
N ILE A 121 6.25 28.70 5.33
CA ILE A 121 7.51 28.26 4.72
C ILE A 121 8.56 28.47 5.82
N TRP A 122 9.25 27.38 6.21
CA TRP A 122 10.23 27.39 7.28
C TRP A 122 11.59 27.09 6.68
N VAL A 123 12.41 28.14 6.49
CA VAL A 123 13.76 27.97 5.91
C VAL A 123 14.77 27.84 7.03
N ASP A 124 15.39 26.65 7.14
CA ASP A 124 16.23 26.32 8.28
C ASP A 124 17.05 25.08 8.05
N ALA A 125 18.18 24.94 8.77
CA ALA A 125 18.96 23.69 8.80
C ALA A 125 18.20 22.72 9.72
N HIS A 126 17.35 23.27 10.62
CA HIS A 126 16.64 22.49 11.65
C HIS A 126 15.12 22.51 11.51
N THR A 127 14.46 21.51 12.09
CA THR A 127 13.00 21.41 12.07
C THR A 127 12.37 22.21 13.22
N ASP A 128 13.12 22.44 14.34
CA ASP A 128 12.62 23.18 15.54
C ASP A 128 11.26 22.67 16.00
N ILE A 129 11.05 21.36 15.85
CA ILE A 129 9.77 20.72 16.13
C ILE A 129 9.84 19.79 17.36
N ASN A 130 10.91 19.92 18.17
CA ASN A 130 11.02 19.16 19.41
C ASN A 130 9.93 19.60 20.39
N THR A 131 9.43 18.69 21.22
CA THR A 131 8.44 19.08 22.22
C THR A 131 9.20 19.25 23.54
N PRO A 132 8.63 19.91 24.59
CA PRO A 132 9.34 19.98 25.88
C PRO A 132 9.82 18.62 26.43
N LEU A 133 9.22 17.50 25.97
CA LEU A 133 9.58 16.16 26.41
C LEU A 133 10.60 15.45 25.46
N THR A 134 10.53 15.70 24.13
CA THR A 134 11.48 15.06 23.20
C THR A 134 12.85 15.76 23.19
N THR A 135 12.89 17.06 23.55
CA THR A 135 14.15 17.83 23.56
C THR A 135 15.22 17.21 24.47
N THR A 136 16.48 17.25 24.03
CA THR A 136 17.60 16.77 24.83
C THR A 136 18.47 17.96 25.31
N SER A 137 18.36 19.11 24.62
CA SER A 137 19.10 20.32 24.96
C SER A 137 18.31 21.21 25.93
N GLY A 138 16.99 21.21 25.79
CA GLY A 138 16.09 22.03 26.61
C GLY A 138 16.02 23.48 26.16
N ASN A 139 16.58 23.80 24.98
CA ASN A 139 16.58 25.15 24.41
C ASN A 139 15.34 25.32 23.56
N LEU A 140 14.45 26.25 23.96
CA LEU A 140 13.15 26.44 23.34
C LEU A 140 13.17 26.90 21.86
N HIS A 141 14.30 27.44 21.34
CA HIS A 141 14.38 27.83 19.92
C HIS A 141 14.33 26.61 18.98
N GLY A 142 14.53 25.42 19.55
CA GLY A 142 14.45 24.15 18.82
C GLY A 142 13.11 23.46 19.03
N GLN A 143 12.12 24.20 19.58
CA GLN A 143 10.80 23.66 19.89
C GLN A 143 9.57 24.50 19.36
N PRO A 144 9.69 25.64 18.62
CA PRO A 144 8.49 26.44 18.32
C PRO A 144 7.39 25.75 17.51
N VAL A 145 7.75 24.88 16.56
CA VAL A 145 6.76 24.24 15.68
C VAL A 145 5.84 23.28 16.48
N SER A 146 6.37 22.61 17.52
CA SER A 146 5.57 21.70 18.33
C SER A 146 4.40 22.41 19.03
N PHE A 147 4.64 23.65 19.52
CA PHE A 147 3.64 24.46 20.21
C PHE A 147 2.56 24.97 19.26
N LEU A 148 2.92 25.14 17.97
CA LEU A 148 2.06 25.69 16.93
C LEU A 148 1.15 24.66 16.25
N LEU A 149 1.61 23.40 16.12
CA LEU A 149 0.91 22.31 15.42
C LEU A 149 -0.33 21.78 16.12
N LYS A 150 -1.47 21.75 15.40
CA LYS A 150 -2.73 21.25 15.96
C LYS A 150 -2.66 19.77 16.30
N GLU A 151 -1.97 18.99 15.46
CA GLU A 151 -1.80 17.52 15.60
C GLU A 151 -0.98 17.14 16.84
N LEU A 152 -0.22 18.09 17.39
CA LEU A 152 0.58 17.82 18.58
C LEU A 152 -0.10 18.23 19.86
N LYS A 153 -1.37 18.74 19.78
CA LYS A 153 -2.15 19.09 20.96
C LYS A 153 -2.44 17.78 21.72
N GLY A 154 -2.08 17.76 23.00
CA GLY A 154 -2.17 16.56 23.82
C GLY A 154 -0.80 15.94 24.02
N LYS A 155 0.17 16.30 23.16
CA LYS A 155 1.56 15.83 23.23
C LYS A 155 2.47 16.90 23.87
N ILE A 156 1.91 18.09 24.14
CA ILE A 156 2.64 19.19 24.78
C ILE A 156 2.10 19.35 26.22
N PRO A 157 2.96 19.24 27.25
CA PRO A 157 2.46 19.39 28.63
C PRO A 157 2.17 20.85 29.00
N ASP A 158 1.61 21.10 30.20
CA ASP A 158 1.36 22.45 30.69
C ASP A 158 2.71 23.04 31.11
N VAL A 159 3.33 23.84 30.23
CA VAL A 159 4.62 24.48 30.49
C VAL A 159 4.35 25.92 30.98
N PRO A 160 4.97 26.35 32.12
CA PRO A 160 4.76 27.73 32.59
C PRO A 160 5.13 28.77 31.54
N GLY A 161 4.22 29.71 31.31
CA GLY A 161 4.38 30.78 30.34
C GLY A 161 3.74 30.54 29.00
N PHE A 162 3.20 29.33 28.76
CA PHE A 162 2.64 28.98 27.45
C PHE A 162 1.14 28.71 27.42
N SER A 163 0.43 28.84 28.55
CA SER A 163 -1.02 28.59 28.59
C SER A 163 -1.85 29.47 27.62
N TRP A 164 -1.33 30.64 27.23
CA TRP A 164 -1.98 31.56 26.26
C TRP A 164 -1.99 30.95 24.83
N VAL A 165 -1.05 30.03 24.54
CA VAL A 165 -0.91 29.42 23.20
C VAL A 165 -2.05 28.46 22.90
N THR A 166 -2.58 28.58 21.69
CA THR A 166 -3.55 27.65 21.13
C THR A 166 -2.94 27.23 19.78
N PRO A 167 -2.71 25.91 19.52
CA PRO A 167 -2.12 25.51 18.24
C PRO A 167 -2.93 26.07 17.06
N CYS A 168 -2.25 26.74 16.13
CA CYS A 168 -2.95 27.46 15.07
C CYS A 168 -2.71 26.92 13.65
N ILE A 169 -1.74 26.02 13.47
CA ILE A 169 -1.47 25.47 12.13
C ILE A 169 -1.55 23.93 12.11
N SER A 170 -2.00 23.38 10.99
CA SER A 170 -2.08 21.93 10.83
C SER A 170 -0.79 21.44 10.16
N ALA A 171 -0.44 20.16 10.38
CA ALA A 171 0.74 19.51 9.81
C ALA A 171 0.88 19.72 8.28
N LYS A 172 -0.26 19.86 7.56
CA LYS A 172 -0.34 20.05 6.11
C LYS A 172 -0.14 21.50 5.66
N ASP A 173 -0.08 22.48 6.59
CA ASP A 173 0.07 23.90 6.23
C ASP A 173 1.51 24.45 6.39
N ILE A 174 2.52 23.56 6.43
CA ILE A 174 3.91 23.99 6.59
C ILE A 174 4.84 23.24 5.65
N VAL A 175 5.81 23.97 5.06
CA VAL A 175 6.86 23.41 4.20
C VAL A 175 8.24 23.83 4.75
N TYR A 176 9.08 22.84 5.00
CA TYR A 176 10.46 23.07 5.40
C TYR A 176 11.36 23.11 4.15
N ILE A 177 12.41 23.97 4.19
CA ILE A 177 13.42 24.04 3.15
C ILE A 177 14.77 24.23 3.84
N GLY A 178 15.74 23.36 3.51
CA GLY A 178 17.12 23.46 3.97
C GLY A 178 17.60 22.45 4.99
N LEU A 179 16.69 21.59 5.52
CA LEU A 179 17.01 20.63 6.60
C LEU A 179 18.24 19.77 6.34
N ARG A 180 19.12 19.67 7.35
CA ARG A 180 20.34 18.87 7.31
C ARG A 180 20.81 18.40 8.70
N ASP A 181 20.13 18.87 9.80
CA ASP A 181 20.40 18.47 11.19
C ASP A 181 19.12 18.32 12.01
N VAL A 182 18.50 17.15 11.89
CA VAL A 182 17.21 16.78 12.48
C VAL A 182 17.39 15.70 13.56
N ASP A 183 16.79 15.91 14.74
CA ASP A 183 16.85 14.95 15.85
C ASP A 183 15.96 13.73 15.57
N PRO A 184 16.23 12.55 16.21
CA PRO A 184 15.41 11.36 15.94
C PRO A 184 13.91 11.58 16.20
N GLY A 185 13.58 12.12 17.38
CA GLY A 185 12.21 12.44 17.75
C GLY A 185 11.56 13.42 16.79
N GLU A 186 12.33 14.42 16.31
CA GLU A 186 11.84 15.38 15.31
C GLU A 186 11.58 14.65 13.99
N HIS A 187 12.54 13.78 13.58
CA HIS A 187 12.41 12.97 12.37
C HIS A 187 11.20 12.04 12.45
N TYR A 188 10.91 11.50 13.65
CA TYR A 188 9.75 10.65 13.89
C TYR A 188 8.45 11.45 13.66
N ILE A 189 8.34 12.66 14.28
CA ILE A 189 7.19 13.57 14.16
C ILE A 189 6.97 13.93 12.70
N LEU A 190 8.05 14.26 11.98
CA LEU A 190 8.06 14.62 10.55
C LEU A 190 7.40 13.50 9.73
N LYS A 191 7.75 12.23 10.03
CA LYS A 191 7.22 11.06 9.31
C LYS A 191 5.79 10.71 9.69
N THR A 192 5.51 10.60 11.01
CA THR A 192 4.18 10.21 11.54
C THR A 192 3.09 11.25 11.23
N LEU A 193 3.44 12.55 11.17
CA LEU A 193 2.46 13.61 10.87
C LEU A 193 2.42 13.94 9.37
N GLY A 194 3.26 13.26 8.58
CA GLY A 194 3.36 13.41 7.13
C GLY A 194 3.61 14.84 6.66
N ILE A 195 4.51 15.55 7.37
CA ILE A 195 4.86 16.95 7.06
C ILE A 195 5.67 17.03 5.76
N LYS A 196 5.31 17.97 4.87
CA LYS A 196 6.04 18.19 3.62
C LYS A 196 7.38 18.89 3.91
N TYR A 197 8.49 18.32 3.42
CA TYR A 197 9.81 18.93 3.66
C TYR A 197 10.75 18.72 2.49
N PHE A 198 11.63 19.67 2.29
CA PHE A 198 12.69 19.62 1.31
C PHE A 198 14.00 19.76 2.07
N SER A 199 14.59 18.62 2.44
CA SER A 199 15.88 18.66 3.12
C SER A 199 16.94 19.00 2.06
N MET A 200 18.19 19.29 2.48
CA MET A 200 19.28 19.55 1.51
C MET A 200 19.40 18.42 0.45
N THR A 201 18.99 17.18 0.81
CA THR A 201 18.99 16.00 -0.06
C THR A 201 18.02 16.22 -1.25
N GLU A 202 16.80 16.71 -0.96
CA GLU A 202 15.79 17.00 -1.99
C GLU A 202 16.24 18.17 -2.84
N VAL A 203 16.89 19.19 -2.22
CA VAL A 203 17.41 20.37 -2.94
C VAL A 203 18.51 19.92 -3.93
N ASP A 204 19.41 19.00 -3.50
CA ASP A 204 20.46 18.49 -4.38
C ASP A 204 19.86 17.73 -5.53
N ARG A 205 18.85 16.88 -5.24
CA ARG A 205 18.13 16.06 -6.21
C ARG A 205 17.38 16.86 -7.25
N LEU A 206 16.57 17.85 -6.80
CA LEU A 206 15.65 18.57 -7.69
C LEU A 206 16.12 19.92 -8.19
N GLY A 207 16.98 20.59 -7.43
CA GLY A 207 17.38 21.96 -7.74
C GLY A 207 16.38 22.92 -7.12
N ILE A 208 16.85 24.09 -6.67
CA ILE A 208 15.98 25.07 -5.98
C ILE A 208 14.75 25.56 -6.85
N GLY A 209 14.84 25.42 -8.18
CA GLY A 209 13.76 25.79 -9.08
C GLY A 209 12.54 24.91 -8.87
N LYS A 210 12.76 23.58 -8.85
CA LYS A 210 11.76 22.55 -8.61
C LYS A 210 11.25 22.60 -7.18
N VAL A 211 12.16 22.82 -6.19
CA VAL A 211 11.79 22.92 -4.77
C VAL A 211 10.72 24.02 -4.62
N MET A 212 10.98 25.19 -5.19
CA MET A 212 10.08 26.33 -5.12
C MET A 212 8.79 26.13 -5.89
N GLU A 213 8.85 25.43 -7.04
CA GLU A 213 7.65 25.11 -7.80
C GLU A 213 6.70 24.29 -6.94
N GLU A 214 7.23 23.19 -6.34
CA GLU A 214 6.46 22.25 -5.52
C GLU A 214 5.95 22.85 -4.22
N THR A 215 6.79 23.66 -3.53
CA THR A 215 6.43 24.35 -2.29
C THR A 215 5.18 25.22 -2.51
N LEU A 216 5.23 26.11 -3.54
CA LEU A 216 4.13 27.02 -3.83
C LEU A 216 2.88 26.30 -4.34
N SER A 217 3.07 25.25 -5.14
CA SER A 217 1.97 24.40 -5.63
C SER A 217 1.31 23.69 -4.43
N TYR A 218 2.13 23.24 -3.45
CA TYR A 218 1.64 22.54 -2.25
C TYR A 218 0.80 23.47 -1.37
N LEU A 219 1.23 24.71 -1.19
CA LEU A 219 0.53 25.67 -0.34
C LEU A 219 -0.59 26.42 -1.03
N LEU A 220 -0.40 26.80 -2.30
CA LEU A 220 -1.36 27.64 -3.05
C LEU A 220 -2.24 26.91 -4.07
N GLY A 221 -2.00 25.61 -4.26
CA GLY A 221 -2.68 24.76 -5.24
C GLY A 221 -4.18 24.94 -5.37
N ARG A 222 -4.90 24.78 -4.24
CA ARG A 222 -6.36 24.90 -4.14
C ARG A 222 -6.87 26.31 -4.46
N LYS A 223 -6.18 27.34 -3.92
CA LYS A 223 -6.53 28.76 -4.04
C LYS A 223 -5.47 29.59 -3.33
N LYS A 224 -5.41 30.88 -3.63
CA LYS A 224 -4.47 31.79 -2.98
C LYS A 224 -4.79 31.91 -1.50
N ARG A 225 -3.76 31.96 -0.66
CA ARG A 225 -3.87 32.09 0.80
C ARG A 225 -2.62 32.81 1.34
N PRO A 226 -2.67 33.49 2.51
CA PRO A 226 -1.49 34.23 3.00
C PRO A 226 -0.27 33.35 3.28
N ILE A 227 0.94 33.88 3.04
CA ILE A 227 2.18 33.12 3.30
C ILE A 227 3.00 33.75 4.42
N HIS A 228 3.46 32.91 5.39
CA HIS A 228 4.37 33.30 6.47
C HIS A 228 5.74 32.66 6.22
N LEU A 229 6.76 33.46 5.97
CA LEU A 229 8.10 32.88 5.82
C LEU A 229 8.91 33.02 7.13
N SER A 230 9.30 31.90 7.76
CA SER A 230 10.13 31.98 8.97
C SER A 230 11.55 31.62 8.55
N PHE A 231 12.40 32.63 8.48
CA PHE A 231 13.75 32.48 7.95
C PHE A 231 14.83 32.51 9.02
N ASP A 232 15.41 31.36 9.27
CA ASP A 232 16.53 31.20 10.19
C ASP A 232 17.77 31.29 9.33
N VAL A 233 18.69 32.22 9.67
CA VAL A 233 19.91 32.43 8.86
C VAL A 233 20.82 31.20 8.79
N ASP A 234 20.71 30.26 9.75
CA ASP A 234 21.51 29.04 9.70
C ASP A 234 21.01 28.07 8.61
N GLY A 235 19.88 28.40 7.96
CA GLY A 235 19.36 27.62 6.83
C GLY A 235 20.35 27.71 5.66
N LEU A 236 21.02 28.86 5.54
CA LEU A 236 22.07 29.14 4.57
C LEU A 236 23.41 28.58 5.11
N ASP A 237 24.33 28.26 4.21
CA ASP A 237 25.64 27.74 4.56
C ASP A 237 26.42 28.72 5.45
N PRO A 238 27.17 28.23 6.48
CA PRO A 238 27.98 29.13 7.32
C PRO A 238 29.08 29.88 6.55
N SER A 239 29.26 29.59 5.25
CA SER A 239 30.18 30.33 4.38
C SER A 239 29.58 31.71 4.08
N PHE A 240 28.21 31.83 4.20
CA PHE A 240 27.48 33.09 3.96
C PHE A 240 26.92 33.71 5.23
N THR A 241 26.47 32.88 6.19
CA THR A 241 25.94 33.39 7.47
C THR A 241 26.67 32.75 8.68
N PRO A 242 27.99 33.00 8.88
CA PRO A 242 28.71 32.35 10.01
C PRO A 242 28.31 32.80 11.44
N ALA A 243 27.93 34.08 11.61
CA ALA A 243 27.58 34.67 12.91
C ALA A 243 26.17 34.26 13.31
N THR A 244 26.02 32.98 13.74
CA THR A 244 24.79 32.33 14.16
C THR A 244 25.18 31.23 15.16
N GLY A 245 24.28 30.90 16.07
CA GLY A 245 24.51 29.94 17.15
C GLY A 245 24.58 28.47 16.83
N THR A 246 23.77 27.99 15.87
CA THR A 246 23.78 26.57 15.51
C THR A 246 24.15 26.36 14.02
N PRO A 247 25.39 26.76 13.58
CA PRO A 247 25.74 26.58 12.16
C PRO A 247 25.91 25.11 11.76
N VAL A 248 25.51 24.77 10.54
CA VAL A 248 25.63 23.40 10.01
C VAL A 248 26.14 23.47 8.56
N VAL A 249 27.30 22.82 8.30
CA VAL A 249 27.92 22.81 6.96
C VAL A 249 26.99 22.22 5.88
N GLY A 250 27.24 22.57 4.61
CA GLY A 250 26.48 22.11 3.47
C GLY A 250 25.09 22.70 3.35
N GLY A 251 24.98 23.99 3.66
CA GLY A 251 23.70 24.65 3.62
C GLY A 251 23.33 25.22 2.26
N LEU A 252 22.18 25.88 2.20
CA LEU A 252 21.70 26.56 1.00
C LEU A 252 22.68 27.67 0.65
N THR A 253 22.85 27.94 -0.65
CA THR A 253 23.75 29.00 -1.08
C THR A 253 23.10 30.38 -0.94
N TYR A 254 23.91 31.42 -1.09
CA TYR A 254 23.48 32.82 -1.12
C TYR A 254 22.46 32.98 -2.25
N ARG A 255 22.74 32.35 -3.42
CA ARG A 255 21.87 32.33 -4.59
C ARG A 255 20.55 31.64 -4.32
N GLU A 256 20.57 30.39 -3.80
CA GLU A 256 19.33 29.65 -3.49
C GLU A 256 18.43 30.41 -2.54
N GLY A 257 19.04 31.08 -1.54
CA GLY A 257 18.30 31.88 -0.56
C GLY A 257 17.58 33.04 -1.20
N LEU A 258 18.25 33.75 -2.12
CA LEU A 258 17.64 34.86 -2.85
C LEU A 258 16.54 34.31 -3.75
N TYR A 259 16.79 33.13 -4.39
CA TYR A 259 15.83 32.49 -5.27
C TYR A 259 14.49 32.22 -4.57
N ILE A 260 14.55 31.57 -3.39
CA ILE A 260 13.38 31.28 -2.56
C ILE A 260 12.58 32.57 -2.28
N THR A 261 13.28 33.63 -1.82
CA THR A 261 12.63 34.86 -1.41
C THR A 261 12.08 35.66 -2.60
N GLU A 262 12.80 35.68 -3.75
CA GLU A 262 12.36 36.34 -4.99
C GLU A 262 11.08 35.66 -5.51
N GLU A 263 11.02 34.31 -5.42
CA GLU A 263 9.85 33.52 -5.82
C GLU A 263 8.63 33.82 -4.92
N ILE A 264 8.81 33.83 -3.56
CA ILE A 264 7.72 34.15 -2.61
C ILE A 264 7.21 35.57 -2.84
N TYR A 265 8.11 36.51 -3.18
CA TYR A 265 7.70 37.88 -3.47
C TYR A 265 6.75 37.91 -4.65
N LYS A 266 7.12 37.21 -5.76
CA LYS A 266 6.37 37.21 -7.01
C LYS A 266 4.90 36.76 -6.90
N THR A 267 4.57 35.88 -5.91
CA THR A 267 3.17 35.45 -5.68
C THR A 267 2.31 36.65 -5.19
N GLY A 268 2.97 37.61 -4.54
CA GLY A 268 2.34 38.79 -3.96
C GLY A 268 1.59 38.42 -2.70
N LEU A 269 1.85 37.21 -2.18
CA LEU A 269 1.11 36.67 -1.05
C LEU A 269 1.87 36.65 0.27
N LEU A 270 3.12 37.23 0.32
CA LEU A 270 3.85 37.32 1.59
C LEU A 270 3.05 38.22 2.54
N SER A 271 2.80 37.70 3.75
CA SER A 271 1.95 38.31 4.76
C SER A 271 2.67 38.43 6.12
N GLY A 272 3.62 37.54 6.36
CA GLY A 272 4.41 37.51 7.58
C GLY A 272 5.82 37.04 7.32
N LEU A 273 6.80 37.67 7.99
CA LEU A 273 8.21 37.35 7.81
C LEU A 273 9.01 37.40 9.11
N ASP A 274 9.87 36.39 9.33
CA ASP A 274 10.80 36.30 10.46
C ASP A 274 12.23 36.22 9.96
N ILE A 275 13.12 37.12 10.44
CA ILE A 275 14.56 37.10 10.13
C ILE A 275 15.23 36.78 11.43
N MET A 276 15.57 35.50 11.63
CA MET A 276 16.03 35.02 12.92
C MET A 276 17.43 34.45 12.96
N GLU A 277 17.96 34.39 14.20
CA GLU A 277 19.21 33.77 14.62
C GLU A 277 20.47 34.50 14.16
N VAL A 278 20.37 35.79 13.78
CA VAL A 278 21.58 36.57 13.47
C VAL A 278 22.25 36.90 14.82
N ASN A 279 23.45 36.34 15.09
CA ASN A 279 24.17 36.64 16.34
C ASN A 279 25.49 37.35 16.06
N PRO A 280 25.50 38.69 16.18
CA PRO A 280 26.72 39.46 15.85
C PRO A 280 27.89 39.32 16.85
N SER A 281 27.72 38.55 17.94
CA SER A 281 28.83 38.31 18.87
C SER A 281 29.53 36.99 18.51
N LEU A 282 28.96 36.25 17.53
CA LEU A 282 29.45 34.94 17.13
C LEU A 282 30.29 34.92 15.86
N GLY A 283 30.72 36.11 15.42
CA GLY A 283 31.62 36.20 14.29
C GLY A 283 33.07 36.05 14.74
N LYS A 284 33.87 35.21 14.03
CA LYS A 284 35.29 35.02 14.35
C LYS A 284 36.09 36.28 14.01
N THR A 285 35.65 37.02 12.99
CA THR A 285 36.26 38.26 12.53
C THR A 285 35.16 39.32 12.39
N PRO A 286 35.46 40.64 12.47
CA PRO A 286 34.40 41.65 12.23
C PRO A 286 33.73 41.49 10.85
N GLU A 287 34.48 40.99 9.83
CA GLU A 287 33.95 40.74 8.48
C GLU A 287 32.92 39.56 8.46
N GLU A 288 33.08 38.56 9.36
CA GLU A 288 32.14 37.42 9.46
C GLU A 288 30.77 37.94 9.94
N VAL A 289 30.77 38.96 10.81
CA VAL A 289 29.56 39.61 11.27
C VAL A 289 28.95 40.41 10.12
N THR A 290 29.74 41.29 9.46
CA THR A 290 29.19 42.09 8.35
C THR A 290 28.67 41.18 7.22
N ARG A 291 29.35 40.05 6.95
CA ARG A 291 28.93 39.10 5.92
C ARG A 291 27.58 38.50 6.23
N THR A 292 27.32 38.17 7.53
CA THR A 292 26.07 37.56 7.96
C THR A 292 24.92 38.58 7.83
N VAL A 293 25.15 39.78 8.36
CA VAL A 293 24.18 40.88 8.34
C VAL A 293 23.86 41.32 6.90
N ASN A 294 24.88 41.41 6.04
CA ASN A 294 24.70 41.75 4.63
C ASN A 294 23.82 40.75 3.92
N THR A 295 24.01 39.44 4.20
CA THR A 295 23.21 38.38 3.61
C THR A 295 21.76 38.46 4.10
N ALA A 296 21.57 38.63 5.44
CA ALA A 296 20.23 38.71 6.05
C ALA A 296 19.43 39.90 5.51
N VAL A 297 20.14 41.03 5.23
CA VAL A 297 19.54 42.25 4.66
C VAL A 297 19.15 41.98 3.20
N ALA A 298 20.06 41.35 2.43
CA ALA A 298 19.81 40.96 1.04
C ALA A 298 18.61 40.01 0.94
N ILE A 299 18.48 39.07 1.90
CA ILE A 299 17.36 38.13 1.93
C ILE A 299 16.03 38.89 2.13
N THR A 300 16.01 39.85 3.08
CA THR A 300 14.84 40.68 3.44
C THR A 300 14.41 41.55 2.28
N LEU A 301 15.39 42.14 1.56
CA LEU A 301 15.13 43.02 0.41
C LEU A 301 14.44 42.30 -0.76
N ALA A 302 14.81 41.03 -1.01
CA ALA A 302 14.21 40.19 -2.05
C ALA A 302 12.78 39.79 -1.69
N CYS A 303 12.47 39.64 -0.38
CA CYS A 303 11.09 39.34 0.10
C CYS A 303 10.15 40.49 -0.28
N PHE A 304 10.73 41.69 -0.48
CA PHE A 304 9.95 42.90 -0.76
C PHE A 304 10.26 43.53 -2.12
N GLY A 305 10.65 42.70 -3.08
CA GLY A 305 10.76 43.17 -4.46
C GLY A 305 12.11 43.28 -5.12
N LEU A 306 13.21 43.40 -4.36
CA LEU A 306 14.53 43.55 -4.98
C LEU A 306 14.89 42.31 -5.81
N ALA A 307 14.96 42.49 -7.15
CA ALA A 307 15.21 41.38 -8.09
C ALA A 307 16.59 41.47 -8.74
N ARG A 308 17.25 40.31 -8.91
CA ARG A 308 18.60 40.28 -9.49
C ARG A 308 18.63 40.68 -10.96
N GLU A 309 17.52 40.44 -11.70
CA GLU A 309 17.35 40.87 -13.11
C GLU A 309 17.25 42.41 -13.19
N GLY A 310 16.92 43.04 -12.06
CA GLY A 310 16.77 44.47 -11.94
C GLY A 310 15.40 44.90 -11.47
N ASN A 311 15.23 46.22 -11.22
CA ASN A 311 13.99 46.86 -10.80
C ASN A 311 13.92 48.26 -11.42
N HIS A 312 12.72 48.74 -11.77
CA HIS A 312 12.55 50.10 -12.31
C HIS A 312 11.16 50.70 -12.00
N LYS A 313 11.09 52.04 -11.93
CA LYS A 313 9.83 52.76 -11.67
C LYS A 313 8.92 52.73 -12.94
N PRO A 314 7.56 52.87 -12.80
CA PRO A 314 6.71 52.81 -14.00
C PRO A 314 6.74 54.10 -14.84
N ILE A 315 7.95 54.53 -15.23
CA ILE A 315 8.19 55.73 -16.03
C ILE A 315 8.97 55.39 -17.31
N ASP A 316 9.19 56.38 -18.19
CA ASP A 316 9.96 56.20 -19.42
C ASP A 316 11.39 56.70 -19.18
N TYR A 317 12.35 55.76 -19.04
CA TYR A 317 13.75 56.08 -18.78
C TYR A 317 14.49 56.62 -20.01
N LEU A 318 13.96 56.36 -21.24
CA LEU A 318 14.55 56.85 -22.50
C LEU A 318 14.10 58.31 -22.83
N ASN A 319 13.68 59.09 -21.80
CA ASN A 319 13.27 60.49 -21.93
C ASN A 319 13.41 61.22 -20.59
N ALA B 3 21.70 -4.68 10.49
CA ALA B 3 21.39 -4.63 9.07
C ALA B 3 22.63 -4.83 8.19
N LYS B 4 22.48 -5.56 7.07
CA LYS B 4 23.56 -5.83 6.09
C LYS B 4 24.28 -4.55 5.65
N SER B 5 23.51 -3.48 5.35
CA SER B 5 24.05 -2.20 4.89
C SER B 5 24.80 -1.41 6.00
N ARG B 6 24.71 -1.91 7.26
CA ARG B 6 25.35 -1.28 8.42
C ARG B 6 26.28 -2.26 9.19
N THR B 7 26.65 -3.38 8.55
CA THR B 7 27.63 -4.34 9.10
C THR B 7 28.95 -4.07 8.38
N ILE B 8 30.02 -3.67 9.14
CA ILE B 8 31.29 -3.16 8.58
C ILE B 8 32.54 -3.84 9.12
N GLY B 9 33.50 -4.04 8.22
CA GLY B 9 34.84 -4.52 8.52
C GLY B 9 35.86 -3.50 8.04
N ILE B 10 36.45 -2.76 8.98
CA ILE B 10 37.38 -1.68 8.69
C ILE B 10 38.77 -2.21 8.49
N ILE B 11 39.35 -1.93 7.33
CA ILE B 11 40.73 -2.31 7.05
C ILE B 11 41.55 -1.04 6.87
N GLY B 12 42.64 -0.95 7.66
CA GLY B 12 43.58 0.15 7.56
C GLY B 12 44.68 -0.22 6.59
N ALA B 13 44.85 0.59 5.53
CA ALA B 13 45.87 0.32 4.50
C ALA B 13 46.86 1.49 4.45
N PRO B 14 47.80 1.56 5.42
CA PRO B 14 48.73 2.71 5.45
C PRO B 14 49.84 2.59 4.41
N PHE B 15 49.51 2.92 3.14
CA PHE B 15 50.44 2.75 2.03
C PHE B 15 50.60 4.01 1.20
N SER B 16 51.85 4.38 0.88
CA SER B 16 52.14 5.63 0.16
C SER B 16 52.91 5.49 -1.15
N LYS B 17 53.61 4.34 -1.34
CA LYS B 17 54.53 4.16 -2.47
C LYS B 17 53.86 4.07 -3.88
N GLY B 18 52.54 4.23 -3.95
CA GLY B 18 51.83 4.32 -5.22
C GLY B 18 51.91 5.72 -5.80
N GLN B 19 52.43 6.67 -5.02
CA GLN B 19 52.58 8.09 -5.38
C GLN B 19 53.84 8.72 -4.70
N PRO B 20 54.31 9.93 -5.10
CA PRO B 20 55.57 10.44 -4.54
C PRO B 20 55.51 11.21 -3.21
N ARG B 21 54.31 11.64 -2.79
CA ARG B 21 54.19 12.51 -1.63
C ARG B 21 53.99 11.76 -0.31
N GLY B 22 54.96 11.88 0.59
CA GLY B 22 54.90 11.25 1.91
C GLY B 22 53.75 11.79 2.74
N GLY B 23 53.19 10.94 3.61
CA GLY B 23 52.10 11.35 4.48
C GLY B 23 50.76 10.66 4.28
N VAL B 24 50.48 10.15 3.07
CA VAL B 24 49.19 9.52 2.78
C VAL B 24 48.99 8.23 3.59
N GLU B 25 50.09 7.62 4.06
CA GLU B 25 50.06 6.41 4.89
C GLU B 25 49.48 6.71 6.31
N GLU B 26 49.41 8.01 6.68
CA GLU B 26 48.85 8.47 7.96
C GLU B 26 47.32 8.61 7.93
N GLY B 27 46.71 8.49 6.75
CA GLY B 27 45.26 8.53 6.56
C GLY B 27 44.48 7.60 7.48
N PRO B 28 44.83 6.28 7.60
CA PRO B 28 44.09 5.41 8.53
C PRO B 28 44.15 5.88 9.98
N THR B 29 45.30 6.44 10.41
CA THR B 29 45.51 6.96 11.76
C THR B 29 44.62 8.19 12.02
N VAL B 30 44.66 9.16 11.10
CA VAL B 30 43.94 10.43 11.25
C VAL B 30 42.42 10.24 11.20
N LEU B 31 41.95 9.32 10.32
CA LEU B 31 40.53 8.98 10.19
C LEU B 31 39.98 8.32 11.44
N ARG B 32 40.80 7.44 12.07
CA ARG B 32 40.42 6.76 13.32
C ARG B 32 40.40 7.76 14.47
N LYS B 33 41.45 8.59 14.60
CA LYS B 33 41.58 9.60 15.67
C LYS B 33 40.41 10.60 15.65
N ALA B 34 39.85 10.88 14.45
CA ALA B 34 38.69 11.77 14.32
C ALA B 34 37.36 11.11 14.81
N GLY B 35 37.45 9.90 15.35
CA GLY B 35 36.33 9.17 15.94
C GLY B 35 35.40 8.43 14.99
N LEU B 36 35.90 8.05 13.80
CA LEU B 36 35.11 7.33 12.79
C LEU B 36 34.39 6.07 13.33
N LEU B 37 35.13 5.18 14.02
CA LEU B 37 34.57 3.93 14.59
C LEU B 37 33.44 4.24 15.54
N GLU B 38 33.68 5.17 16.50
CA GLU B 38 32.71 5.59 17.51
C GLU B 38 31.47 6.21 16.85
N LYS B 39 31.68 7.04 15.80
CA LYS B 39 30.60 7.67 15.04
C LYS B 39 29.73 6.65 14.30
N LEU B 40 30.36 5.62 13.70
CA LEU B 40 29.63 4.56 12.99
C LEU B 40 28.74 3.73 13.94
N LYS B 41 29.25 3.44 15.16
CA LYS B 41 28.50 2.73 16.21
C LYS B 41 27.30 3.55 16.75
N GLU B 42 27.41 4.91 16.72
CA GLU B 42 26.31 5.78 17.17
C GLU B 42 25.17 5.84 16.12
N GLN B 43 25.47 5.33 14.93
CA GLN B 43 24.61 5.25 13.76
C GLN B 43 24.03 3.82 13.58
N GLU B 44 24.01 3.04 14.69
CA GLU B 44 23.47 1.68 14.75
C GLU B 44 24.21 0.66 13.85
N CYS B 45 25.55 0.85 13.67
CA CYS B 45 26.40 -0.04 12.88
C CYS B 45 27.07 -1.12 13.74
N ASP B 46 27.22 -2.32 13.17
CA ASP B 46 27.98 -3.44 13.75
C ASP B 46 29.37 -3.34 13.11
N VAL B 47 30.34 -2.75 13.85
CA VAL B 47 31.68 -2.45 13.35
C VAL B 47 32.76 -3.35 13.95
N LYS B 48 33.55 -4.01 13.08
CA LYS B 48 34.69 -4.82 13.46
C LYS B 48 35.92 -4.17 12.82
N ASP B 49 36.93 -3.82 13.64
CA ASP B 49 38.15 -3.16 13.19
C ASP B 49 39.24 -4.22 13.01
N TYR B 50 39.58 -4.53 11.73
CA TYR B 50 40.59 -5.54 11.37
C TYR B 50 42.05 -5.04 11.50
N GLY B 51 42.22 -3.83 12.07
CA GLY B 51 43.52 -3.21 12.31
C GLY B 51 44.19 -2.74 11.04
N ASP B 52 45.43 -2.20 11.17
CA ASP B 52 46.18 -1.70 10.03
C ASP B 52 47.11 -2.78 9.44
N LEU B 53 47.02 -3.00 8.11
CA LEU B 53 47.87 -3.99 7.45
C LEU B 53 49.32 -3.59 7.53
N PRO B 54 50.20 -4.54 7.96
CA PRO B 54 51.63 -4.24 7.95
C PRO B 54 52.15 -4.42 6.52
N PHE B 55 52.70 -3.37 5.97
CA PHE B 55 53.26 -3.48 4.63
C PHE B 55 54.76 -3.47 4.83
N ALA B 56 55.31 -4.64 5.25
CA ALA B 56 56.74 -4.80 5.52
C ALA B 56 57.55 -4.26 4.38
N ASP B 57 58.63 -3.55 4.72
CA ASP B 57 59.49 -2.89 3.75
C ASP B 57 59.94 -3.79 2.62
N ILE B 58 59.87 -3.28 1.41
CA ILE B 58 60.39 -3.96 0.24
C ILE B 58 61.55 -3.13 -0.26
N PRO B 59 62.75 -3.28 0.37
CA PRO B 59 63.93 -2.58 -0.14
C PRO B 59 64.29 -3.24 -1.49
N ASN B 60 65.05 -2.56 -2.35
CA ASN B 60 65.38 -3.10 -3.69
C ASN B 60 64.07 -3.29 -4.48
N ASP B 61 63.52 -2.18 -4.92
CA ASP B 61 62.29 -2.15 -5.69
C ASP B 61 62.48 -1.12 -6.77
N SER B 62 63.38 -1.44 -7.72
CA SER B 62 63.75 -0.58 -8.83
C SER B 62 62.59 -0.39 -9.83
N PRO B 63 62.58 0.73 -10.59
CA PRO B 63 61.46 0.96 -11.52
C PRO B 63 61.32 -0.06 -12.66
N PHE B 64 60.07 -0.32 -13.08
CA PHE B 64 59.75 -1.09 -14.27
C PHE B 64 59.55 -0.01 -15.32
N GLN B 65 60.55 0.21 -16.21
CA GLN B 65 60.55 1.32 -17.18
C GLN B 65 60.49 2.64 -16.40
N ILE B 66 59.33 3.32 -16.39
CA ILE B 66 59.14 4.56 -15.64
C ILE B 66 58.21 4.33 -14.41
N VAL B 67 57.61 3.13 -14.32
CA VAL B 67 56.70 2.75 -13.24
C VAL B 67 57.50 2.58 -11.94
N LYS B 68 57.18 3.42 -10.94
CA LYS B 68 57.88 3.47 -9.65
C LYS B 68 57.30 2.51 -8.64
N ASN B 69 58.20 1.92 -7.81
CA ASN B 69 57.91 0.99 -6.72
C ASN B 69 56.92 -0.10 -7.12
N PRO B 70 57.12 -0.83 -8.25
CA PRO B 70 56.11 -1.80 -8.67
C PRO B 70 55.90 -2.97 -7.72
N ARG B 71 56.97 -3.48 -7.07
CA ARG B 71 56.85 -4.63 -6.15
C ARG B 71 56.12 -4.27 -4.87
N SER B 72 56.39 -3.08 -4.33
CA SER B 72 55.72 -2.60 -3.11
C SER B 72 54.23 -2.39 -3.37
N VAL B 73 53.89 -1.71 -4.47
CA VAL B 73 52.51 -1.45 -4.88
C VAL B 73 51.75 -2.77 -5.14
N GLY B 74 52.40 -3.69 -5.88
CA GLY B 74 51.84 -5.01 -6.18
C GLY B 74 51.57 -5.86 -4.95
N LYS B 75 52.56 -5.90 -4.02
CA LYS B 75 52.42 -6.70 -2.78
C LYS B 75 51.40 -6.09 -1.82
N ALA B 76 51.38 -4.73 -1.66
CA ALA B 76 50.40 -4.08 -0.78
C ALA B 76 48.97 -4.44 -1.22
N SER B 77 48.69 -4.29 -2.54
CA SER B 77 47.41 -4.62 -3.13
C SER B 77 47.11 -6.12 -3.02
N GLU B 78 48.14 -6.98 -3.22
CA GLU B 78 47.98 -8.43 -3.09
C GLU B 78 47.56 -8.81 -1.67
N GLN B 79 48.22 -8.23 -0.66
CA GLN B 79 47.89 -8.49 0.76
C GLN B 79 46.54 -7.89 1.15
N LEU B 80 46.21 -6.70 0.60
CA LEU B 80 44.90 -6.08 0.85
C LEU B 80 43.76 -6.91 0.23
N ALA B 81 43.97 -7.47 -0.98
CA ALA B 81 42.98 -8.32 -1.63
C ALA B 81 42.61 -9.49 -0.75
N GLY B 82 43.61 -10.12 -0.13
CA GLY B 82 43.42 -11.22 0.81
C GLY B 82 42.59 -10.82 2.02
N LYS B 83 42.90 -9.64 2.60
CA LYS B 83 42.16 -9.11 3.75
C LYS B 83 40.71 -8.77 3.41
N VAL B 84 40.47 -8.06 2.26
CA VAL B 84 39.11 -7.70 1.77
C VAL B 84 38.26 -8.97 1.53
N ALA B 85 38.87 -10.02 0.92
CA ALA B 85 38.21 -11.31 0.68
C ALA B 85 37.75 -11.93 2.02
N GLU B 86 38.65 -11.92 3.03
CA GLU B 86 38.38 -12.40 4.40
C GLU B 86 37.21 -11.64 5.06
N VAL B 87 37.17 -10.30 4.93
CA VAL B 87 36.09 -9.46 5.49
C VAL B 87 34.77 -9.77 4.75
N LYS B 88 34.81 -9.86 3.39
CA LYS B 88 33.63 -10.20 2.57
C LYS B 88 33.07 -11.58 2.93
N LYS B 89 33.97 -12.57 3.19
CA LYS B 89 33.57 -13.94 3.60
C LYS B 89 32.89 -13.94 4.98
N ASN B 90 33.26 -12.96 5.84
CA ASN B 90 32.70 -12.79 7.19
C ASN B 90 31.34 -12.06 7.15
N GLY B 91 30.84 -11.76 5.94
CA GLY B 91 29.57 -11.07 5.73
C GLY B 91 29.56 -9.64 6.21
N ARG B 92 30.60 -8.88 5.83
CA ARG B 92 30.72 -7.48 6.24
C ARG B 92 31.05 -6.59 5.06
N ILE B 93 30.61 -5.31 5.09
CA ILE B 93 30.98 -4.34 4.06
C ILE B 93 32.43 -3.96 4.37
N SER B 94 33.33 -4.16 3.39
CA SER B 94 34.74 -3.83 3.57
C SER B 94 34.94 -2.33 3.42
N LEU B 95 35.56 -1.71 4.44
CA LEU B 95 35.85 -0.29 4.49
C LEU B 95 37.35 -0.13 4.50
N VAL B 96 37.93 0.18 3.35
CA VAL B 96 39.36 0.35 3.20
C VAL B 96 39.75 1.80 3.44
N LEU B 97 40.53 2.04 4.50
CA LEU B 97 41.01 3.38 4.79
C LEU B 97 42.43 3.48 4.23
N GLY B 98 42.60 4.32 3.21
CA GLY B 98 43.90 4.58 2.60
C GLY B 98 44.63 5.75 3.23
N GLY B 99 45.84 6.04 2.80
CA GLY B 99 46.51 5.32 1.72
C GLY B 99 46.19 5.88 0.34
N ASP B 100 47.10 5.64 -0.60
CA ASP B 100 46.90 6.11 -1.97
C ASP B 100 45.98 5.14 -2.76
N HIS B 101 45.49 5.60 -3.91
CA HIS B 101 44.49 4.89 -4.73
C HIS B 101 45.00 3.66 -5.51
N SER B 102 46.32 3.36 -5.47
CA SER B 102 46.85 2.16 -6.09
C SER B 102 46.26 0.93 -5.37
N LEU B 103 45.88 1.12 -4.08
CA LEU B 103 45.27 0.10 -3.22
C LEU B 103 43.92 -0.44 -3.71
N ALA B 104 43.25 0.31 -4.64
CA ALA B 104 42.00 -0.13 -5.26
C ALA B 104 42.22 -1.41 -6.08
N ILE B 105 43.43 -1.62 -6.68
CA ILE B 105 43.75 -2.88 -7.38
C ILE B 105 43.41 -4.07 -6.43
N GLY B 106 44.02 -4.09 -5.25
CA GLY B 106 43.78 -5.13 -4.25
C GLY B 106 42.39 -5.11 -3.66
N SER B 107 41.88 -3.91 -3.31
CA SER B 107 40.53 -3.78 -2.74
C SER B 107 39.45 -4.36 -3.66
N ILE B 108 39.43 -3.95 -4.93
CA ILE B 108 38.44 -4.45 -5.91
C ILE B 108 38.69 -5.95 -6.28
N SER B 109 39.95 -6.36 -6.46
CA SER B 109 40.28 -7.78 -6.76
C SER B 109 39.81 -8.68 -5.63
N GLY B 110 40.08 -8.27 -4.40
CA GLY B 110 39.68 -9.00 -3.19
C GLY B 110 38.17 -9.07 -3.04
N HIS B 111 37.49 -7.97 -3.37
CA HIS B 111 36.03 -7.92 -3.31
C HIS B 111 35.40 -8.82 -4.40
N ALA B 112 35.90 -8.73 -5.66
CA ALA B 112 35.44 -9.54 -6.79
C ALA B 112 35.66 -11.05 -6.60
N ARG B 113 36.52 -11.44 -5.64
CA ARG B 113 36.78 -12.84 -5.34
C ARG B 113 35.56 -13.50 -4.72
N VAL B 114 34.83 -12.74 -3.88
CA VAL B 114 33.65 -13.21 -3.16
C VAL B 114 32.37 -12.87 -3.94
N HIS B 115 32.33 -11.68 -4.59
CA HIS B 115 31.18 -11.20 -5.39
C HIS B 115 31.64 -10.81 -6.82
N PRO B 116 31.79 -11.79 -7.76
CA PRO B 116 32.32 -11.46 -9.11
C PRO B 116 31.41 -10.57 -9.97
N ASP B 117 30.13 -10.48 -9.59
CA ASP B 117 29.09 -9.70 -10.28
C ASP B 117 29.07 -8.21 -9.85
N LEU B 118 30.01 -7.77 -9.01
CA LEU B 118 30.01 -6.40 -8.50
C LEU B 118 30.13 -5.30 -9.59
N GLY B 119 29.55 -4.15 -9.29
CA GLY B 119 29.63 -2.94 -10.09
C GLY B 119 30.47 -1.92 -9.35
N VAL B 120 31.22 -1.08 -10.09
CA VAL B 120 32.13 -0.11 -9.48
C VAL B 120 31.64 1.32 -9.74
N ILE B 121 31.55 2.14 -8.68
CA ILE B 121 31.30 3.58 -8.74
C ILE B 121 32.63 4.23 -8.29
N TRP B 122 33.25 5.02 -9.19
CA TRP B 122 34.56 5.60 -8.95
C TRP B 122 34.46 7.12 -8.89
N VAL B 123 34.51 7.69 -7.67
CA VAL B 123 34.39 9.15 -7.43
C VAL B 123 35.81 9.71 -7.37
N ASP B 124 36.15 10.58 -8.35
CA ASP B 124 37.52 11.04 -8.51
C ASP B 124 37.63 12.14 -9.53
N ALA B 125 38.67 12.97 -9.42
CA ALA B 125 38.90 14.00 -10.43
C ALA B 125 39.60 13.37 -11.62
N HIS B 126 40.25 12.24 -11.40
CA HIS B 126 41.04 11.52 -12.40
C HIS B 126 40.43 10.18 -12.74
N THR B 127 40.70 9.67 -13.95
CA THR B 127 40.22 8.35 -14.37
C THR B 127 41.05 7.22 -13.73
N ASP B 128 42.35 7.47 -13.45
CA ASP B 128 43.28 6.47 -12.87
C ASP B 128 43.35 5.23 -13.77
N ILE B 129 43.18 5.41 -15.09
CA ILE B 129 43.09 4.32 -16.05
C ILE B 129 44.34 4.22 -16.94
N ASN B 130 45.40 4.94 -16.59
CA ASN B 130 46.65 4.84 -17.34
C ASN B 130 47.18 3.42 -17.24
N THR B 131 47.73 2.91 -18.33
CA THR B 131 48.38 1.60 -18.29
C THR B 131 49.84 1.89 -17.93
N PRO B 132 50.67 0.88 -17.51
CA PRO B 132 52.10 1.17 -17.28
C PRO B 132 52.83 1.76 -18.52
N LEU B 133 52.19 1.69 -19.72
CA LEU B 133 52.74 2.18 -20.99
C LEU B 133 52.23 3.57 -21.41
N THR B 134 51.02 3.96 -20.97
CA THR B 134 50.50 5.29 -21.31
C THR B 134 50.88 6.32 -20.26
N THR B 135 51.21 5.87 -19.03
CA THR B 135 51.57 6.76 -17.91
C THR B 135 52.82 7.61 -18.22
N THR B 136 52.76 8.90 -17.83
CA THR B 136 53.87 9.84 -18.03
C THR B 136 54.52 10.17 -16.69
N SER B 137 53.79 9.96 -15.58
CA SER B 137 54.28 10.22 -14.24
C SER B 137 54.97 9.00 -13.65
N GLY B 138 54.58 7.81 -14.11
CA GLY B 138 55.06 6.53 -13.58
C GLY B 138 54.46 6.18 -12.23
N ASN B 139 53.47 6.99 -11.76
CA ASN B 139 52.84 6.81 -10.45
C ASN B 139 51.66 5.86 -10.54
N LEU B 140 51.77 4.72 -9.86
CA LEU B 140 50.79 3.64 -9.91
C LEU B 140 49.41 3.97 -9.38
N HIS B 141 49.26 5.05 -8.57
CA HIS B 141 47.94 5.50 -8.06
C HIS B 141 47.04 6.09 -9.20
N GLY B 142 47.66 6.38 -10.35
CA GLY B 142 46.97 6.85 -11.55
C GLY B 142 46.75 5.75 -12.57
N GLN B 143 46.96 4.49 -12.15
CA GLN B 143 46.89 3.29 -13.00
C GLN B 143 45.99 2.14 -12.46
N PRO B 144 45.33 2.20 -11.28
CA PRO B 144 44.64 1.01 -10.77
C PRO B 144 43.63 0.37 -11.71
N VAL B 145 42.80 1.21 -12.37
CA VAL B 145 41.72 0.76 -13.26
C VAL B 145 42.23 -0.07 -14.45
N SER B 146 43.37 0.33 -15.07
CA SER B 146 43.93 -0.41 -16.20
C SER B 146 44.16 -1.90 -15.86
N PHE B 147 44.72 -2.19 -14.66
CA PHE B 147 44.99 -3.55 -14.18
C PHE B 147 43.71 -4.37 -13.94
N LEU B 148 42.58 -3.68 -13.65
CA LEU B 148 41.30 -4.30 -13.28
C LEU B 148 40.37 -4.62 -14.47
N LEU B 149 40.40 -3.79 -15.56
CA LEU B 149 39.50 -3.98 -16.71
C LEU B 149 39.84 -5.16 -17.61
N LYS B 150 38.84 -6.02 -17.92
CA LYS B 150 39.04 -7.20 -18.80
C LYS B 150 39.45 -6.81 -20.24
N GLU B 151 38.89 -5.71 -20.76
CA GLU B 151 39.14 -5.24 -22.13
C GLU B 151 40.58 -4.75 -22.34
N LEU B 152 41.31 -4.49 -21.24
CA LEU B 152 42.69 -4.02 -21.35
C LEU B 152 43.69 -5.18 -21.24
N LYS B 153 43.21 -6.42 -21.14
CA LYS B 153 44.12 -7.58 -21.14
C LYS B 153 44.79 -7.63 -22.52
N GLY B 154 46.12 -7.67 -22.51
CA GLY B 154 46.91 -7.60 -23.73
C GLY B 154 47.55 -6.23 -23.90
N LYS B 155 47.16 -5.26 -23.04
CA LYS B 155 47.70 -3.91 -23.02
C LYS B 155 48.49 -3.66 -21.73
N ILE B 156 48.40 -4.58 -20.76
CA ILE B 156 49.14 -4.48 -19.51
C ILE B 156 50.40 -5.31 -19.62
N PRO B 157 51.61 -4.69 -19.55
CA PRO B 157 52.85 -5.49 -19.64
C PRO B 157 53.09 -6.23 -18.32
N ASP B 158 54.07 -7.12 -18.30
CA ASP B 158 54.34 -7.94 -17.12
C ASP B 158 55.20 -7.19 -16.09
N VAL B 159 54.51 -6.42 -15.24
CA VAL B 159 55.08 -5.53 -14.21
C VAL B 159 55.42 -6.35 -12.94
N PRO B 160 56.68 -6.26 -12.41
CA PRO B 160 57.04 -7.06 -11.23
C PRO B 160 56.17 -6.73 -10.03
N GLY B 161 55.59 -7.77 -9.44
CA GLY B 161 54.69 -7.62 -8.29
C GLY B 161 53.21 -7.75 -8.64
N PHE B 162 52.87 -7.89 -9.96
CA PHE B 162 51.46 -7.96 -10.39
C PHE B 162 51.05 -9.27 -11.11
N SER B 163 51.88 -10.35 -11.02
CA SER B 163 51.51 -11.62 -11.69
C SER B 163 50.24 -12.25 -11.08
N TRP B 164 49.90 -11.88 -9.84
CA TRP B 164 48.70 -12.36 -9.16
C TRP B 164 47.41 -11.73 -9.75
N VAL B 165 47.55 -10.59 -10.48
CA VAL B 165 46.41 -9.83 -11.01
C VAL B 165 45.72 -10.51 -12.19
N THR B 166 44.42 -10.71 -12.07
CA THR B 166 43.54 -11.18 -13.14
C THR B 166 42.43 -10.13 -13.27
N PRO B 167 42.27 -9.52 -14.48
CA PRO B 167 41.21 -8.50 -14.64
C PRO B 167 39.83 -9.04 -14.23
N CYS B 168 39.11 -8.30 -13.38
CA CYS B 168 37.83 -8.78 -12.85
C CYS B 168 36.61 -7.91 -13.22
N ILE B 169 36.81 -6.67 -13.69
CA ILE B 169 35.67 -5.83 -14.07
C ILE B 169 35.67 -5.54 -15.55
N SER B 170 34.47 -5.60 -16.17
CA SER B 170 34.32 -5.26 -17.58
C SER B 170 34.02 -3.77 -17.65
N ALA B 171 34.43 -3.13 -18.76
CA ALA B 171 34.25 -1.70 -19.00
C ALA B 171 32.83 -1.21 -18.76
N LYS B 172 31.83 -2.08 -19.01
CA LYS B 172 30.41 -1.76 -18.83
C LYS B 172 29.95 -1.84 -17.35
N ASP B 173 30.83 -2.29 -16.45
CA ASP B 173 30.47 -2.44 -15.03
C ASP B 173 31.09 -1.36 -14.12
N ILE B 174 31.56 -0.27 -14.72
CA ILE B 174 32.17 0.85 -13.98
C ILE B 174 31.57 2.20 -14.38
N VAL B 175 31.28 3.05 -13.38
CA VAL B 175 30.80 4.41 -13.65
C VAL B 175 31.71 5.40 -12.95
N TYR B 176 32.21 6.39 -13.71
CA TYR B 176 33.07 7.43 -13.14
C TYR B 176 32.20 8.64 -12.83
N ILE B 177 32.50 9.36 -11.73
CA ILE B 177 31.82 10.63 -11.35
C ILE B 177 32.84 11.62 -10.74
N GLY B 178 32.92 12.82 -11.31
CA GLY B 178 33.74 13.91 -10.77
C GLY B 178 34.95 14.27 -11.60
N LEU B 179 35.07 13.65 -12.77
CA LEU B 179 36.23 13.78 -13.65
C LEU B 179 36.44 15.20 -14.13
N ARG B 180 37.70 15.68 -14.11
CA ARG B 180 38.05 17.02 -14.56
C ARG B 180 39.55 17.17 -14.94
N ASP B 181 40.36 16.09 -14.78
CA ASP B 181 41.80 16.10 -15.12
C ASP B 181 42.19 14.73 -15.68
N VAL B 182 41.92 14.51 -16.97
CA VAL B 182 42.15 13.24 -17.67
C VAL B 182 43.29 13.37 -18.67
N ASP B 183 44.23 12.40 -18.65
CA ASP B 183 45.37 12.38 -19.57
C ASP B 183 44.90 12.06 -20.99
N PRO B 184 45.64 12.49 -22.05
CA PRO B 184 45.20 12.17 -23.43
C PRO B 184 45.01 10.67 -23.68
N GLY B 185 45.98 9.87 -23.21
CA GLY B 185 45.92 8.42 -23.32
C GLY B 185 44.75 7.83 -22.57
N GLU B 186 44.47 8.40 -21.39
CA GLU B 186 43.32 8.00 -20.56
C GLU B 186 42.00 8.30 -21.27
N HIS B 187 41.88 9.50 -21.91
CA HIS B 187 40.66 9.88 -22.61
C HIS B 187 40.40 8.97 -23.80
N TYR B 188 41.47 8.62 -24.53
CA TYR B 188 41.41 7.65 -25.63
C TYR B 188 40.82 6.32 -25.12
N ILE B 189 41.32 5.79 -23.98
CA ILE B 189 40.83 4.52 -23.39
C ILE B 189 39.35 4.63 -23.07
N LEU B 190 39.00 5.67 -22.30
CA LEU B 190 37.65 6.01 -21.85
C LEU B 190 36.64 5.99 -23.00
N LYS B 191 36.94 6.72 -24.08
CA LYS B 191 36.07 6.80 -25.25
C LYS B 191 36.05 5.53 -26.08
N THR B 192 37.21 4.84 -26.26
CA THR B 192 37.26 3.61 -27.08
C THR B 192 36.54 2.46 -26.42
N LEU B 193 36.68 2.30 -25.10
CA LEU B 193 36.02 1.22 -24.38
C LEU B 193 34.55 1.53 -24.07
N GLY B 194 34.15 2.78 -24.30
CA GLY B 194 32.79 3.23 -24.06
C GLY B 194 32.34 3.14 -22.62
N ILE B 195 33.25 3.47 -21.67
CA ILE B 195 32.96 3.48 -20.22
C ILE B 195 31.98 4.61 -19.93
N LYS B 196 30.98 4.34 -19.06
CA LYS B 196 30.02 5.36 -18.67
C LYS B 196 30.68 6.32 -17.65
N TYR B 197 30.64 7.62 -17.94
CA TYR B 197 31.25 8.61 -17.08
C TYR B 197 30.40 9.86 -16.94
N PHE B 198 30.55 10.53 -15.81
CA PHE B 198 29.94 11.82 -15.58
C PHE B 198 31.04 12.75 -15.13
N SER B 199 31.61 13.49 -16.08
CA SER B 199 32.66 14.44 -15.73
C SER B 199 31.99 15.65 -15.07
N MET B 200 32.77 16.63 -14.55
CA MET B 200 32.16 17.83 -13.96
C MET B 200 31.21 18.51 -14.97
N THR B 201 31.47 18.33 -16.31
CA THR B 201 30.62 18.85 -17.40
C THR B 201 29.23 18.24 -17.35
N GLU B 202 29.13 16.90 -17.13
CA GLU B 202 27.85 16.19 -17.04
C GLU B 202 27.12 16.56 -15.76
N VAL B 203 27.84 16.65 -14.61
CA VAL B 203 27.26 17.05 -13.32
C VAL B 203 26.66 18.49 -13.45
N ASP B 204 27.37 19.39 -14.15
CA ASP B 204 26.90 20.75 -14.40
C ASP B 204 25.66 20.74 -15.26
N ARG B 205 25.69 19.94 -16.34
CA ARG B 205 24.60 19.81 -17.31
C ARG B 205 23.35 19.27 -16.69
N LEU B 206 23.45 18.10 -16.05
CA LEU B 206 22.34 17.33 -15.54
C LEU B 206 21.93 17.60 -14.10
N GLY B 207 22.91 17.95 -13.26
CA GLY B 207 22.69 18.07 -11.83
C GLY B 207 22.96 16.71 -11.20
N ILE B 208 23.37 16.70 -9.92
CA ILE B 208 23.71 15.46 -9.20
C ILE B 208 22.53 14.46 -9.06
N GLY B 209 21.31 14.98 -9.04
CA GLY B 209 20.12 14.12 -8.94
C GLY B 209 20.00 13.19 -10.11
N LYS B 210 20.08 13.76 -11.33
CA LYS B 210 20.00 13.02 -12.60
C LYS B 210 21.22 12.07 -12.78
N VAL B 211 22.42 12.52 -12.35
CA VAL B 211 23.66 11.74 -12.42
C VAL B 211 23.51 10.44 -11.64
N MET B 212 23.09 10.53 -10.37
CA MET B 212 22.90 9.33 -9.53
C MET B 212 21.78 8.42 -10.03
N GLU B 213 20.69 9.04 -10.54
CA GLU B 213 19.55 8.32 -11.13
C GLU B 213 20.04 7.47 -12.30
N GLU B 214 20.87 8.07 -13.19
CA GLU B 214 21.45 7.40 -14.35
C GLU B 214 22.51 6.37 -13.96
N THR B 215 23.39 6.70 -12.99
CA THR B 215 24.43 5.82 -12.46
C THR B 215 23.83 4.51 -11.89
N LEU B 216 22.84 4.63 -10.98
CA LEU B 216 22.24 3.44 -10.36
C LEU B 216 21.42 2.62 -11.37
N SER B 217 20.77 3.29 -12.35
CA SER B 217 19.99 2.59 -13.40
C SER B 217 20.94 1.86 -14.33
N TYR B 218 22.04 2.53 -14.69
CA TYR B 218 23.04 1.97 -15.58
C TYR B 218 23.67 0.70 -15.00
N LEU B 219 23.89 0.67 -13.66
CA LEU B 219 24.56 -0.45 -13.00
C LEU B 219 23.63 -1.52 -12.47
N LEU B 220 22.40 -1.14 -12.08
CA LEU B 220 21.46 -2.06 -11.43
C LEU B 220 20.17 -2.33 -12.21
N GLY B 221 20.01 -1.66 -13.36
CA GLY B 221 18.84 -1.80 -14.24
C GLY B 221 18.54 -3.20 -14.71
N ARG B 222 19.58 -3.97 -15.13
CA ARG B 222 19.40 -5.36 -15.57
C ARG B 222 19.12 -6.28 -14.37
N LYS B 223 19.95 -6.19 -13.30
CA LYS B 223 19.73 -6.93 -12.06
C LYS B 223 20.51 -6.33 -10.89
N LYS B 224 20.00 -6.55 -9.65
CA LYS B 224 20.62 -6.10 -8.41
C LYS B 224 21.89 -6.87 -8.15
N ARG B 225 22.98 -6.14 -7.96
CA ARG B 225 24.32 -6.70 -7.77
C ARG B 225 25.08 -5.87 -6.72
N PRO B 226 26.12 -6.45 -6.07
CA PRO B 226 26.87 -5.68 -5.05
C PRO B 226 27.56 -4.46 -5.65
N ILE B 227 27.59 -3.35 -4.90
CA ILE B 227 28.24 -2.11 -5.35
C ILE B 227 29.54 -1.87 -4.59
N HIS B 228 30.62 -1.61 -5.34
CA HIS B 228 31.88 -1.19 -4.78
C HIS B 228 32.06 0.30 -5.07
N LEU B 229 32.11 1.13 -4.02
CA LEU B 229 32.37 2.56 -4.17
C LEU B 229 33.85 2.83 -3.88
N SER B 230 34.57 3.48 -4.83
CA SER B 230 35.95 3.86 -4.60
C SER B 230 36.02 5.36 -4.57
N PHE B 231 36.11 5.91 -3.36
CA PHE B 231 36.08 7.35 -3.18
C PHE B 231 37.47 7.95 -3.04
N ASP B 232 37.92 8.69 -4.04
CA ASP B 232 39.17 9.44 -3.93
C ASP B 232 38.73 10.81 -3.37
N VAL B 233 39.32 11.25 -2.23
CA VAL B 233 38.91 12.53 -1.61
C VAL B 233 39.13 13.74 -2.54
N ASP B 234 40.05 13.63 -3.54
CA ASP B 234 40.26 14.72 -4.52
C ASP B 234 39.10 14.84 -5.55
N GLY B 235 38.10 13.96 -5.44
CA GLY B 235 36.90 14.03 -6.26
C GLY B 235 36.11 15.27 -5.88
N LEU B 236 36.10 15.60 -4.57
CA LEU B 236 35.45 16.82 -4.06
C LEU B 236 36.35 18.02 -4.32
N ASP B 237 35.77 19.22 -4.32
CA ASP B 237 36.51 20.45 -4.51
C ASP B 237 37.54 20.64 -3.40
N PRO B 238 38.77 21.16 -3.71
CA PRO B 238 39.77 21.34 -2.64
C PRO B 238 39.38 22.37 -1.56
N SER B 239 38.20 23.00 -1.68
CA SER B 239 37.68 23.86 -0.61
C SER B 239 37.11 22.98 0.53
N PHE B 240 36.92 21.65 0.25
CA PHE B 240 36.40 20.71 1.25
C PHE B 240 37.45 19.66 1.66
N THR B 241 38.27 19.22 0.71
CA THR B 241 39.31 18.21 0.98
C THR B 241 40.66 18.72 0.46
N PRO B 242 41.20 19.85 1.03
CA PRO B 242 42.48 20.39 0.53
C PRO B 242 43.69 19.50 0.81
N ALA B 243 43.68 18.73 1.91
CA ALA B 243 44.80 17.86 2.29
C ALA B 243 44.82 16.55 1.48
N THR B 244 45.24 16.65 0.21
CA THR B 244 45.31 15.52 -0.73
C THR B 244 46.44 15.78 -1.73
N GLY B 245 46.96 14.71 -2.34
CA GLY B 245 48.11 14.76 -3.24
C GLY B 245 47.96 15.50 -4.56
N THR B 246 46.86 15.26 -5.29
CA THR B 246 46.65 15.83 -6.62
C THR B 246 45.30 16.62 -6.67
N PRO B 247 45.18 17.77 -5.96
CA PRO B 247 43.90 18.50 -5.98
C PRO B 247 43.63 19.14 -7.33
N VAL B 248 42.35 19.25 -7.71
CA VAL B 248 41.94 19.87 -8.97
C VAL B 248 40.76 20.78 -8.69
N VAL B 249 40.86 22.07 -9.09
CA VAL B 249 39.78 23.05 -8.85
C VAL B 249 38.51 22.72 -9.68
N GLY B 250 37.35 23.23 -9.22
CA GLY B 250 36.06 23.05 -9.86
C GLY B 250 35.45 21.69 -9.57
N GLY B 251 35.67 21.17 -8.36
CA GLY B 251 35.22 19.85 -7.98
C GLY B 251 33.80 19.72 -7.46
N LEU B 252 33.45 18.50 -7.09
CA LEU B 252 32.16 18.18 -6.51
C LEU B 252 32.05 18.91 -5.19
N THR B 253 30.86 19.45 -4.89
CA THR B 253 30.66 20.15 -3.63
C THR B 253 30.49 19.17 -2.49
N TYR B 254 30.55 19.65 -1.24
CA TYR B 254 30.32 18.85 -0.03
C TYR B 254 28.93 18.23 -0.11
N ARG B 255 27.90 19.05 -0.45
CA ARG B 255 26.52 18.57 -0.62
C ARG B 255 26.45 17.43 -1.64
N GLU B 256 27.05 17.65 -2.84
CA GLU B 256 27.11 16.65 -3.91
C GLU B 256 27.74 15.33 -3.45
N GLY B 257 28.85 15.41 -2.69
CA GLY B 257 29.52 14.22 -2.13
C GLY B 257 28.61 13.43 -1.22
N LEU B 258 27.81 14.12 -0.41
CA LEU B 258 26.83 13.50 0.47
C LEU B 258 25.66 12.94 -0.32
N TYR B 259 25.23 13.62 -1.41
CA TYR B 259 24.11 13.13 -2.21
C TYR B 259 24.41 11.78 -2.88
N ILE B 260 25.62 11.62 -3.41
CA ILE B 260 26.09 10.36 -4.04
C ILE B 260 26.04 9.23 -3.00
N THR B 261 26.61 9.48 -1.81
CA THR B 261 26.71 8.45 -0.76
C THR B 261 25.34 8.16 -0.12
N GLU B 262 24.46 9.17 -0.06
CA GLU B 262 23.09 8.98 0.43
C GLU B 262 22.32 8.08 -0.50
N GLU B 263 22.42 8.31 -1.82
CA GLU B 263 21.73 7.50 -2.86
C GLU B 263 22.26 6.07 -2.95
N ILE B 264 23.58 5.90 -2.84
CA ILE B 264 24.21 4.58 -2.86
C ILE B 264 23.76 3.76 -1.64
N TYR B 265 23.77 4.37 -0.41
CA TYR B 265 23.31 3.68 0.81
C TYR B 265 21.89 3.14 0.63
N LYS B 266 21.01 3.96 0.06
CA LYS B 266 19.58 3.67 -0.14
C LYS B 266 19.31 2.47 -1.05
N THR B 267 20.26 2.10 -1.95
CA THR B 267 20.09 0.88 -2.78
C THR B 267 20.11 -0.34 -1.87
N GLY B 268 20.87 -0.23 -0.77
CA GLY B 268 21.08 -1.30 0.18
C GLY B 268 22.10 -2.30 -0.31
N LEU B 269 22.74 -1.99 -1.46
CA LEU B 269 23.68 -2.90 -2.12
C LEU B 269 25.17 -2.53 -1.98
N LEU B 270 25.51 -1.51 -1.16
CA LEU B 270 26.94 -1.19 -0.94
C LEU B 270 27.61 -2.42 -0.28
N SER B 271 28.77 -2.83 -0.80
CA SER B 271 29.41 -4.06 -0.35
C SER B 271 30.90 -3.84 -0.06
N GLY B 272 31.45 -2.81 -0.66
CA GLY B 272 32.85 -2.43 -0.51
C GLY B 272 32.99 -0.93 -0.68
N LEU B 273 33.79 -0.31 0.17
CA LEU B 273 34.03 1.11 0.14
C LEU B 273 35.51 1.41 0.37
N ASP B 274 36.08 2.33 -0.46
CA ASP B 274 37.45 2.84 -0.33
C ASP B 274 37.37 4.35 -0.03
N ILE B 275 38.10 4.82 0.99
CA ILE B 275 38.22 6.24 1.33
C ILE B 275 39.70 6.53 1.16
N MET B 276 40.06 7.05 -0.01
CA MET B 276 41.45 7.17 -0.41
C MET B 276 41.98 8.57 -0.53
N GLU B 277 43.32 8.67 -0.55
CA GLU B 277 44.12 9.86 -0.80
C GLU B 277 44.05 10.97 0.29
N VAL B 278 43.64 10.64 1.54
CA VAL B 278 43.71 11.65 2.60
C VAL B 278 45.19 11.73 3.05
N ASN B 279 45.82 12.90 2.89
CA ASN B 279 47.22 13.12 3.24
C ASN B 279 47.33 14.25 4.27
N PRO B 280 47.42 13.88 5.58
CA PRO B 280 47.46 14.90 6.65
C PRO B 280 48.70 15.79 6.72
N SER B 281 49.70 15.59 5.83
CA SER B 281 50.86 16.49 5.83
C SER B 281 50.86 17.43 4.60
N LEU B 282 49.75 17.43 3.83
CA LEU B 282 49.58 18.30 2.67
C LEU B 282 48.62 19.48 2.92
N GLY B 283 48.28 19.71 4.18
CA GLY B 283 47.48 20.86 4.57
C GLY B 283 48.33 22.11 4.66
N LYS B 284 47.82 23.25 4.14
CA LYS B 284 48.55 24.52 4.23
C LYS B 284 48.49 25.08 5.67
N THR B 285 47.49 24.64 6.45
CA THR B 285 47.27 25.03 7.84
C THR B 285 46.77 23.80 8.59
N PRO B 286 46.84 23.78 9.95
CA PRO B 286 46.24 22.64 10.69
C PRO B 286 44.73 22.48 10.45
N GLU B 287 44.03 23.57 10.05
CA GLU B 287 42.58 23.54 9.79
C GLU B 287 42.21 22.82 8.48
N GLU B 288 43.05 22.94 7.43
CA GLU B 288 42.81 22.29 6.14
C GLU B 288 42.85 20.78 6.32
N VAL B 289 43.70 20.30 7.26
CA VAL B 289 43.82 18.88 7.62
C VAL B 289 42.54 18.39 8.30
N THR B 290 42.08 19.10 9.37
CA THR B 290 40.85 18.70 10.07
C THR B 290 39.66 18.74 9.15
N ARG B 291 39.57 19.78 8.28
CA ARG B 291 38.51 19.95 7.29
C ARG B 291 38.45 18.72 6.35
N THR B 292 39.61 18.33 5.76
CA THR B 292 39.72 17.16 4.86
C THR B 292 39.23 15.88 5.54
N VAL B 293 39.74 15.63 6.75
CA VAL B 293 39.41 14.47 7.57
C VAL B 293 37.90 14.46 7.95
N ASN B 294 37.32 15.62 8.36
CA ASN B 294 35.89 15.72 8.68
C ASN B 294 35.01 15.48 7.46
N THR B 295 35.40 15.99 6.28
CA THR B 295 34.65 15.74 5.05
C THR B 295 34.70 14.26 4.71
N ALA B 296 35.89 13.63 4.82
CA ALA B 296 36.07 12.19 4.59
C ALA B 296 35.18 11.37 5.55
N VAL B 297 35.13 11.78 6.85
CA VAL B 297 34.31 11.10 7.87
C VAL B 297 32.81 11.22 7.54
N ALA B 298 32.37 12.45 7.17
CA ALA B 298 30.98 12.76 6.79
C ALA B 298 30.52 11.95 5.59
N ILE B 299 31.40 11.82 4.54
CA ILE B 299 31.12 11.01 3.34
C ILE B 299 30.91 9.55 3.78
N THR B 300 31.83 9.04 4.63
CA THR B 300 31.78 7.66 5.13
C THR B 300 30.48 7.37 5.88
N LEU B 301 30.07 8.26 6.82
CA LEU B 301 28.87 8.09 7.64
C LEU B 301 27.62 8.04 6.79
N ALA B 302 27.58 8.83 5.70
CA ALA B 302 26.47 8.82 4.74
C ALA B 302 26.40 7.48 3.97
N CYS B 303 27.56 6.82 3.74
CA CYS B 303 27.57 5.51 3.07
C CYS B 303 26.88 4.47 3.95
N PHE B 304 26.85 4.72 5.28
CA PHE B 304 26.29 3.74 6.22
C PHE B 304 25.00 4.20 6.90
N GLY B 305 24.23 5.05 6.22
CA GLY B 305 22.89 5.40 6.68
C GLY B 305 22.58 6.81 7.11
N LEU B 306 23.61 7.59 7.52
CA LEU B 306 23.37 8.98 7.97
C LEU B 306 22.74 9.84 6.87
N ALA B 307 21.48 10.25 7.08
CA ALA B 307 20.71 11.06 6.12
C ALA B 307 20.52 12.47 6.67
N ARG B 308 20.62 13.49 5.78
CA ARG B 308 20.44 14.86 6.21
C ARG B 308 19.02 15.13 6.71
N GLU B 309 18.01 14.40 6.15
CA GLU B 309 16.61 14.56 6.56
C GLU B 309 16.36 14.13 8.01
N GLY B 310 17.31 13.39 8.56
CA GLY B 310 17.25 12.87 9.92
C GLY B 310 17.13 11.38 9.91
N ASN B 311 17.26 10.77 11.09
CA ASN B 311 17.14 9.34 11.29
C ASN B 311 16.46 9.10 12.63
N HIS B 312 15.70 7.98 12.75
CA HIS B 312 15.05 7.60 14.01
C HIS B 312 14.91 6.08 14.11
N LYS B 313 14.87 5.56 15.35
CA LYS B 313 14.76 4.13 15.64
C LYS B 313 13.29 3.73 15.67
N PRO B 314 12.93 2.43 15.38
CA PRO B 314 11.51 2.03 15.40
C PRO B 314 10.89 1.95 16.81
N ILE B 315 10.76 3.12 17.48
CA ILE B 315 10.19 3.31 18.82
C ILE B 315 9.32 4.57 18.82
N ASP B 316 8.36 4.65 19.76
CA ASP B 316 7.44 5.79 19.88
C ASP B 316 8.09 6.90 20.70
N TYR B 317 8.73 7.86 20.01
CA TYR B 317 9.44 9.00 20.59
C TYR B 317 8.53 9.94 21.38
N LEU B 318 7.20 9.85 21.19
CA LEU B 318 6.26 10.68 21.94
C LEU B 318 5.78 9.98 23.26
N ASN B 319 6.29 8.75 23.54
CA ASN B 319 6.01 8.01 24.78
C ASN B 319 7.31 7.51 25.44
N ALA C 3 0.71 -35.12 23.08
CA ALA C 3 1.23 -34.95 21.71
C ALA C 3 1.40 -33.47 21.37
N LYS C 4 2.27 -33.17 20.37
CA LYS C 4 2.55 -31.80 19.90
C LYS C 4 1.28 -31.07 19.49
N SER C 5 0.36 -31.78 18.78
CA SER C 5 -0.92 -31.26 18.32
C SER C 5 -1.89 -30.97 19.48
N ARG C 6 -1.53 -31.41 20.70
CA ARG C 6 -2.36 -31.22 21.89
C ARG C 6 -1.62 -30.52 23.03
N THR C 7 -0.54 -29.77 22.71
CA THR C 7 0.25 -29.01 23.69
C THR C 7 -0.07 -27.53 23.49
N ILE C 8 -0.85 -26.96 24.42
CA ILE C 8 -1.37 -25.60 24.28
C ILE C 8 -0.81 -24.61 25.32
N GLY C 9 -0.58 -23.39 24.85
CA GLY C 9 -0.21 -22.22 25.64
C GLY C 9 -1.30 -21.17 25.48
N ILE C 10 -2.13 -20.97 26.52
CA ILE C 10 -3.29 -20.06 26.46
C ILE C 10 -2.90 -18.64 26.74
N ILE C 11 -3.28 -17.70 25.82
CA ILE C 11 -3.11 -16.26 26.03
C ILE C 11 -4.46 -15.55 25.89
N GLY C 12 -4.92 -14.94 26.98
CA GLY C 12 -6.11 -14.11 26.99
C GLY C 12 -5.74 -12.73 26.48
N ALA C 13 -6.60 -12.13 25.65
CA ALA C 13 -6.29 -10.82 25.07
C ALA C 13 -7.51 -9.86 25.14
N PRO C 14 -7.83 -9.34 26.35
CA PRO C 14 -9.00 -8.46 26.50
C PRO C 14 -8.76 -7.06 25.91
N PHE C 15 -8.86 -6.96 24.58
CA PHE C 15 -8.62 -5.72 23.85
C PHE C 15 -9.79 -5.45 22.91
N SER C 16 -10.27 -4.17 22.89
CA SER C 16 -11.44 -3.78 22.12
C SER C 16 -11.24 -2.58 21.20
N LYS C 17 -10.10 -1.88 21.32
CA LYS C 17 -9.84 -0.62 20.62
C LYS C 17 -9.47 -0.73 19.11
N GLY C 18 -9.54 -1.94 18.58
CA GLY C 18 -9.43 -2.15 17.14
C GLY C 18 -10.76 -1.90 16.45
N GLN C 19 -11.85 -1.70 17.25
CA GLN C 19 -13.21 -1.45 16.76
C GLN C 19 -14.05 -0.57 17.73
N PRO C 20 -15.20 0.03 17.30
CA PRO C 20 -15.92 0.96 18.20
C PRO C 20 -16.95 0.36 19.16
N ARG C 21 -17.24 -0.97 19.06
CA ARG C 21 -18.26 -1.59 19.91
C ARG C 21 -17.69 -2.22 21.20
N GLY C 22 -18.08 -1.69 22.35
CA GLY C 22 -17.62 -2.21 23.64
C GLY C 22 -18.15 -3.58 23.95
N GLY C 23 -17.35 -4.37 24.68
CA GLY C 23 -17.73 -5.72 25.09
C GLY C 23 -16.80 -6.83 24.64
N VAL C 24 -16.18 -6.69 23.43
CA VAL C 24 -15.29 -7.70 22.84
C VAL C 24 -14.06 -7.95 23.74
N GLU C 25 -13.77 -7.00 24.67
CA GLU C 25 -12.68 -7.18 25.64
C GLU C 25 -13.07 -8.26 26.68
N GLU C 26 -14.36 -8.63 26.76
CA GLU C 26 -14.82 -9.68 27.68
C GLU C 26 -14.85 -11.08 27.02
N GLY C 27 -14.36 -11.16 25.79
CA GLY C 27 -14.25 -12.41 25.05
C GLY C 27 -13.48 -13.49 25.80
N PRO C 28 -12.24 -13.21 26.33
CA PRO C 28 -11.51 -14.25 27.07
C PRO C 28 -12.24 -14.68 28.34
N THR C 29 -12.80 -13.70 29.10
CA THR C 29 -13.53 -13.94 30.35
C THR C 29 -14.68 -14.94 30.16
N VAL C 30 -15.56 -14.67 29.19
CA VAL C 30 -16.72 -15.51 28.93
C VAL C 30 -16.31 -16.88 28.31
N LEU C 31 -15.18 -16.92 27.55
CA LEU C 31 -14.70 -18.20 27.01
C LEU C 31 -14.13 -19.08 28.14
N ARG C 32 -13.47 -18.45 29.14
CA ARG C 32 -12.88 -19.15 30.29
C ARG C 32 -13.99 -19.65 31.22
N LYS C 33 -15.03 -18.82 31.45
CA LYS C 33 -16.16 -19.12 32.31
C LYS C 33 -16.93 -20.35 31.82
N ALA C 34 -16.97 -20.52 30.50
CA ALA C 34 -17.61 -21.65 29.81
C ALA C 34 -16.87 -23.00 30.03
N GLY C 35 -15.67 -22.94 30.63
CA GLY C 35 -14.88 -24.12 30.97
C GLY C 35 -13.90 -24.57 29.89
N LEU C 36 -13.52 -23.65 28.96
CA LEU C 36 -12.62 -23.96 27.84
C LEU C 36 -11.38 -24.79 28.21
N LEU C 37 -10.62 -24.32 29.19
CA LEU C 37 -9.36 -24.94 29.62
C LEU C 37 -9.57 -26.32 30.26
N GLU C 38 -10.67 -26.47 31.00
CA GLU C 38 -11.04 -27.73 31.66
C GLU C 38 -11.47 -28.75 30.59
N LYS C 39 -12.25 -28.29 29.60
CA LYS C 39 -12.67 -29.09 28.45
C LYS C 39 -11.46 -29.50 27.59
N LEU C 40 -10.43 -28.64 27.51
CA LEU C 40 -9.22 -28.97 26.78
C LEU C 40 -8.48 -30.08 27.49
N LYS C 41 -8.27 -29.92 28.81
CA LYS C 41 -7.61 -30.92 29.67
C LYS C 41 -8.32 -32.29 29.66
N GLU C 42 -9.66 -32.30 29.63
CA GLU C 42 -10.48 -33.55 29.58
C GLU C 42 -10.31 -34.31 28.25
N GLN C 43 -9.75 -33.63 27.24
CA GLN C 43 -9.54 -34.09 25.88
C GLN C 43 -8.08 -34.55 25.71
N GLU C 44 -7.37 -34.69 26.85
CA GLU C 44 -5.96 -35.08 26.98
C GLU C 44 -5.00 -34.07 26.32
N CYS C 45 -5.17 -32.79 26.68
CA CYS C 45 -4.34 -31.68 26.22
C CYS C 45 -3.43 -31.26 27.36
N ASP C 46 -2.19 -30.84 27.02
CA ASP C 46 -1.23 -30.31 27.99
C ASP C 46 -1.46 -28.79 27.93
N VAL C 47 -2.12 -28.22 28.93
CA VAL C 47 -2.48 -26.81 28.92
C VAL C 47 -1.67 -25.98 29.91
N LYS C 48 -1.03 -24.90 29.44
CA LYS C 48 -0.32 -23.91 30.26
C LYS C 48 -1.01 -22.59 30.01
N ASP C 49 -1.50 -21.95 31.09
CA ASP C 49 -2.21 -20.69 31.05
C ASP C 49 -1.25 -19.51 31.27
N TYR C 50 -0.96 -18.75 30.20
CA TYR C 50 -0.05 -17.60 30.27
C TYR C 50 -0.75 -16.32 30.75
N GLY C 51 -2.00 -16.48 31.19
CA GLY C 51 -2.81 -15.42 31.75
C GLY C 51 -3.41 -14.48 30.74
N ASP C 52 -4.15 -13.50 31.23
CA ASP C 52 -4.74 -12.48 30.37
C ASP C 52 -3.78 -11.31 30.33
N LEU C 53 -3.44 -10.84 29.12
CA LEU C 53 -2.53 -9.71 28.97
C LEU C 53 -3.11 -8.39 29.53
N PRO C 54 -2.30 -7.57 30.23
CA PRO C 54 -2.82 -6.28 30.70
C PRO C 54 -2.58 -5.18 29.64
N PHE C 55 -3.63 -4.50 29.20
CA PHE C 55 -3.43 -3.46 28.20
C PHE C 55 -3.61 -2.07 28.80
N ALA C 56 -2.47 -1.41 29.13
CA ALA C 56 -2.45 -0.09 29.75
C ALA C 56 -3.11 0.96 28.88
N ASP C 57 -4.05 1.71 29.48
CA ASP C 57 -4.78 2.77 28.81
C ASP C 57 -3.81 3.86 28.36
N ILE C 58 -3.87 4.23 27.08
CA ILE C 58 -2.98 5.25 26.54
C ILE C 58 -3.70 6.59 26.46
N PRO C 59 -3.29 7.57 27.30
CA PRO C 59 -3.88 8.90 27.20
C PRO C 59 -3.35 9.59 25.94
N ASN C 60 -4.18 10.42 25.30
CA ASN C 60 -3.82 11.18 24.10
C ASN C 60 -3.41 10.26 22.92
N ASP C 61 -4.23 9.25 22.63
CA ASP C 61 -4.02 8.36 21.49
C ASP C 61 -4.83 8.92 20.33
N SER C 62 -4.38 10.08 19.82
CA SER C 62 -5.00 10.82 18.73
C SER C 62 -5.05 9.97 17.44
N PRO C 63 -6.06 10.18 16.58
CA PRO C 63 -6.14 9.34 15.37
C PRO C 63 -5.04 9.60 14.35
N PHE C 64 -4.75 8.60 13.50
CA PHE C 64 -3.85 8.76 12.37
C PHE C 64 -4.78 8.93 11.21
N GLN C 65 -4.98 10.19 10.77
CA GLN C 65 -5.98 10.51 9.73
C GLN C 65 -7.36 10.04 10.32
N ILE C 66 -8.08 9.13 9.65
CA ILE C 66 -9.36 8.61 10.19
C ILE C 66 -9.14 7.30 11.04
N VAL C 67 -7.91 6.74 11.04
CA VAL C 67 -7.59 5.51 11.80
C VAL C 67 -7.65 5.76 13.31
N LYS C 68 -8.52 5.01 14.02
CA LYS C 68 -8.78 5.18 15.45
C LYS C 68 -7.89 4.36 16.37
N ASN C 69 -7.43 5.01 17.48
CA ASN C 69 -6.62 4.41 18.55
C ASN C 69 -5.37 3.64 18.00
N PRO C 70 -4.49 4.27 17.17
CA PRO C 70 -3.35 3.51 16.61
C PRO C 70 -2.30 3.06 17.64
N ARG C 71 -1.99 3.93 18.63
CA ARG C 71 -0.98 3.59 19.63
C ARG C 71 -1.45 2.44 20.52
N SER C 72 -2.74 2.46 20.89
CA SER C 72 -3.36 1.41 21.70
C SER C 72 -3.38 0.08 20.95
N VAL C 73 -3.77 0.10 19.66
CA VAL C 73 -3.82 -1.11 18.82
C VAL C 73 -2.42 -1.66 18.57
N GLY C 74 -1.49 -0.79 18.17
CA GLY C 74 -0.10 -1.15 17.95
C GLY C 74 0.59 -1.75 19.16
N LYS C 75 0.45 -1.11 20.35
CA LYS C 75 1.07 -1.58 21.61
C LYS C 75 0.48 -2.90 22.10
N ALA C 76 -0.85 -3.10 21.90
CA ALA C 76 -1.52 -4.36 22.28
C ALA C 76 -1.02 -5.50 21.41
N SER C 77 -0.87 -5.26 20.09
CA SER C 77 -0.33 -6.28 19.19
C SER C 77 1.16 -6.51 19.47
N GLU C 78 1.91 -5.43 19.83
CA GLU C 78 3.35 -5.53 20.18
C GLU C 78 3.56 -6.41 21.42
N GLN C 79 2.69 -6.27 22.42
CA GLN C 79 2.75 -7.07 23.63
C GLN C 79 2.37 -8.53 23.30
N LEU C 80 1.30 -8.72 22.51
CA LEU C 80 0.86 -10.05 22.07
C LEU C 80 1.91 -10.79 21.23
N ALA C 81 2.65 -10.07 20.37
CA ALA C 81 3.74 -10.68 19.59
C ALA C 81 4.80 -11.32 20.48
N GLY C 82 5.30 -10.57 21.47
CA GLY C 82 6.28 -11.05 22.45
C GLY C 82 5.77 -12.26 23.22
N LYS C 83 4.54 -12.19 23.67
CA LYS C 83 3.89 -13.26 24.44
C LYS C 83 3.67 -14.55 23.60
N VAL C 84 3.23 -14.41 22.32
CA VAL C 84 3.06 -15.54 21.40
C VAL C 84 4.42 -16.19 21.13
N ALA C 85 5.46 -15.37 20.83
CA ALA C 85 6.83 -15.84 20.59
C ALA C 85 7.33 -16.65 21.81
N GLU C 86 7.08 -16.14 23.03
CA GLU C 86 7.45 -16.81 24.27
C GLU C 86 6.79 -18.21 24.34
N VAL C 87 5.49 -18.30 23.99
CA VAL C 87 4.73 -19.57 23.96
C VAL C 87 5.34 -20.55 22.93
N LYS C 88 5.59 -20.04 21.70
CA LYS C 88 6.17 -20.82 20.60
C LYS C 88 7.56 -21.37 20.94
N LYS C 89 8.36 -20.61 21.72
CA LYS C 89 9.68 -21.04 22.16
C LYS C 89 9.58 -22.17 23.18
N ASN C 90 8.51 -22.17 23.99
CA ASN C 90 8.26 -23.21 24.97
C ASN C 90 7.70 -24.54 24.35
N GLY C 91 7.67 -24.61 23.01
CA GLY C 91 7.22 -25.79 22.27
C GLY C 91 5.72 -26.07 22.32
N ARG C 92 4.91 -25.02 22.49
CA ARG C 92 3.45 -25.16 22.59
C ARG C 92 2.75 -24.44 21.42
N ILE C 93 1.50 -24.82 21.14
CA ILE C 93 0.63 -24.16 20.16
C ILE C 93 0.05 -22.94 20.90
N SER C 94 0.17 -21.72 20.32
CA SER C 94 -0.37 -20.53 20.99
C SER C 94 -1.85 -20.38 20.73
N LEU C 95 -2.64 -20.22 21.82
CA LEU C 95 -4.07 -20.05 21.69
C LEU C 95 -4.47 -18.68 22.22
N VAL C 96 -4.76 -17.77 21.28
CA VAL C 96 -5.13 -16.40 21.59
C VAL C 96 -6.63 -16.27 21.65
N LEU C 97 -7.13 -15.91 22.84
CA LEU C 97 -8.56 -15.67 23.06
C LEU C 97 -8.74 -14.17 23.00
N GLY C 98 -9.39 -13.70 21.94
CA GLY C 98 -9.67 -12.28 21.76
C GLY C 98 -10.96 -11.85 22.44
N GLY C 99 -11.31 -10.56 22.38
CA GLY C 99 -10.53 -9.53 21.70
C GLY C 99 -10.86 -9.40 20.22
N ASP C 100 -10.67 -8.18 19.67
CA ASP C 100 -10.94 -7.91 18.26
C ASP C 100 -9.80 -8.45 17.34
N HIS C 101 -10.05 -8.53 16.00
CA HIS C 101 -9.09 -9.12 15.07
C HIS C 101 -7.83 -8.28 14.82
N SER C 102 -7.77 -7.00 15.27
CA SER C 102 -6.53 -6.22 15.12
C SER C 102 -5.36 -6.93 15.83
N LEU C 103 -5.67 -7.78 16.84
CA LEU C 103 -4.69 -8.58 17.59
C LEU C 103 -3.97 -9.65 16.74
N ALA C 104 -4.46 -9.93 15.53
CA ALA C 104 -3.80 -10.87 14.62
C ALA C 104 -2.41 -10.35 14.18
N ILE C 105 -2.21 -8.99 14.12
CA ILE C 105 -0.91 -8.37 13.80
C ILE C 105 0.14 -8.92 14.77
N GLY C 106 -0.21 -8.96 16.05
CA GLY C 106 0.68 -9.45 17.09
C GLY C 106 0.74 -10.95 17.17
N SER C 107 -0.41 -11.61 16.95
CA SER C 107 -0.44 -13.07 17.03
C SER C 107 0.41 -13.72 15.94
N ILE C 108 0.18 -13.33 14.67
CA ILE C 108 0.92 -13.86 13.53
C ILE C 108 2.39 -13.36 13.52
N SER C 109 2.63 -12.08 13.91
CA SER C 109 4.00 -11.52 14.02
C SER C 109 4.87 -12.38 14.93
N GLY C 110 4.45 -12.50 16.20
CA GLY C 110 5.16 -13.27 17.22
C GLY C 110 5.39 -14.71 16.84
N HIS C 111 4.39 -15.32 16.20
CA HIS C 111 4.45 -16.71 15.73
C HIS C 111 5.52 -16.86 14.64
N ALA C 112 5.51 -15.97 13.63
CA ALA C 112 6.50 -15.97 12.55
C ALA C 112 7.95 -15.71 13.02
N ARG C 113 8.13 -15.19 14.26
CA ARG C 113 9.48 -14.97 14.80
C ARG C 113 10.16 -16.31 15.14
N VAL C 114 9.36 -17.33 15.43
CA VAL C 114 9.82 -18.66 15.78
C VAL C 114 9.67 -19.61 14.58
N HIS C 115 8.57 -19.44 13.80
CA HIS C 115 8.31 -20.25 12.61
C HIS C 115 7.99 -19.36 11.40
N PRO C 116 9.03 -18.78 10.74
CA PRO C 116 8.77 -17.87 9.60
C PRO C 116 8.17 -18.53 8.36
N ASP C 117 8.25 -19.88 8.25
CA ASP C 117 7.69 -20.65 7.14
C ASP C 117 6.18 -20.98 7.34
N LEU C 118 5.54 -20.40 8.38
CA LEU C 118 4.12 -20.67 8.69
C LEU C 118 3.15 -20.26 7.55
N GLY C 119 2.04 -20.99 7.45
CA GLY C 119 0.97 -20.75 6.51
C GLY C 119 -0.27 -20.24 7.24
N VAL C 120 -0.99 -19.29 6.67
CA VAL C 120 -2.16 -18.70 7.34
C VAL C 120 -3.47 -19.11 6.74
N ILE C 121 -4.34 -19.71 7.55
CA ILE C 121 -5.73 -19.94 7.17
C ILE C 121 -6.55 -18.91 7.94
N TRP C 122 -7.26 -18.03 7.20
CA TRP C 122 -8.04 -16.93 7.74
C TRP C 122 -9.53 -17.19 7.51
N VAL C 123 -10.24 -17.57 8.59
CA VAL C 123 -11.67 -17.87 8.53
C VAL C 123 -12.43 -16.64 9.02
N ASP C 124 -13.14 -15.99 8.09
CA ASP C 124 -13.77 -14.72 8.34
C ASP C 124 -14.79 -14.41 7.27
N ALA C 125 -15.75 -13.52 7.59
CA ALA C 125 -16.69 -13.02 6.59
C ALA C 125 -16.00 -11.91 5.79
N HIS C 126 -14.94 -11.32 6.38
CA HIS C 126 -14.21 -10.18 5.82
C HIS C 126 -12.75 -10.50 5.54
N THR C 127 -12.11 -9.75 4.66
CA THR C 127 -10.69 -9.98 4.37
C THR C 127 -9.75 -9.34 5.42
N ASP C 128 -10.19 -8.23 6.11
CA ASP C 128 -9.37 -7.49 7.10
C ASP C 128 -8.02 -7.06 6.52
N ILE C 129 -8.02 -6.71 5.21
CA ILE C 129 -6.81 -6.38 4.46
C ILE C 129 -6.80 -4.90 4.00
N ASN C 130 -7.65 -4.05 4.62
CA ASN C 130 -7.62 -2.61 4.33
C ASN C 130 -6.33 -2.05 4.85
N THR C 131 -5.76 -1.07 4.18
CA THR C 131 -4.53 -0.46 4.67
C THR C 131 -4.97 0.80 5.43
N PRO C 132 -4.07 1.48 6.19
CA PRO C 132 -4.46 2.74 6.83
C PRO C 132 -4.98 3.79 5.85
N LEU C 133 -4.71 3.60 4.53
CA LEU C 133 -5.12 4.52 3.47
C LEU C 133 -6.35 4.08 2.66
N THR C 134 -6.67 2.75 2.62
CA THR C 134 -7.86 2.25 1.88
C THR C 134 -9.12 2.20 2.77
N THR C 135 -8.94 1.96 4.10
CA THR C 135 -10.03 1.93 5.09
C THR C 135 -10.96 3.17 5.00
N THR C 136 -12.26 2.97 5.21
CA THR C 136 -13.22 4.07 5.22
C THR C 136 -13.85 4.19 6.62
N SER C 137 -13.57 3.19 7.49
CA SER C 137 -14.07 3.14 8.86
C SER C 137 -13.03 3.63 9.86
N GLY C 138 -11.74 3.40 9.54
CA GLY C 138 -10.64 3.75 10.42
C GLY C 138 -10.50 2.79 11.58
N ASN C 139 -11.17 1.62 11.48
CA ASN C 139 -11.17 0.59 12.54
C ASN C 139 -10.12 -0.44 12.22
N LEU C 140 -9.07 -0.53 13.07
CA LEU C 140 -7.92 -1.39 12.80
C LEU C 140 -8.22 -2.89 12.76
N HIS C 141 -9.36 -3.37 13.34
CA HIS C 141 -9.71 -4.81 13.27
C HIS C 141 -9.94 -5.31 11.81
N GLY C 142 -10.17 -4.38 10.87
CA GLY C 142 -10.31 -4.68 9.46
C GLY C 142 -9.05 -4.35 8.64
N GLN C 143 -7.91 -4.20 9.31
CA GLN C 143 -6.65 -3.82 8.69
C GLN C 143 -5.44 -4.76 9.02
N PRO C 144 -5.55 -5.83 9.86
CA PRO C 144 -4.34 -6.55 10.27
C PRO C 144 -3.55 -7.25 9.17
N VAL C 145 -4.21 -7.79 8.13
CA VAL C 145 -3.49 -8.51 7.05
C VAL C 145 -2.59 -7.56 6.24
N SER C 146 -3.00 -6.28 6.06
CA SER C 146 -2.19 -5.31 5.31
C SER C 146 -0.85 -5.02 5.99
N PHE C 147 -0.81 -5.05 7.33
CA PHE C 147 0.43 -4.80 8.08
C PHE C 147 1.33 -6.02 8.04
N LEU C 148 0.75 -7.21 7.79
CA LEU C 148 1.48 -8.48 7.79
C LEU C 148 2.08 -8.86 6.43
N LEU C 149 1.43 -8.50 5.30
CA LEU C 149 1.88 -8.89 3.97
C LEU C 149 3.11 -8.17 3.50
N LYS C 150 4.14 -8.94 3.08
CA LYS C 150 5.40 -8.38 2.57
C LYS C 150 5.20 -7.54 1.34
N GLU C 151 4.30 -7.98 0.43
CA GLU C 151 3.98 -7.29 -0.82
C GLU C 151 3.30 -5.93 -0.63
N LEU C 152 2.77 -5.68 0.57
CA LEU C 152 2.13 -4.39 0.84
C LEU C 152 3.08 -3.40 1.52
N LYS C 153 4.38 -3.79 1.64
CA LYS C 153 5.43 -2.93 2.17
C LYS C 153 5.69 -1.82 1.14
N GLY C 154 5.57 -0.57 1.58
CA GLY C 154 5.69 0.59 0.72
C GLY C 154 4.34 1.24 0.52
N LYS C 155 3.27 0.43 0.66
CA LYS C 155 1.87 0.88 0.59
C LYS C 155 1.36 1.26 1.98
N ILE C 156 2.06 0.80 3.05
CA ILE C 156 1.67 1.10 4.43
C ILE C 156 2.41 2.35 4.93
N PRO C 157 1.69 3.43 5.32
CA PRO C 157 2.39 4.62 5.86
C PRO C 157 2.90 4.39 7.29
N ASP C 158 3.77 5.28 7.79
CA ASP C 158 4.28 5.21 9.16
C ASP C 158 3.16 5.60 10.14
N VAL C 159 2.53 4.58 10.75
CA VAL C 159 1.42 4.78 11.69
C VAL C 159 1.96 4.68 13.12
N PRO C 160 1.70 5.68 14.01
CA PRO C 160 2.21 5.60 15.38
C PRO C 160 1.74 4.34 16.10
N GLY C 161 2.69 3.60 16.67
CA GLY C 161 2.42 2.36 17.38
C GLY C 161 2.78 1.12 16.59
N PHE C 162 3.05 1.28 15.28
CA PHE C 162 3.34 0.15 14.38
C PHE C 162 4.77 0.12 13.86
N SER C 163 5.68 0.89 14.46
CA SER C 163 7.09 0.96 14.07
C SER C 163 7.79 -0.40 14.23
N TRP C 164 7.36 -1.19 15.24
CA TRP C 164 7.93 -2.50 15.55
C TRP C 164 7.59 -3.55 14.48
N VAL C 165 6.48 -3.35 13.75
CA VAL C 165 5.99 -4.27 12.72
C VAL C 165 6.98 -4.44 11.56
N THR C 166 7.20 -5.69 11.16
CA THR C 166 7.95 -6.05 9.99
C THR C 166 7.10 -7.08 9.24
N PRO C 167 6.69 -6.81 7.97
CA PRO C 167 5.89 -7.80 7.24
C PRO C 167 6.55 -9.17 7.25
N CYS C 168 5.80 -10.19 7.69
CA CYS C 168 6.31 -11.54 7.93
C CYS C 168 5.72 -12.62 7.02
N ILE C 169 4.62 -12.32 6.33
CA ILE C 169 3.99 -13.30 5.44
C ILE C 169 3.87 -12.78 4.00
N SER C 170 4.03 -13.67 3.03
CA SER C 170 3.85 -13.33 1.62
C SER C 170 2.39 -13.65 1.23
N ALA C 171 1.86 -12.95 0.20
CA ALA C 171 0.48 -13.11 -0.28
C ALA C 171 0.11 -14.56 -0.69
N LYS C 172 1.14 -15.39 -0.99
CA LYS C 172 0.99 -16.79 -1.36
C LYS C 172 0.91 -17.70 -0.13
N ASP C 173 1.11 -17.14 1.08
CA ASP C 173 1.09 -17.92 2.34
C ASP C 173 -0.20 -17.82 3.12
N ILE C 174 -1.24 -17.20 2.54
CA ILE C 174 -2.53 -17.01 3.21
C ILE C 174 -3.72 -17.54 2.38
N VAL C 175 -4.66 -18.26 3.05
CA VAL C 175 -5.88 -18.76 2.43
C VAL C 175 -7.05 -18.25 3.27
N TYR C 176 -7.99 -17.53 2.62
CA TYR C 176 -9.22 -17.07 3.27
C TYR C 176 -10.32 -18.09 3.04
N ILE C 177 -11.24 -18.25 4.03
CA ILE C 177 -12.40 -19.13 3.95
C ILE C 177 -13.58 -18.42 4.60
N GLY C 178 -14.67 -18.27 3.85
CA GLY C 178 -15.92 -17.70 4.36
C GLY C 178 -16.28 -16.28 3.93
N LEU C 179 -15.42 -15.63 3.11
CA LEU C 179 -15.65 -14.23 2.68
C LEU C 179 -17.03 -13.96 2.07
N ARG C 180 -17.63 -12.80 2.40
CA ARG C 180 -18.94 -12.39 1.89
C ARG C 180 -19.20 -10.89 2.01
N ASP C 181 -18.24 -10.14 2.62
CA ASP C 181 -18.35 -8.70 2.76
C ASP C 181 -16.98 -8.08 2.65
N VAL C 182 -16.53 -7.89 1.42
CA VAL C 182 -15.18 -7.40 1.08
C VAL C 182 -15.30 -6.01 0.46
N ASP C 183 -14.55 -5.00 0.98
CA ASP C 183 -14.59 -3.62 0.45
C ASP C 183 -13.93 -3.54 -0.96
N PRO C 184 -14.29 -2.52 -1.80
CA PRO C 184 -13.67 -2.41 -3.14
C PRO C 184 -12.13 -2.40 -3.15
N GLY C 185 -11.53 -1.65 -2.24
CA GLY C 185 -10.08 -1.61 -2.09
C GLY C 185 -9.51 -2.97 -1.69
N GLU C 186 -10.25 -3.73 -0.83
CA GLU C 186 -9.82 -5.07 -0.39
C GLU C 186 -9.88 -6.06 -1.54
N HIS C 187 -10.96 -5.99 -2.36
CA HIS C 187 -11.13 -6.83 -3.53
C HIS C 187 -10.02 -6.53 -4.54
N TYR C 188 -9.64 -5.25 -4.72
CA TYR C 188 -8.53 -4.86 -5.60
C TYR C 188 -7.20 -5.50 -5.14
N ILE C 189 -6.90 -5.42 -3.83
CA ILE C 189 -5.68 -5.99 -3.23
C ILE C 189 -5.64 -7.51 -3.45
N LEU C 190 -6.77 -8.18 -3.17
CA LEU C 190 -6.98 -9.61 -3.33
C LEU C 190 -6.66 -10.04 -4.78
N LYS C 191 -7.20 -9.29 -5.77
CA LYS C 191 -7.01 -9.56 -7.20
C LYS C 191 -5.62 -9.23 -7.73
N THR C 192 -5.06 -8.05 -7.38
CA THR C 192 -3.72 -7.64 -7.87
C THR C 192 -2.57 -8.37 -7.20
N LEU C 193 -2.81 -9.01 -6.05
CA LEU C 193 -1.76 -9.73 -5.34
C LEU C 193 -1.86 -11.23 -5.51
N GLY C 194 -2.90 -11.70 -6.21
CA GLY C 194 -3.11 -13.12 -6.48
C GLY C 194 -3.29 -13.97 -5.23
N ILE C 195 -4.03 -13.43 -4.25
CA ILE C 195 -4.31 -14.10 -2.98
C ILE C 195 -5.29 -15.23 -3.18
N LYS C 196 -4.98 -16.42 -2.61
CA LYS C 196 -5.87 -17.57 -2.66
C LYS C 196 -7.05 -17.33 -1.70
N TYR C 197 -8.28 -17.46 -2.20
CA TYR C 197 -9.47 -17.28 -1.35
C TYR C 197 -10.60 -18.22 -1.72
N PHE C 198 -11.48 -18.47 -0.75
CA PHE C 198 -12.68 -19.26 -0.89
C PHE C 198 -13.81 -18.44 -0.26
N SER C 199 -14.45 -17.54 -1.06
CA SER C 199 -15.57 -16.76 -0.58
C SER C 199 -16.76 -17.72 -0.45
N MET C 200 -17.88 -17.27 0.13
CA MET C 200 -19.05 -18.12 0.30
C MET C 200 -19.48 -18.72 -1.04
N THR C 201 -19.27 -17.97 -2.15
CA THR C 201 -19.53 -18.42 -3.53
C THR C 201 -18.77 -19.73 -3.84
N GLU C 202 -17.48 -19.78 -3.49
CA GLU C 202 -16.66 -20.98 -3.72
C GLU C 202 -17.10 -22.13 -2.80
N VAL C 203 -17.46 -21.83 -1.55
CA VAL C 203 -17.91 -22.87 -0.60
C VAL C 203 -19.23 -23.46 -1.11
N ASP C 204 -20.09 -22.63 -1.72
CA ASP C 204 -21.36 -23.06 -2.34
C ASP C 204 -21.11 -23.96 -3.56
N ARG C 205 -20.16 -23.54 -4.42
CA ARG C 205 -19.76 -24.26 -5.64
C ARG C 205 -19.16 -25.63 -5.33
N LEU C 206 -18.16 -25.66 -4.47
CA LEU C 206 -17.33 -26.82 -4.22
C LEU C 206 -17.75 -27.75 -3.07
N GLY C 207 -18.34 -27.17 -2.03
CA GLY C 207 -18.64 -27.90 -0.80
C GLY C 207 -17.43 -27.78 0.12
N ILE C 208 -17.65 -27.84 1.45
CA ILE C 208 -16.56 -27.65 2.42
C ILE C 208 -15.40 -28.70 2.28
N GLY C 209 -15.71 -29.93 1.86
CA GLY C 209 -14.68 -30.96 1.67
C GLY C 209 -13.65 -30.56 0.64
N LYS C 210 -14.11 -30.15 -0.56
CA LYS C 210 -13.24 -29.71 -1.67
C LYS C 210 -12.42 -28.48 -1.28
N VAL C 211 -13.06 -27.50 -0.58
CA VAL C 211 -12.42 -26.29 -0.07
C VAL C 211 -11.25 -26.68 0.85
N MET C 212 -11.51 -27.57 1.81
CA MET C 212 -10.48 -28.04 2.72
C MET C 212 -9.38 -28.80 2.02
N GLU C 213 -9.72 -29.70 1.06
CA GLU C 213 -8.73 -30.43 0.26
C GLU C 213 -7.81 -29.47 -0.48
N GLU C 214 -8.37 -28.41 -1.07
CA GLU C 214 -7.60 -27.42 -1.82
C GLU C 214 -6.80 -26.47 -0.90
N THR C 215 -7.38 -26.08 0.25
CA THR C 215 -6.71 -25.18 1.21
C THR C 215 -5.41 -25.83 1.73
N LEU C 216 -5.51 -27.07 2.25
CA LEU C 216 -4.36 -27.79 2.81
C LEU C 216 -3.33 -28.15 1.73
N SER C 217 -3.79 -28.51 0.53
CA SER C 217 -2.92 -28.81 -0.63
C SER C 217 -2.15 -27.57 -1.09
N TYR C 218 -2.77 -26.40 -1.03
CA TYR C 218 -2.14 -25.14 -1.45
C TYR C 218 -1.01 -24.73 -0.53
N LEU C 219 -1.19 -24.90 0.79
CA LEU C 219 -0.18 -24.50 1.77
C LEU C 219 0.83 -25.60 2.06
N LEU C 220 0.39 -26.87 2.03
CA LEU C 220 1.22 -28.03 2.43
C LEU C 220 1.76 -28.91 1.28
N GLY C 221 1.27 -28.70 0.06
CA GLY C 221 1.61 -29.48 -1.14
C GLY C 221 3.09 -29.72 -1.39
N ARG C 222 3.93 -28.68 -1.24
CA ARG C 222 5.38 -28.76 -1.46
C ARG C 222 6.08 -29.60 -0.37
N LYS C 223 5.68 -29.42 0.90
CA LYS C 223 6.21 -30.09 2.10
C LYS C 223 5.47 -29.55 3.32
N LYS C 224 5.50 -30.32 4.43
CA LYS C 224 4.87 -29.89 5.68
C LYS C 224 5.51 -28.63 6.20
N ARG C 225 4.67 -27.68 6.62
CA ARG C 225 5.05 -26.38 7.18
C ARG C 225 4.03 -26.04 8.29
N PRO C 226 4.37 -25.18 9.30
CA PRO C 226 3.39 -24.91 10.38
C PRO C 226 2.17 -24.12 9.89
N ILE C 227 1.03 -24.32 10.57
CA ILE C 227 -0.22 -23.65 10.22
C ILE C 227 -0.70 -22.73 11.36
N HIS C 228 -1.12 -21.50 10.98
CA HIS C 228 -1.74 -20.54 11.87
C HIS C 228 -3.18 -20.38 11.42
N LEU C 229 -4.13 -20.69 12.30
CA LEU C 229 -5.52 -20.50 11.97
C LEU C 229 -5.99 -19.27 12.72
N SER C 230 -6.49 -18.27 11.98
CA SER C 230 -7.04 -17.06 12.57
C SER C 230 -8.56 -17.13 12.43
N PHE C 231 -9.23 -17.49 13.51
CA PHE C 231 -10.67 -17.69 13.46
C PHE C 231 -11.47 -16.49 13.99
N ASP C 232 -12.10 -15.77 13.09
CA ASP C 232 -13.04 -14.72 13.44
C ASP C 232 -14.44 -15.39 13.48
N VAL C 233 -15.12 -15.34 14.63
CA VAL C 233 -16.45 -16.00 14.81
C VAL C 233 -17.54 -15.47 13.82
N ASP C 234 -17.32 -14.30 13.16
CA ASP C 234 -18.25 -13.77 12.16
C ASP C 234 -18.10 -14.49 10.78
N GLY C 235 -17.14 -15.42 10.69
CA GLY C 235 -17.00 -16.29 9.52
C GLY C 235 -18.19 -17.24 9.50
N LEU C 236 -18.62 -17.65 10.70
CA LEU C 236 -19.81 -18.48 10.88
C LEU C 236 -21.02 -17.59 10.78
N ASP C 237 -22.16 -18.15 10.33
CA ASP C 237 -23.42 -17.44 10.17
C ASP C 237 -23.94 -16.92 11.52
N PRO C 238 -24.53 -15.70 11.58
CA PRO C 238 -25.02 -15.17 12.87
C PRO C 238 -26.09 -16.02 13.55
N SER C 239 -26.59 -17.08 12.87
CA SER C 239 -27.56 -17.99 13.48
C SER C 239 -26.82 -18.90 14.48
N PHE C 240 -25.47 -18.98 14.36
CA PHE C 240 -24.62 -19.76 15.26
C PHE C 240 -23.80 -18.88 16.18
N THR C 241 -23.29 -17.74 15.66
CA THR C 241 -22.48 -16.80 16.44
C THR C 241 -23.05 -15.35 16.38
N PRO C 242 -24.24 -15.06 16.96
CA PRO C 242 -24.79 -13.70 16.88
C PRO C 242 -24.05 -12.63 17.68
N ALA C 243 -23.48 -13.01 18.85
CA ALA C 243 -22.78 -12.08 19.74
C ALA C 243 -21.41 -11.69 19.18
N THR C 244 -21.42 -10.84 18.13
CA THR C 244 -20.24 -10.37 17.40
C THR C 244 -20.54 -9.02 16.75
N GLY C 245 -19.49 -8.20 16.62
CA GLY C 245 -19.55 -6.83 16.15
C GLY C 245 -19.97 -6.56 14.72
N THR C 246 -19.50 -7.37 13.78
CA THR C 246 -19.77 -7.16 12.37
C THR C 246 -20.41 -8.43 11.78
N PRO C 247 -21.67 -8.77 12.15
CA PRO C 247 -22.28 -9.99 11.62
C PRO C 247 -22.73 -9.83 10.16
N VAL C 248 -22.59 -10.90 9.36
CA VAL C 248 -23.02 -10.92 7.95
C VAL C 248 -23.80 -12.22 7.71
N VAL C 249 -25.05 -12.12 7.19
CA VAL C 249 -25.88 -13.30 6.86
C VAL C 249 -25.25 -14.16 5.73
N GLY C 250 -25.65 -15.42 5.63
CA GLY C 250 -25.16 -16.34 4.60
C GLY C 250 -23.77 -16.87 4.89
N GLY C 251 -23.50 -17.12 6.17
CA GLY C 251 -22.18 -17.58 6.60
C GLY C 251 -22.00 -19.06 6.69
N LEU C 252 -20.78 -19.49 7.06
CA LEU C 252 -20.46 -20.90 7.23
C LEU C 252 -21.31 -21.48 8.33
N THR C 253 -21.87 -22.68 8.12
CA THR C 253 -22.70 -23.33 9.14
C THR C 253 -21.84 -23.83 10.33
N TYR C 254 -22.50 -24.28 11.40
CA TYR C 254 -21.85 -24.89 12.57
C TYR C 254 -21.05 -26.11 12.12
N ARG C 255 -21.67 -26.98 11.28
CA ARG C 255 -21.06 -28.19 10.71
C ARG C 255 -19.82 -27.82 9.85
N GLU C 256 -19.94 -26.80 8.98
CA GLU C 256 -18.80 -26.39 8.16
C GLU C 256 -17.62 -25.86 9.00
N GLY C 257 -17.92 -25.10 10.05
CA GLY C 257 -16.90 -24.58 10.95
C GLY C 257 -16.16 -25.70 11.63
N LEU C 258 -16.91 -26.72 12.11
CA LEU C 258 -16.35 -27.91 12.76
C LEU C 258 -15.50 -28.71 11.79
N TYR C 259 -15.97 -28.86 10.51
CA TYR C 259 -15.23 -29.59 9.48
C TYR C 259 -13.85 -28.99 9.22
N ILE C 260 -13.78 -27.65 9.03
CA ILE C 260 -12.51 -26.93 8.78
C ILE C 260 -11.52 -27.24 9.94
N THR C 261 -11.99 -27.10 11.18
CA THR C 261 -11.14 -27.25 12.35
C THR C 261 -10.75 -28.74 12.58
N GLU C 262 -11.65 -29.71 12.28
CA GLU C 262 -11.32 -31.14 12.36
C GLU C 262 -10.20 -31.50 11.35
N GLU C 263 -10.32 -30.99 10.11
CA GLU C 263 -9.36 -31.25 9.05
C GLU C 263 -7.98 -30.67 9.35
N ILE C 264 -7.95 -29.45 9.91
CA ILE C 264 -6.72 -28.77 10.34
C ILE C 264 -6.06 -29.60 11.46
N TYR C 265 -6.85 -30.06 12.48
CA TYR C 265 -6.29 -30.88 13.56
C TYR C 265 -5.55 -32.07 13.00
N LYS C 266 -6.25 -32.86 12.13
CA LYS C 266 -5.77 -34.11 11.53
C LYS C 266 -4.42 -34.03 10.85
N THR C 267 -4.02 -32.84 10.36
CA THR C 267 -2.71 -32.65 9.72
C THR C 267 -1.58 -32.70 10.75
N GLY C 268 -1.91 -32.34 12.00
CA GLY C 268 -0.97 -32.27 13.12
C GLY C 268 0.00 -31.12 12.99
N LEU C 269 -0.38 -30.10 12.19
CA LEU C 269 0.47 -28.95 11.89
C LEU C 269 -0.04 -27.63 12.46
N LEU C 270 -1.14 -27.66 13.26
CA LEU C 270 -1.62 -26.44 13.90
C LEU C 270 -0.54 -26.00 14.87
N SER C 271 -0.12 -24.74 14.76
CA SER C 271 1.02 -24.20 15.49
C SER C 271 0.59 -22.95 16.26
N GLY C 272 -0.42 -22.26 15.72
CA GLY C 272 -0.99 -21.05 16.28
C GLY C 272 -2.46 -21.00 15.99
N LEU C 273 -3.26 -20.48 16.94
CA LEU C 273 -4.71 -20.35 16.81
C LEU C 273 -5.25 -19.07 17.44
N ASP C 274 -6.08 -18.31 16.69
CA ASP C 274 -6.77 -17.10 17.16
C ASP C 274 -8.28 -17.32 17.20
N ILE C 275 -8.93 -17.09 18.35
CA ILE C 275 -10.40 -17.19 18.46
C ILE C 275 -10.88 -15.78 18.80
N MET C 276 -11.25 -15.03 17.74
CA MET C 276 -11.50 -13.60 17.83
C MET C 276 -12.94 -13.14 17.67
N GLU C 277 -13.19 -11.90 18.13
CA GLU C 277 -14.40 -11.13 17.91
C GLU C 277 -15.67 -11.65 18.63
N VAL C 278 -15.52 -12.45 19.70
CA VAL C 278 -16.68 -12.85 20.48
C VAL C 278 -17.01 -11.63 21.37
N ASN C 279 -18.23 -11.05 21.22
CA ASN C 279 -18.63 -9.91 22.02
C ASN C 279 -19.89 -10.28 22.84
N PRO C 280 -19.69 -10.59 24.14
CA PRO C 280 -20.81 -11.05 24.97
C PRO C 280 -21.83 -9.95 25.33
N SER C 281 -21.49 -8.68 25.04
CA SER C 281 -22.43 -7.58 25.29
C SER C 281 -23.30 -7.31 24.04
N LEU C 282 -23.06 -8.07 22.95
CA LEU C 282 -23.79 -7.94 21.67
C LEU C 282 -24.85 -9.05 21.41
N GLY C 283 -25.15 -9.85 22.41
CA GLY C 283 -26.21 -10.83 22.30
C GLY C 283 -27.54 -10.18 22.68
N LYS C 284 -28.55 -10.25 21.78
CA LYS C 284 -29.90 -9.68 22.02
C LYS C 284 -30.58 -10.31 23.25
N THR C 285 -30.27 -11.59 23.53
CA THR C 285 -30.78 -12.32 24.68
C THR C 285 -29.56 -12.97 25.37
N PRO C 286 -29.67 -13.48 26.62
CA PRO C 286 -28.53 -14.19 27.21
C PRO C 286 -28.23 -15.51 26.46
N GLU C 287 -29.27 -16.13 25.84
CA GLU C 287 -29.12 -17.35 25.05
C GLU C 287 -28.28 -17.11 23.81
N GLU C 288 -28.41 -15.92 23.18
CA GLU C 288 -27.63 -15.55 22.00
C GLU C 288 -26.13 -15.46 22.32
N VAL C 289 -25.82 -15.09 23.58
CA VAL C 289 -24.44 -15.01 24.07
C VAL C 289 -23.91 -16.42 24.30
N THR C 290 -24.67 -17.25 25.04
CA THR C 290 -24.22 -18.61 25.37
C THR C 290 -24.12 -19.49 24.13
N ARG C 291 -24.91 -19.19 23.07
CA ARG C 291 -24.85 -19.88 21.79
C ARG C 291 -23.50 -19.58 21.13
N THR C 292 -23.17 -18.26 21.02
CA THR C 292 -21.92 -17.81 20.40
C THR C 292 -20.72 -18.41 21.10
N VAL C 293 -20.73 -18.37 22.45
CA VAL C 293 -19.66 -18.89 23.29
C VAL C 293 -19.52 -20.40 23.14
N ASN C 294 -20.65 -21.14 23.17
CA ASN C 294 -20.63 -22.59 22.97
C ASN C 294 -20.10 -22.94 21.59
N THR C 295 -20.50 -22.17 20.56
CA THR C 295 -20.01 -22.37 19.19
C THR C 295 -18.50 -22.12 19.16
N ALA C 296 -18.03 -21.00 19.77
CA ALA C 296 -16.61 -20.65 19.85
C ALA C 296 -15.77 -21.73 20.57
N VAL C 297 -16.29 -22.27 21.69
CA VAL C 297 -15.66 -23.37 22.42
C VAL C 297 -15.59 -24.65 21.55
N ALA C 298 -16.73 -25.05 20.94
CA ALA C 298 -16.80 -26.24 20.07
C ALA C 298 -15.72 -26.21 18.98
N ILE C 299 -15.59 -25.08 18.26
CA ILE C 299 -14.58 -24.83 17.23
C ILE C 299 -13.16 -25.02 17.81
N THR C 300 -12.89 -24.45 19.01
CA THR C 300 -11.59 -24.57 19.66
C THR C 300 -11.28 -26.04 20.05
N LEU C 301 -12.28 -26.79 20.54
CA LEU C 301 -12.06 -28.19 20.93
C LEU C 301 -11.73 -29.08 19.73
N ALA C 302 -12.36 -28.79 18.57
CA ALA C 302 -12.17 -29.48 17.29
C ALA C 302 -10.76 -29.23 16.77
N CYS C 303 -10.22 -28.03 17.03
CA CYS C 303 -8.83 -27.67 16.69
C CYS C 303 -7.84 -28.53 17.42
N PHE C 304 -8.23 -29.03 18.61
CA PHE C 304 -7.36 -29.84 19.47
C PHE C 304 -7.81 -31.31 19.64
N GLY C 305 -8.47 -31.85 18.62
CA GLY C 305 -8.74 -33.29 18.58
C GLY C 305 -10.13 -33.83 18.74
N LEU C 306 -11.08 -33.03 19.29
CA LEU C 306 -12.45 -33.50 19.49
C LEU C 306 -13.08 -33.84 18.14
N ALA C 307 -13.47 -35.10 17.96
CA ALA C 307 -14.01 -35.60 16.69
C ALA C 307 -15.45 -35.95 16.80
N ARG C 308 -16.24 -35.65 15.76
CA ARG C 308 -17.67 -35.96 15.76
C ARG C 308 -17.96 -37.45 15.67
N GLU C 309 -17.04 -38.23 15.06
CA GLU C 309 -17.17 -39.69 14.96
C GLU C 309 -16.92 -40.35 16.30
N GLY C 310 -16.30 -39.59 17.22
CA GLY C 310 -15.96 -40.05 18.55
C GLY C 310 -14.46 -40.02 18.80
N ASN C 311 -14.08 -40.13 20.07
CA ASN C 311 -12.70 -40.16 20.53
C ASN C 311 -12.55 -41.25 21.57
N HIS C 312 -11.37 -41.89 21.63
CA HIS C 312 -11.06 -42.89 22.67
C HIS C 312 -9.57 -42.93 22.99
N LYS C 313 -9.24 -43.18 24.28
CA LYS C 313 -7.86 -43.31 24.76
C LYS C 313 -7.25 -44.64 24.26
N PRO C 314 -5.90 -44.73 24.08
CA PRO C 314 -5.32 -46.00 23.59
C PRO C 314 -5.27 -47.11 24.66
N ILE C 315 -6.46 -47.65 25.01
CA ILE C 315 -6.68 -48.72 25.99
C ILE C 315 -7.72 -49.73 25.42
N ASP C 316 -7.97 -50.87 26.13
CA ASP C 316 -8.96 -51.86 25.71
C ASP C 316 -10.24 -51.65 26.52
N TYR C 317 -11.27 -51.03 25.91
CA TYR C 317 -12.55 -50.73 26.58
C TYR C 317 -13.42 -51.98 26.79
N LEU C 318 -13.24 -53.03 25.97
CA LEU C 318 -14.02 -54.27 26.05
C LEU C 318 -13.54 -55.26 27.15
N ASN C 319 -12.46 -54.91 27.89
CA ASN C 319 -11.94 -55.75 28.97
C ASN C 319 -11.88 -54.97 30.29
N ALA D 3 -23.18 -0.66 -19.10
CA ALA D 3 -23.02 -2.11 -19.20
C ALA D 3 -24.38 -2.78 -19.36
N LYS D 4 -24.55 -3.58 -20.42
CA LYS D 4 -25.82 -4.29 -20.73
C LYS D 4 -26.38 -5.08 -19.55
N SER D 5 -25.52 -5.87 -18.85
CA SER D 5 -25.90 -6.68 -17.68
C SER D 5 -26.28 -5.83 -16.45
N ARG D 6 -26.08 -4.50 -16.55
CA ARG D 6 -26.37 -3.57 -15.47
C ARG D 6 -27.22 -2.38 -15.93
N THR D 7 -27.94 -2.51 -17.06
CA THR D 7 -28.89 -1.51 -17.59
C THR D 7 -30.29 -2.12 -17.35
N ILE D 8 -31.11 -1.47 -16.51
CA ILE D 8 -32.37 -2.02 -16.04
C ILE D 8 -33.57 -1.09 -16.22
N GLY D 9 -34.72 -1.69 -16.51
CA GLY D 9 -36.02 -1.04 -16.57
C GLY D 9 -36.96 -1.65 -15.55
N ILE D 10 -37.27 -0.90 -14.47
CA ILE D 10 -38.13 -1.37 -13.37
C ILE D 10 -39.59 -1.25 -13.76
N ILE D 11 -40.36 -2.34 -13.58
CA ILE D 11 -41.80 -2.39 -13.82
C ILE D 11 -42.46 -2.92 -12.56
N GLY D 12 -43.28 -2.09 -11.94
CA GLY D 12 -44.06 -2.48 -10.78
C GLY D 12 -45.36 -3.07 -11.26
N ALA D 13 -45.65 -4.31 -10.86
CA ALA D 13 -46.84 -5.04 -11.25
C ALA D 13 -47.63 -5.41 -9.99
N PRO D 14 -48.38 -4.43 -9.41
CA PRO D 14 -49.12 -4.71 -8.18
C PRO D 14 -50.43 -5.43 -8.50
N PHE D 15 -50.34 -6.74 -8.67
CA PHE D 15 -51.50 -7.55 -9.04
C PHE D 15 -51.62 -8.75 -8.12
N SER D 16 -52.84 -9.05 -7.66
CA SER D 16 -53.05 -10.13 -6.68
C SER D 16 -54.08 -11.19 -7.07
N LYS D 17 -54.91 -10.90 -8.06
CA LYS D 17 -56.03 -11.75 -8.45
C LYS D 17 -55.64 -13.11 -9.11
N GLY D 18 -54.35 -13.43 -9.12
CA GLY D 18 -53.88 -14.74 -9.56
C GLY D 18 -53.95 -15.75 -8.43
N GLN D 19 -54.15 -15.26 -7.18
CA GLN D 19 -54.25 -16.10 -5.96
C GLN D 19 -55.25 -15.52 -4.92
N PRO D 20 -55.70 -16.33 -3.92
CA PRO D 20 -56.73 -15.82 -3.00
C PRO D 20 -56.28 -14.89 -1.88
N ARG D 21 -54.96 -14.82 -1.59
CA ARG D 21 -54.46 -14.05 -0.44
C ARG D 21 -54.11 -12.62 -0.78
N GLY D 22 -54.83 -11.68 -0.16
CA GLY D 22 -54.60 -10.24 -0.34
C GLY D 22 -53.30 -9.78 0.28
N GLY D 23 -52.68 -8.78 -0.34
CA GLY D 23 -51.44 -8.18 0.13
C GLY D 23 -50.28 -8.21 -0.86
N VAL D 24 -50.22 -9.28 -1.71
CA VAL D 24 -49.11 -9.49 -2.67
C VAL D 24 -48.99 -8.33 -3.66
N GLU D 25 -50.08 -7.55 -3.84
CA GLU D 25 -50.06 -6.38 -4.72
C GLU D 25 -49.18 -5.25 -4.15
N GLU D 26 -48.80 -5.35 -2.86
CA GLU D 26 -47.95 -4.34 -2.21
C GLU D 26 -46.46 -4.66 -2.34
N GLY D 27 -46.14 -5.79 -3.00
CA GLY D 27 -44.77 -6.21 -3.29
C GLY D 27 -43.93 -5.11 -3.92
N PRO D 28 -44.38 -4.43 -5.01
CA PRO D 28 -43.55 -3.36 -5.60
C PRO D 28 -43.24 -2.22 -4.63
N THR D 29 -44.23 -1.83 -3.76
CA THR D 29 -44.09 -0.76 -2.76
C THR D 29 -42.98 -1.07 -1.75
N VAL D 30 -43.03 -2.24 -1.09
CA VAL D 30 -42.06 -2.63 -0.06
C VAL D 30 -40.66 -2.85 -0.64
N LEU D 31 -40.55 -3.42 -1.86
CA LEU D 31 -39.24 -3.61 -2.49
C LEU D 31 -38.59 -2.25 -2.81
N ARG D 32 -39.42 -1.25 -3.28
CA ARG D 32 -38.95 0.12 -3.54
C ARG D 32 -38.61 0.82 -2.22
N LYS D 33 -39.45 0.64 -1.17
CA LYS D 33 -39.27 1.26 0.16
C LYS D 33 -37.96 0.82 0.80
N ALA D 34 -37.57 -0.45 0.57
CA ALA D 34 -36.31 -0.99 1.10
C ALA D 34 -35.07 -0.49 0.33
N GLY D 35 -35.25 0.51 -0.54
CA GLY D 35 -34.18 1.15 -1.30
C GLY D 35 -33.53 0.34 -2.41
N LEU D 36 -34.31 -0.55 -3.08
CA LEU D 36 -33.82 -1.39 -4.20
C LEU D 36 -33.20 -0.56 -5.32
N LEU D 37 -33.86 0.54 -5.72
CA LEU D 37 -33.38 1.43 -6.80
C LEU D 37 -32.05 2.09 -6.43
N GLU D 38 -31.92 2.57 -5.17
CA GLU D 38 -30.71 3.28 -4.69
C GLU D 38 -29.53 2.32 -4.54
N LYS D 39 -29.79 1.11 -4.04
CA LYS D 39 -28.77 0.06 -3.87
C LYS D 39 -28.25 -0.38 -5.23
N LEU D 40 -29.16 -0.49 -6.25
CA LEU D 40 -28.76 -0.91 -7.61
C LEU D 40 -27.85 0.14 -8.28
N LYS D 41 -28.13 1.43 -8.09
CA LYS D 41 -27.33 2.53 -8.65
C LYS D 41 -25.97 2.68 -7.95
N GLU D 42 -25.87 2.25 -6.68
CA GLU D 42 -24.61 2.28 -5.93
C GLU D 42 -23.72 1.10 -6.32
N GLN D 43 -24.25 0.26 -7.22
CA GLN D 43 -23.70 -0.98 -7.73
C GLN D 43 -23.43 -0.81 -9.25
N GLU D 44 -23.22 0.44 -9.69
CA GLU D 44 -22.90 0.87 -11.06
C GLU D 44 -23.95 0.45 -12.12
N CYS D 45 -25.24 0.43 -11.71
CA CYS D 45 -26.37 0.11 -12.59
C CYS D 45 -27.06 1.35 -13.14
N ASP D 46 -27.43 1.30 -14.43
CA ASP D 46 -28.22 2.28 -15.15
C ASP D 46 -29.67 1.85 -14.91
N VAL D 47 -30.40 2.60 -14.09
CA VAL D 47 -31.77 2.24 -13.69
C VAL D 47 -32.80 3.30 -14.10
N LYS D 48 -33.89 2.84 -14.76
CA LYS D 48 -35.02 3.68 -15.12
C LYS D 48 -36.27 3.00 -14.61
N ASP D 49 -36.96 3.64 -13.67
CA ASP D 49 -38.19 3.14 -13.09
C ASP D 49 -39.37 3.57 -13.95
N TYR D 50 -40.05 2.58 -14.58
CA TYR D 50 -41.20 2.81 -15.46
C TYR D 50 -42.51 2.94 -14.67
N GLY D 51 -42.40 2.95 -13.34
CA GLY D 51 -43.51 3.10 -12.41
C GLY D 51 -44.33 1.83 -12.26
N ASP D 52 -45.42 1.92 -11.47
CA ASP D 52 -46.33 0.80 -11.25
C ASP D 52 -47.44 0.83 -12.29
N LEU D 53 -47.71 -0.33 -12.89
CA LEU D 53 -48.77 -0.49 -13.87
C LEU D 53 -50.12 -0.32 -13.22
N PRO D 54 -51.01 0.47 -13.84
CA PRO D 54 -52.36 0.55 -13.31
C PRO D 54 -53.14 -0.66 -13.84
N PHE D 55 -53.66 -1.44 -12.94
CA PHE D 55 -54.48 -2.55 -13.36
C PHE D 55 -55.87 -2.15 -12.99
N ALA D 56 -56.54 -1.40 -13.90
CA ALA D 56 -57.92 -0.90 -13.67
C ALA D 56 -58.82 -2.06 -13.30
N ASP D 57 -59.64 -1.86 -12.29
CA ASP D 57 -60.53 -2.89 -11.77
C ASP D 57 -61.40 -3.51 -12.86
N ILE D 58 -61.48 -4.83 -12.88
CA ILE D 58 -62.33 -5.54 -13.82
C ILE D 58 -63.41 -6.20 -12.96
N PRO D 59 -64.48 -5.45 -12.64
CA PRO D 59 -65.56 -6.06 -11.87
C PRO D 59 -66.33 -6.97 -12.84
N ASN D 60 -67.12 -7.90 -12.32
CA ASN D 60 -67.84 -8.85 -13.19
C ASN D 60 -66.82 -9.72 -13.94
N ASP D 61 -66.11 -10.52 -13.15
CA ASP D 61 -65.10 -11.45 -13.62
C ASP D 61 -65.39 -12.78 -12.96
N SER D 62 -66.49 -13.41 -13.40
CA SER D 62 -66.95 -14.69 -12.88
C SER D 62 -65.99 -15.81 -13.32
N PRO D 63 -65.93 -16.95 -12.58
CA PRO D 63 -64.94 -17.99 -12.92
C PRO D 63 -65.20 -18.72 -14.23
N PHE D 64 -64.10 -19.19 -14.86
CA PHE D 64 -64.15 -20.07 -16.00
C PHE D 64 -63.97 -21.45 -15.38
N GLN D 65 -65.07 -22.21 -15.26
CA GLN D 65 -65.09 -23.50 -14.55
C GLN D 65 -64.71 -23.23 -13.07
N ILE D 66 -63.51 -23.62 -12.64
CA ILE D 66 -63.05 -23.34 -11.28
C ILE D 66 -61.93 -22.27 -11.28
N VAL D 67 -61.52 -21.81 -12.47
CA VAL D 67 -60.47 -20.81 -12.67
C VAL D 67 -60.96 -19.40 -12.27
N LYS D 68 -60.39 -18.84 -11.19
CA LYS D 68 -60.83 -17.55 -10.64
C LYS D 68 -60.19 -16.31 -11.28
N ASN D 69 -61.00 -15.25 -11.43
CA ASN D 69 -60.62 -13.94 -12.00
C ASN D 69 -59.85 -14.08 -13.30
N PRO D 70 -60.37 -14.81 -14.32
CA PRO D 70 -59.57 -15.03 -15.55
C PRO D 70 -59.34 -13.79 -16.41
N ARG D 71 -60.31 -12.87 -16.46
CA ARG D 71 -60.18 -11.68 -17.31
C ARG D 71 -59.19 -10.69 -16.76
N SER D 72 -59.12 -10.57 -15.42
CA SER D 72 -58.20 -9.69 -14.68
C SER D 72 -56.79 -10.17 -14.87
N VAL D 73 -56.55 -11.49 -14.64
CA VAL D 73 -55.24 -12.15 -14.81
C VAL D 73 -54.77 -12.05 -16.26
N GLY D 74 -55.68 -12.34 -17.21
CA GLY D 74 -55.42 -12.23 -18.63
C GLY D 74 -55.03 -10.83 -19.07
N LYS D 75 -55.80 -9.80 -18.60
CA LYS D 75 -55.53 -8.40 -18.95
C LYS D 75 -54.27 -7.86 -18.26
N ALA D 76 -54.02 -8.27 -16.99
CA ALA D 76 -52.82 -7.83 -16.26
C ALA D 76 -51.58 -8.33 -16.98
N SER D 77 -51.58 -9.62 -17.37
CA SER D 77 -50.50 -10.23 -18.14
C SER D 77 -50.40 -9.57 -19.52
N GLU D 78 -51.55 -9.29 -20.18
CA GLU D 78 -51.57 -8.65 -21.50
C GLU D 78 -50.90 -7.27 -21.48
N GLN D 79 -51.25 -6.43 -20.50
CA GLN D 79 -50.66 -5.10 -20.32
C GLN D 79 -49.20 -5.22 -19.89
N LEU D 80 -48.88 -6.18 -18.99
CA LEU D 80 -47.49 -6.39 -18.58
C LEU D 80 -46.61 -6.76 -19.79
N ALA D 81 -47.12 -7.62 -20.68
CA ALA D 81 -46.40 -8.05 -21.89
C ALA D 81 -46.00 -6.86 -22.74
N GLY D 82 -46.94 -5.93 -22.94
CA GLY D 82 -46.69 -4.70 -23.70
C GLY D 82 -45.60 -3.85 -23.07
N LYS D 83 -45.64 -3.71 -21.74
CA LYS D 83 -44.65 -2.93 -20.98
C LYS D 83 -43.27 -3.60 -21.03
N VAL D 84 -43.22 -4.93 -20.87
CA VAL D 84 -41.96 -5.69 -20.94
C VAL D 84 -41.33 -5.56 -22.33
N ALA D 85 -42.16 -5.60 -23.41
CA ALA D 85 -41.71 -5.42 -24.80
C ALA D 85 -41.11 -4.03 -24.98
N GLU D 86 -41.82 -2.99 -24.47
CA GLU D 86 -41.39 -1.58 -24.50
C GLU D 86 -39.99 -1.39 -23.85
N VAL D 87 -39.79 -1.98 -22.67
CA VAL D 87 -38.53 -1.92 -21.90
C VAL D 87 -37.39 -2.65 -22.66
N LYS D 88 -37.70 -3.84 -23.21
CA LYS D 88 -36.70 -4.61 -23.96
C LYS D 88 -36.30 -3.87 -25.24
N LYS D 89 -37.26 -3.19 -25.89
CA LYS D 89 -36.97 -2.37 -27.07
C LYS D 89 -36.05 -1.19 -26.70
N ASN D 90 -36.19 -0.66 -25.46
CA ASN D 90 -35.38 0.41 -24.89
C ASN D 90 -33.95 -0.05 -24.50
N GLY D 91 -33.62 -1.30 -24.86
CA GLY D 91 -32.32 -1.92 -24.63
C GLY D 91 -31.98 -2.09 -23.16
N ARG D 92 -32.98 -2.49 -22.36
CA ARG D 92 -32.84 -2.65 -20.92
C ARG D 92 -33.29 -4.03 -20.45
N ILE D 93 -32.75 -4.49 -19.31
CA ILE D 93 -33.16 -5.75 -18.68
C ILE D 93 -34.44 -5.42 -17.96
N SER D 94 -35.55 -6.08 -18.32
CA SER D 94 -36.83 -5.80 -17.67
C SER D 94 -36.83 -6.42 -16.26
N LEU D 95 -37.16 -5.60 -15.24
CA LEU D 95 -37.24 -6.07 -13.87
C LEU D 95 -38.67 -5.89 -13.39
N VAL D 96 -39.41 -7.00 -13.38
CA VAL D 96 -40.79 -7.03 -12.95
C VAL D 96 -40.82 -7.28 -11.46
N LEU D 97 -41.44 -6.37 -10.70
CA LEU D 97 -41.65 -6.53 -9.27
C LEU D 97 -43.10 -6.95 -9.05
N GLY D 98 -43.30 -8.21 -8.66
CA GLY D 98 -44.63 -8.74 -8.40
C GLY D 98 -45.18 -8.40 -7.03
N GLY D 99 -46.44 -8.71 -6.76
CA GLY D 99 -47.34 -9.38 -7.70
C GLY D 99 -47.26 -10.91 -7.63
N ASP D 100 -48.40 -11.57 -7.88
CA ASP D 100 -48.43 -13.03 -7.89
C ASP D 100 -47.80 -13.57 -9.20
N HIS D 101 -47.46 -14.86 -9.23
CA HIS D 101 -46.74 -15.49 -10.33
C HIS D 101 -47.51 -15.66 -11.65
N SER D 102 -48.85 -15.40 -11.68
CA SER D 102 -49.61 -15.50 -12.94
C SER D 102 -49.16 -14.43 -13.96
N LEU D 103 -48.56 -13.33 -13.46
CA LEU D 103 -48.04 -12.24 -14.28
C LEU D 103 -46.86 -12.69 -15.15
N ALA D 104 -46.28 -13.87 -14.84
CA ALA D 104 -45.18 -14.43 -15.62
C ALA D 104 -45.64 -14.77 -17.04
N ILE D 105 -46.96 -14.96 -17.25
CA ILE D 105 -47.53 -15.19 -18.59
C ILE D 105 -47.21 -13.94 -19.45
N GLY D 106 -47.43 -12.74 -18.88
CA GLY D 106 -47.18 -11.48 -19.57
C GLY D 106 -45.73 -11.10 -19.61
N SER D 107 -44.98 -11.37 -18.52
CA SER D 107 -43.56 -11.03 -18.46
C SER D 107 -42.76 -11.80 -19.51
N ILE D 108 -42.98 -13.13 -19.61
CA ILE D 108 -42.26 -13.98 -20.58
C ILE D 108 -42.78 -13.74 -22.01
N SER D 109 -44.11 -13.57 -22.20
CA SER D 109 -44.68 -13.31 -23.52
C SER D 109 -44.12 -12.05 -24.17
N GLY D 110 -44.05 -10.96 -23.39
CA GLY D 110 -43.53 -9.68 -23.85
C GLY D 110 -42.04 -9.70 -24.11
N HIS D 111 -41.29 -10.46 -23.28
CA HIS D 111 -39.83 -10.63 -23.44
C HIS D 111 -39.56 -11.41 -24.74
N ALA D 112 -40.30 -12.53 -24.97
CA ALA D 112 -40.17 -13.36 -26.16
C ALA D 112 -40.56 -12.64 -27.48
N ARG D 113 -41.33 -11.52 -27.39
CA ARG D 113 -41.71 -10.72 -28.56
C ARG D 113 -40.49 -10.02 -29.15
N VAL D 114 -39.56 -9.62 -28.27
CA VAL D 114 -38.33 -8.91 -28.63
C VAL D 114 -37.19 -9.95 -28.78
N HIS D 115 -37.23 -11.06 -27.99
CA HIS D 115 -36.24 -12.14 -28.03
C HIS D 115 -36.89 -13.53 -28.07
N PRO D 116 -37.29 -14.03 -29.27
CA PRO D 116 -37.95 -15.37 -29.33
C PRO D 116 -37.06 -16.54 -28.92
N ASP D 117 -35.74 -16.39 -29.05
CA ASP D 117 -34.74 -17.42 -28.72
C ASP D 117 -34.42 -17.56 -27.21
N LEU D 118 -35.11 -16.79 -26.32
CA LEU D 118 -34.82 -16.80 -24.88
C LEU D 118 -35.02 -18.17 -24.21
N GLY D 119 -34.23 -18.39 -23.15
CA GLY D 119 -34.31 -19.55 -22.28
C GLY D 119 -34.81 -19.13 -20.92
N VAL D 120 -35.53 -20.01 -20.22
CA VAL D 120 -36.12 -19.69 -18.93
C VAL D 120 -35.51 -20.50 -17.78
N ILE D 121 -35.21 -19.81 -16.66
CA ILE D 121 -34.81 -20.41 -15.39
C ILE D 121 -35.93 -20.06 -14.41
N TRP D 122 -36.62 -21.08 -13.91
CA TRP D 122 -37.77 -20.94 -13.03
C TRP D 122 -37.40 -21.43 -11.62
N VAL D 123 -37.16 -20.46 -10.71
CA VAL D 123 -36.81 -20.76 -9.33
C VAL D 123 -38.08 -20.73 -8.50
N ASP D 124 -38.51 -21.90 -7.98
CA ASP D 124 -39.80 -22.01 -7.29
C ASP D 124 -39.87 -23.32 -6.53
N ALA D 125 -40.70 -23.36 -5.47
CA ALA D 125 -41.01 -24.61 -4.76
C ALA D 125 -42.02 -25.40 -5.63
N HIS D 126 -42.67 -24.69 -6.58
CA HIS D 126 -43.74 -25.24 -7.43
C HIS D 126 -43.42 -25.19 -8.92
N THR D 127 -44.12 -26.02 -9.71
CA THR D 127 -43.95 -26.04 -11.17
C THR D 127 -44.76 -24.93 -11.86
N ASP D 128 -45.96 -24.56 -11.30
CA ASP D 128 -46.85 -23.56 -11.91
C ASP D 128 -47.24 -23.95 -13.35
N ILE D 129 -47.35 -25.26 -13.60
CA ILE D 129 -47.65 -25.81 -14.92
C ILE D 129 -49.05 -26.47 -14.99
N ASN D 130 -49.90 -26.27 -13.97
CA ASN D 130 -51.24 -26.80 -14.05
C ASN D 130 -51.92 -26.12 -15.21
N THR D 131 -52.71 -26.86 -15.98
CA THR D 131 -53.48 -26.29 -17.07
C THR D 131 -54.82 -25.82 -16.44
N PRO D 132 -55.66 -25.01 -17.13
CA PRO D 132 -56.96 -24.65 -16.53
C PRO D 132 -57.87 -25.88 -16.27
N LEU D 133 -57.48 -27.09 -16.77
CA LEU D 133 -58.25 -28.33 -16.57
C LEU D 133 -57.65 -29.28 -15.51
N THR D 134 -56.32 -29.26 -15.31
CA THR D 134 -55.68 -30.10 -14.27
C THR D 134 -55.69 -29.41 -12.90
N THR D 135 -55.88 -28.08 -12.86
CA THR D 135 -55.89 -27.28 -11.64
C THR D 135 -56.97 -27.75 -10.64
N THR D 136 -56.62 -27.82 -9.37
CA THR D 136 -57.57 -28.19 -8.33
C THR D 136 -57.97 -26.96 -7.51
N SER D 137 -57.03 -26.01 -7.36
CA SER D 137 -57.29 -24.77 -6.64
C SER D 137 -58.07 -23.76 -7.48
N GLY D 138 -57.78 -23.74 -8.78
CA GLY D 138 -58.36 -22.78 -9.73
C GLY D 138 -57.65 -21.44 -9.71
N ASN D 139 -56.47 -21.38 -9.06
CA ASN D 139 -55.70 -20.15 -8.93
C ASN D 139 -54.71 -20.06 -10.05
N LEU D 140 -54.77 -18.97 -10.80
CA LEU D 140 -53.96 -18.82 -12.01
C LEU D 140 -52.43 -18.67 -11.78
N HIS D 141 -51.96 -18.35 -10.54
CA HIS D 141 -50.51 -18.26 -10.24
C HIS D 141 -49.82 -19.65 -10.29
N GLY D 142 -50.62 -20.73 -10.27
CA GLY D 142 -50.14 -22.10 -10.38
C GLY D 142 -50.36 -22.69 -11.77
N GLN D 143 -50.64 -21.81 -12.75
CA GLN D 143 -50.92 -22.16 -14.14
C GLN D 143 -50.04 -21.40 -15.22
N PRO D 144 -49.13 -20.43 -14.85
CA PRO D 144 -48.44 -19.63 -15.88
C PRO D 144 -47.66 -20.39 -16.95
N VAL D 145 -46.92 -21.44 -16.58
CA VAL D 145 -46.10 -22.19 -17.54
C VAL D 145 -46.95 -22.90 -18.60
N SER D 146 -48.15 -23.42 -18.21
CA SER D 146 -49.04 -24.14 -19.14
C SER D 146 -49.48 -23.27 -20.34
N PHE D 147 -49.70 -21.96 -20.10
CA PHE D 147 -50.05 -20.97 -21.14
C PHE D 147 -48.82 -20.61 -22.02
N LEU D 148 -47.61 -20.87 -21.52
CA LEU D 148 -46.39 -20.49 -22.20
C LEU D 148 -45.81 -21.61 -23.10
N LEU D 149 -46.07 -22.90 -22.75
CA LEU D 149 -45.50 -24.07 -23.43
C LEU D 149 -46.14 -24.44 -24.78
N LYS D 150 -45.31 -24.49 -25.83
CA LYS D 150 -45.72 -24.86 -27.20
C LYS D 150 -46.31 -26.28 -27.26
N GLU D 151 -45.70 -27.23 -26.52
CA GLU D 151 -46.15 -28.64 -26.50
C GLU D 151 -47.51 -28.85 -25.84
N LEU D 152 -47.98 -27.87 -25.06
CA LEU D 152 -49.28 -27.98 -24.37
C LEU D 152 -50.45 -27.38 -25.20
N LYS D 153 -50.20 -27.11 -26.50
CA LYS D 153 -51.21 -26.63 -27.44
C LYS D 153 -52.25 -27.73 -27.66
N GLY D 154 -53.53 -27.36 -27.68
CA GLY D 154 -54.63 -28.30 -27.80
C GLY D 154 -55.15 -28.75 -26.44
N LYS D 155 -54.40 -28.43 -25.36
CA LYS D 155 -54.75 -28.80 -23.98
C LYS D 155 -55.19 -27.61 -23.12
N ILE D 156 -54.96 -26.36 -23.59
CA ILE D 156 -55.38 -25.15 -22.85
C ILE D 156 -56.74 -24.73 -23.39
N PRO D 157 -57.82 -24.76 -22.56
CA PRO D 157 -59.14 -24.36 -23.07
C PRO D 157 -59.19 -22.87 -23.34
N ASP D 158 -60.25 -22.41 -24.02
CA ASP D 158 -60.43 -21.00 -24.36
C ASP D 158 -60.88 -20.21 -23.12
N VAL D 159 -59.88 -19.73 -22.33
CA VAL D 159 -60.11 -19.01 -21.08
C VAL D 159 -60.31 -17.51 -21.39
N PRO D 160 -61.36 -16.85 -20.87
CA PRO D 160 -61.57 -15.45 -21.20
C PRO D 160 -60.48 -14.55 -20.62
N GLY D 161 -59.97 -13.68 -21.47
CA GLY D 161 -58.88 -12.76 -21.18
C GLY D 161 -57.55 -13.23 -21.73
N PHE D 162 -57.50 -14.48 -22.26
CA PHE D 162 -56.25 -15.09 -22.75
C PHE D 162 -56.17 -15.36 -24.25
N SER D 163 -57.11 -14.79 -25.07
CA SER D 163 -57.05 -14.98 -26.52
C SER D 163 -55.80 -14.36 -27.15
N TRP D 164 -55.21 -13.35 -26.49
CA TRP D 164 -53.95 -12.72 -26.95
C TRP D 164 -52.72 -13.66 -26.81
N VAL D 165 -52.79 -14.68 -25.94
CA VAL D 165 -51.67 -15.59 -25.64
C VAL D 165 -51.34 -16.57 -26.77
N THR D 166 -50.09 -16.60 -27.19
CA THR D 166 -49.54 -17.57 -28.12
C THR D 166 -48.38 -18.24 -27.37
N PRO D 167 -48.37 -19.60 -27.23
CA PRO D 167 -47.24 -20.24 -26.51
C PRO D 167 -45.91 -19.87 -27.17
N CYS D 168 -44.95 -19.37 -26.37
CA CYS D 168 -43.69 -18.83 -26.90
C CYS D 168 -42.45 -19.62 -26.49
N ILE D 169 -42.59 -20.61 -25.60
CA ILE D 169 -41.41 -21.38 -25.15
C ILE D 169 -41.61 -22.89 -25.30
N SER D 170 -40.58 -23.58 -25.81
CA SER D 170 -40.59 -25.04 -25.97
C SER D 170 -40.17 -25.71 -24.66
N ALA D 171 -40.60 -26.97 -24.46
CA ALA D 171 -40.29 -27.77 -23.26
C ALA D 171 -38.79 -27.83 -22.93
N LYS D 172 -37.92 -27.88 -23.96
CA LYS D 172 -36.46 -27.93 -23.82
C LYS D 172 -35.85 -26.55 -23.46
N ASP D 173 -36.65 -25.47 -23.57
CA ASP D 173 -36.15 -24.11 -23.33
C ASP D 173 -36.43 -23.56 -21.91
N ILE D 174 -36.72 -24.45 -20.95
CA ILE D 174 -36.98 -24.09 -19.55
C ILE D 174 -36.25 -25.05 -18.57
N VAL D 175 -35.77 -24.51 -17.43
CA VAL D 175 -35.18 -25.30 -16.35
C VAL D 175 -35.79 -24.83 -15.02
N TYR D 176 -36.27 -25.78 -14.24
CA TYR D 176 -36.87 -25.57 -12.93
C TYR D 176 -35.80 -25.83 -11.85
N ILE D 177 -35.75 -25.01 -10.80
CA ILE D 177 -34.85 -25.22 -9.63
C ILE D 177 -35.63 -24.92 -8.33
N GLY D 178 -35.59 -25.86 -7.38
CA GLY D 178 -36.16 -25.66 -6.05
C GLY D 178 -37.43 -26.41 -5.72
N LEU D 179 -37.95 -27.16 -6.71
CA LEU D 179 -39.19 -27.93 -6.64
C LEU D 179 -39.31 -28.81 -5.40
N ARG D 180 -40.45 -28.73 -4.70
CA ARG D 180 -40.73 -29.58 -3.53
C ARG D 180 -42.25 -29.81 -3.25
N ASP D 181 -43.16 -29.11 -3.99
CA ASP D 181 -44.62 -29.33 -3.86
C ASP D 181 -45.29 -29.30 -5.25
N VAL D 182 -45.20 -30.43 -5.96
CA VAL D 182 -45.68 -30.58 -7.33
C VAL D 182 -46.95 -31.43 -7.36
N ASP D 183 -48.02 -30.95 -8.01
CA ASP D 183 -49.31 -31.67 -8.09
C ASP D 183 -49.22 -32.89 -9.01
N PRO D 184 -50.11 -33.91 -8.84
CA PRO D 184 -50.09 -35.09 -9.76
C PRO D 184 -50.13 -34.77 -11.26
N GLY D 185 -51.05 -33.90 -11.67
CA GLY D 185 -51.17 -33.45 -13.06
C GLY D 185 -49.89 -32.80 -13.57
N GLU D 186 -49.28 -31.94 -12.74
CA GLU D 186 -48.03 -31.21 -13.01
C GLU D 186 -46.84 -32.17 -13.15
N HIS D 187 -46.76 -33.20 -12.29
CA HIS D 187 -45.68 -34.19 -12.36
C HIS D 187 -45.80 -34.97 -13.67
N TYR D 188 -47.02 -35.39 -14.04
CA TYR D 188 -47.30 -36.08 -15.30
C TYR D 188 -46.86 -35.19 -16.48
N ILE D 189 -47.26 -33.89 -16.47
CA ILE D 189 -46.87 -32.92 -17.51
C ILE D 189 -45.34 -32.83 -17.59
N LEU D 190 -44.69 -32.60 -16.43
CA LEU D 190 -43.23 -32.48 -16.30
C LEU D 190 -42.49 -33.68 -16.91
N LYS D 191 -42.95 -34.89 -16.61
CA LYS D 191 -42.29 -36.12 -17.06
C LYS D 191 -42.53 -36.48 -18.52
N THR D 192 -43.78 -36.38 -18.99
CA THR D 192 -44.13 -36.75 -20.38
C THR D 192 -43.54 -35.81 -21.42
N LEU D 193 -43.35 -34.53 -21.05
CA LEU D 193 -42.78 -33.52 -21.95
C LEU D 193 -41.27 -33.53 -21.91
N GLY D 194 -40.70 -34.12 -20.85
CA GLY D 194 -39.26 -34.23 -20.67
C GLY D 194 -38.59 -32.92 -20.30
N ILE D 195 -39.27 -32.07 -19.50
CA ILE D 195 -38.75 -30.78 -19.01
C ILE D 195 -37.62 -31.00 -18.01
N LYS D 196 -36.46 -30.32 -18.24
CA LYS D 196 -35.28 -30.34 -17.36
C LYS D 196 -35.63 -29.68 -16.02
N TYR D 197 -35.40 -30.41 -14.91
CA TYR D 197 -35.72 -29.87 -13.58
C TYR D 197 -34.73 -30.31 -12.53
N PHE D 198 -34.61 -29.47 -11.50
CA PHE D 198 -33.80 -29.79 -10.33
C PHE D 198 -34.64 -29.59 -9.11
N SER D 199 -35.30 -30.67 -8.65
CA SER D 199 -36.09 -30.59 -7.42
C SER D 199 -35.12 -30.48 -6.23
N MET D 200 -35.65 -30.36 -5.02
CA MET D 200 -34.77 -30.29 -3.85
C MET D 200 -33.96 -31.59 -3.68
N THR D 201 -34.49 -32.74 -4.20
CA THR D 201 -33.82 -34.05 -4.22
C THR D 201 -32.54 -33.95 -5.07
N GLU D 202 -32.64 -33.31 -6.25
CA GLU D 202 -31.50 -33.13 -7.16
C GLU D 202 -30.48 -32.15 -6.57
N VAL D 203 -30.94 -31.07 -5.91
CA VAL D 203 -30.04 -30.11 -5.24
C VAL D 203 -29.28 -30.81 -4.07
N ASP D 204 -29.97 -31.65 -3.29
CA ASP D 204 -29.34 -32.43 -2.21
C ASP D 204 -28.27 -33.39 -2.74
N ARG D 205 -28.59 -34.13 -3.81
CA ARG D 205 -27.70 -35.10 -4.45
C ARG D 205 -26.47 -34.47 -5.09
N LEU D 206 -26.66 -33.38 -5.84
CA LEU D 206 -25.57 -32.78 -6.60
C LEU D 206 -24.85 -31.62 -5.93
N GLY D 207 -25.60 -30.80 -5.22
CA GLY D 207 -25.08 -29.57 -4.67
C GLY D 207 -25.41 -28.47 -5.66
N ILE D 208 -25.61 -27.23 -5.17
CA ILE D 208 -25.99 -26.11 -6.02
C ILE D 208 -24.96 -25.82 -7.15
N GLY D 209 -23.67 -26.08 -6.90
CA GLY D 209 -22.62 -25.85 -7.88
C GLY D 209 -22.88 -26.57 -9.18
N LYS D 210 -23.06 -27.91 -9.08
CA LYS D 210 -23.35 -28.82 -10.20
C LYS D 210 -24.72 -28.47 -10.83
N VAL D 211 -25.74 -28.16 -10.01
CA VAL D 211 -27.07 -27.79 -10.50
C VAL D 211 -26.92 -26.60 -11.49
N MET D 212 -26.19 -25.56 -11.08
CA MET D 212 -25.95 -24.39 -11.92
C MET D 212 -25.14 -24.69 -13.18
N GLU D 213 -24.11 -25.56 -13.05
CA GLU D 213 -23.25 -26.00 -14.16
C GLU D 213 -24.10 -26.66 -15.23
N GLU D 214 -24.95 -27.63 -14.81
CA GLU D 214 -25.86 -28.37 -15.67
C GLU D 214 -26.93 -27.47 -16.24
N THR D 215 -27.52 -26.57 -15.42
CA THR D 215 -28.54 -25.61 -15.85
C THR D 215 -28.03 -24.74 -17.00
N LEU D 216 -26.88 -24.05 -16.78
CA LEU D 216 -26.35 -23.10 -17.76
C LEU D 216 -25.83 -23.77 -19.01
N SER D 217 -25.36 -25.03 -18.88
CA SER D 217 -24.89 -25.81 -20.02
C SER D 217 -26.09 -26.24 -20.86
N TYR D 218 -27.15 -26.71 -20.18
CA TYR D 218 -28.36 -27.20 -20.85
C TYR D 218 -29.02 -26.11 -21.67
N LEU D 219 -29.04 -24.88 -21.15
CA LEU D 219 -29.67 -23.75 -21.85
C LEU D 219 -28.75 -23.03 -22.86
N LEU D 220 -27.42 -23.00 -22.63
CA LEU D 220 -26.54 -22.18 -23.51
C LEU D 220 -25.44 -22.95 -24.25
N GLY D 221 -25.33 -24.25 -24.00
CA GLY D 221 -24.31 -25.13 -24.58
C GLY D 221 -24.19 -25.09 -26.08
N ARG D 222 -25.33 -25.27 -26.80
CA ARG D 222 -25.39 -25.21 -28.26
C ARG D 222 -25.06 -23.78 -28.73
N LYS D 223 -25.84 -22.77 -28.29
CA LYS D 223 -25.56 -21.36 -28.60
C LYS D 223 -26.05 -20.41 -27.50
N LYS D 224 -25.35 -19.27 -27.33
CA LYS D 224 -25.71 -18.24 -26.35
C LYS D 224 -27.03 -17.63 -26.73
N ARG D 225 -27.88 -17.40 -25.74
CA ARG D 225 -29.21 -16.86 -25.95
C ARG D 225 -29.64 -16.04 -24.72
N PRO D 226 -30.59 -15.07 -24.87
CA PRO D 226 -31.04 -14.31 -23.69
C PRO D 226 -31.62 -15.20 -22.57
N ILE D 227 -31.35 -14.81 -21.31
CA ILE D 227 -31.87 -15.56 -20.16
C ILE D 227 -33.00 -14.82 -19.46
N HIS D 228 -34.08 -15.54 -19.18
CA HIS D 228 -35.16 -15.05 -18.37
C HIS D 228 -35.18 -15.82 -17.07
N LEU D 229 -35.00 -15.12 -15.95
CA LEU D 229 -35.10 -15.76 -14.65
C LEU D 229 -36.41 -15.34 -13.95
N SER D 230 -37.28 -16.32 -13.64
CA SER D 230 -38.55 -16.04 -12.94
C SER D 230 -38.41 -16.54 -11.51
N PHE D 231 -38.17 -15.62 -10.59
CA PHE D 231 -37.93 -15.94 -9.20
C PHE D 231 -39.19 -15.78 -8.35
N ASP D 232 -39.71 -16.90 -7.84
CA ASP D 232 -40.82 -16.92 -6.87
C ASP D 232 -40.10 -16.98 -5.53
N VAL D 233 -40.32 -15.99 -4.62
CA VAL D 233 -39.57 -15.99 -3.34
C VAL D 233 -39.80 -17.26 -2.50
N ASP D 234 -40.92 -18.00 -2.73
CA ASP D 234 -41.17 -19.26 -2.03
C ASP D 234 -40.22 -20.41 -2.47
N GLY D 235 -39.37 -20.16 -3.48
CA GLY D 235 -38.35 -21.10 -3.91
C GLY D 235 -37.32 -21.29 -2.80
N LEU D 236 -37.09 -20.21 -2.05
CA LEU D 236 -36.21 -20.17 -0.89
C LEU D 236 -36.96 -20.66 0.33
N ASP D 237 -36.25 -21.28 1.29
CA ASP D 237 -36.86 -21.78 2.52
C ASP D 237 -37.66 -20.70 3.26
N PRO D 238 -38.79 -21.07 3.95
CA PRO D 238 -39.56 -20.05 4.70
C PRO D 238 -38.78 -19.41 5.84
N SER D 239 -37.59 -19.95 6.19
CA SER D 239 -36.76 -19.35 7.24
C SER D 239 -36.11 -18.05 6.71
N PHE D 240 -36.03 -17.88 5.37
CA PHE D 240 -35.47 -16.67 4.76
C PHE D 240 -36.54 -15.77 4.13
N THR D 241 -37.58 -16.39 3.52
CA THR D 241 -38.68 -15.66 2.88
C THR D 241 -40.03 -16.14 3.47
N PRO D 242 -40.34 -15.83 4.77
CA PRO D 242 -41.63 -16.30 5.33
C PRO D 242 -42.88 -15.59 4.83
N ALA D 243 -42.76 -14.29 4.48
CA ALA D 243 -43.92 -13.50 4.06
C ALA D 243 -44.29 -13.79 2.59
N THR D 244 -44.93 -14.96 2.37
CA THR D 244 -45.31 -15.48 1.06
C THR D 244 -46.58 -16.31 1.16
N GLY D 245 -47.34 -16.36 0.06
CA GLY D 245 -48.63 -17.05 0.00
C GLY D 245 -48.60 -18.56 0.14
N THR D 246 -47.63 -19.23 -0.54
CA THR D 246 -47.54 -20.70 -0.53
C THR D 246 -46.17 -21.19 -0.03
N PRO D 247 -45.86 -21.02 1.29
CA PRO D 247 -44.55 -21.49 1.78
C PRO D 247 -44.44 -23.01 1.82
N VAL D 248 -43.24 -23.52 1.55
CA VAL D 248 -43.00 -24.97 1.60
C VAL D 248 -41.68 -25.16 2.32
N VAL D 249 -41.68 -25.96 3.38
CA VAL D 249 -40.48 -26.23 4.16
C VAL D 249 -39.46 -27.08 3.35
N GLY D 250 -38.17 -26.91 3.66
CA GLY D 250 -37.06 -27.60 3.01
C GLY D 250 -36.59 -26.95 1.73
N GLY D 251 -36.65 -25.61 1.70
CA GLY D 251 -36.29 -24.88 0.51
C GLY D 251 -34.83 -24.58 0.31
N LEU D 252 -34.53 -23.90 -0.78
CA LEU D 252 -33.21 -23.42 -1.09
C LEU D 252 -32.77 -22.46 0.01
N THR D 253 -31.50 -22.50 0.36
CA THR D 253 -30.95 -21.61 1.36
C THR D 253 -30.69 -20.23 0.74
N TYR D 254 -30.39 -19.24 1.58
CA TYR D 254 -30.02 -17.88 1.23
C TYR D 254 -28.76 -17.95 0.34
N ARG D 255 -27.76 -18.76 0.76
CA ARG D 255 -26.50 -18.95 0.02
C ARG D 255 -26.74 -19.56 -1.35
N GLU D 256 -27.62 -20.58 -1.43
CA GLU D 256 -27.99 -21.21 -2.70
C GLU D 256 -28.68 -20.20 -3.64
N GLY D 257 -29.60 -19.41 -3.08
CA GLY D 257 -30.30 -18.38 -3.83
C GLY D 257 -29.34 -17.36 -4.42
N LEU D 258 -28.35 -16.93 -3.61
CA LEU D 258 -27.28 -16.02 -4.04
C LEU D 258 -26.38 -16.69 -5.04
N TYR D 259 -26.14 -18.02 -4.90
CA TYR D 259 -25.25 -18.74 -5.82
C TYR D 259 -25.86 -18.88 -7.21
N ILE D 260 -27.17 -19.22 -7.28
CA ILE D 260 -27.95 -19.32 -8.54
C ILE D 260 -27.90 -17.97 -9.29
N THR D 261 -28.14 -16.86 -8.58
CA THR D 261 -28.21 -15.52 -9.16
C THR D 261 -26.84 -14.97 -9.53
N GLU D 262 -25.81 -15.23 -8.72
CA GLU D 262 -24.43 -14.86 -9.05
C GLU D 262 -23.95 -15.54 -10.35
N GLU D 263 -24.28 -16.85 -10.53
CA GLU D 263 -23.87 -17.59 -11.73
C GLU D 263 -24.64 -17.12 -13.00
N ILE D 264 -25.91 -16.73 -12.84
CA ILE D 264 -26.70 -16.18 -13.96
C ILE D 264 -26.12 -14.82 -14.35
N TYR D 265 -25.77 -13.95 -13.35
CA TYR D 265 -25.12 -12.66 -13.68
C TYR D 265 -23.85 -12.87 -14.53
N LYS D 266 -22.99 -13.80 -14.11
CA LYS D 266 -21.69 -14.07 -14.74
C LYS D 266 -21.79 -14.44 -16.23
N THR D 267 -22.97 -14.95 -16.69
CA THR D 267 -23.14 -15.27 -18.13
C THR D 267 -23.12 -14.00 -19.00
N GLY D 268 -23.57 -12.89 -18.43
CA GLY D 268 -23.72 -11.63 -19.15
C GLY D 268 -24.96 -11.68 -20.03
N LEU D 269 -25.82 -12.72 -19.85
CA LEU D 269 -26.99 -12.95 -20.69
C LEU D 269 -28.36 -12.74 -20.02
N LEU D 270 -28.39 -12.28 -18.73
CA LEU D 270 -29.67 -11.98 -18.11
C LEU D 270 -30.31 -10.86 -18.92
N SER D 271 -31.54 -11.09 -19.33
CA SER D 271 -32.25 -10.17 -20.20
C SER D 271 -33.60 -9.81 -19.57
N GLY D 272 -34.07 -10.65 -18.66
CA GLY D 272 -35.35 -10.47 -18.01
C GLY D 272 -35.39 -11.13 -16.66
N LEU D 273 -36.01 -10.44 -15.70
CA LEU D 273 -36.10 -10.91 -14.35
C LEU D 273 -37.47 -10.62 -13.73
N ASP D 274 -38.03 -11.60 -12.97
CA ASP D 274 -39.27 -11.48 -12.20
C ASP D 274 -38.99 -11.79 -10.74
N ILE D 275 -39.40 -10.86 -9.84
CA ILE D 275 -39.28 -11.04 -8.37
C ILE D 275 -40.72 -11.13 -7.91
N MET D 276 -41.19 -12.36 -7.72
CA MET D 276 -42.59 -12.67 -7.47
C MET D 276 -42.89 -13.26 -6.11
N GLU D 277 -44.17 -13.11 -5.71
CA GLU D 277 -44.85 -13.65 -4.52
C GLU D 277 -44.44 -13.03 -3.18
N VAL D 278 -43.85 -11.81 -3.18
CA VAL D 278 -43.58 -11.11 -1.92
C VAL D 278 -44.91 -10.53 -1.45
N ASN D 279 -45.41 -11.01 -0.30
CA ASN D 279 -46.65 -10.51 0.28
C ASN D 279 -46.36 -9.96 1.68
N PRO D 280 -46.19 -8.62 1.82
CA PRO D 280 -45.91 -8.04 3.14
C PRO D 280 -47.01 -8.23 4.19
N SER D 281 -48.22 -8.59 3.77
CA SER D 281 -49.33 -8.79 4.69
C SER D 281 -49.38 -10.21 5.27
N LEU D 282 -48.43 -11.09 4.87
CA LEU D 282 -48.43 -12.48 5.37
C LEU D 282 -47.28 -12.81 6.34
N GLY D 283 -46.56 -11.80 6.80
CA GLY D 283 -45.52 -12.01 7.80
C GLY D 283 -46.14 -12.07 9.18
N LYS D 284 -45.91 -13.18 9.92
CA LYS D 284 -46.42 -13.37 11.30
C LYS D 284 -45.93 -12.27 12.27
N THR D 285 -44.77 -11.67 11.97
CA THR D 285 -44.21 -10.57 12.74
C THR D 285 -43.72 -9.50 11.76
N PRO D 286 -43.58 -8.21 12.17
CA PRO D 286 -43.03 -7.20 11.25
C PRO D 286 -41.62 -7.55 10.75
N GLU D 287 -40.82 -8.29 11.57
CA GLU D 287 -39.46 -8.72 11.23
C GLU D 287 -39.48 -9.78 10.10
N GLU D 288 -40.50 -10.67 10.11
CA GLU D 288 -40.64 -11.69 9.07
C GLU D 288 -40.85 -11.02 7.72
N VAL D 289 -41.53 -9.84 7.71
CA VAL D 289 -41.77 -9.03 6.51
C VAL D 289 -40.46 -8.43 5.98
N THR D 290 -39.65 -7.81 6.86
CA THR D 290 -38.39 -7.19 6.45
C THR D 290 -37.37 -8.23 6.01
N ARG D 291 -37.39 -9.43 6.64
CA ARG D 291 -36.50 -10.54 6.32
C ARG D 291 -36.74 -11.01 4.87
N THR D 292 -38.03 -11.11 4.48
CA THR D 292 -38.45 -11.53 3.12
C THR D 292 -38.06 -10.46 2.10
N VAL D 293 -38.37 -9.19 2.42
CA VAL D 293 -38.07 -8.05 1.56
C VAL D 293 -36.54 -7.89 1.39
N ASN D 294 -35.76 -8.08 2.48
CA ASN D 294 -34.29 -8.01 2.43
C ASN D 294 -33.69 -9.15 1.63
N THR D 295 -34.21 -10.38 1.81
CA THR D 295 -33.73 -11.53 1.02
C THR D 295 -34.03 -11.30 -0.49
N ALA D 296 -35.25 -10.83 -0.83
CA ALA D 296 -35.63 -10.54 -2.23
C ALA D 296 -34.75 -9.46 -2.84
N VAL D 297 -34.41 -8.41 -2.05
CA VAL D 297 -33.55 -7.31 -2.49
C VAL D 297 -32.12 -7.84 -2.76
N ALA D 298 -31.55 -8.59 -1.80
CA ALA D 298 -30.22 -9.19 -1.90
C ALA D 298 -30.12 -10.11 -3.14
N ILE D 299 -31.14 -10.97 -3.36
CA ILE D 299 -31.26 -11.86 -4.54
C ILE D 299 -31.19 -11.01 -5.82
N THR D 300 -31.96 -9.89 -5.85
CA THR D 300 -32.01 -8.97 -7.00
C THR D 300 -30.64 -8.33 -7.25
N LEU D 301 -29.97 -7.84 -6.19
CA LEU D 301 -28.65 -7.23 -6.30
C LEU D 301 -27.60 -8.18 -6.90
N ALA D 302 -27.67 -9.48 -6.53
CA ALA D 302 -26.78 -10.53 -7.07
C ALA D 302 -27.04 -10.77 -8.59
N CYS D 303 -28.30 -10.59 -9.05
CA CYS D 303 -28.65 -10.71 -10.46
C CYS D 303 -27.93 -9.66 -11.28
N PHE D 304 -27.62 -8.51 -10.65
CA PHE D 304 -27.05 -7.36 -11.34
C PHE D 304 -25.57 -7.03 -11.00
N GLY D 305 -24.80 -8.02 -10.50
CA GLY D 305 -23.37 -7.86 -10.31
C GLY D 305 -22.78 -7.98 -8.94
N LEU D 306 -23.59 -7.75 -7.89
CA LEU D 306 -23.08 -7.78 -6.52
C LEU D 306 -22.51 -9.14 -6.16
N ALA D 307 -21.19 -9.25 -6.11
CA ALA D 307 -20.48 -10.50 -5.82
C ALA D 307 -20.10 -10.60 -4.33
N ARG D 308 -20.31 -11.76 -3.71
CA ARG D 308 -19.91 -11.98 -2.31
C ARG D 308 -18.39 -11.89 -2.15
N GLU D 309 -17.62 -12.22 -3.20
CA GLU D 309 -16.16 -12.13 -3.13
C GLU D 309 -15.68 -10.68 -3.13
N GLY D 310 -16.60 -9.76 -3.42
CA GLY D 310 -16.35 -8.33 -3.46
C GLY D 310 -16.36 -7.81 -4.88
N ASN D 311 -16.37 -6.49 -5.03
CA ASN D 311 -16.37 -5.82 -6.35
C ASN D 311 -15.46 -4.60 -6.28
N HIS D 312 -14.85 -4.20 -7.42
CA HIS D 312 -14.04 -2.97 -7.48
C HIS D 312 -14.15 -2.29 -8.85
N LYS D 313 -13.99 -0.96 -8.88
CA LYS D 313 -14.03 -0.16 -10.12
C LYS D 313 -12.68 -0.31 -10.81
N PRO D 314 -12.58 -0.11 -12.16
CA PRO D 314 -11.27 -0.28 -12.81
C PRO D 314 -10.27 0.87 -12.54
N ILE D 315 -9.93 1.09 -11.25
CA ILE D 315 -9.01 2.15 -10.81
C ILE D 315 -8.00 1.64 -9.77
N ASP D 316 -6.86 2.33 -9.63
CA ASP D 316 -5.84 1.96 -8.66
C ASP D 316 -6.28 2.43 -7.27
N TYR D 317 -6.67 1.47 -6.41
CA TYR D 317 -7.09 1.76 -5.06
C TYR D 317 -5.91 2.01 -4.10
N LEU D 318 -4.67 1.70 -4.54
CA LEU D 318 -3.51 1.93 -3.70
C LEU D 318 -2.79 3.26 -4.01
N ASN D 319 -3.51 4.20 -4.67
CA ASN D 319 -3.02 5.55 -4.97
C ASN D 319 -4.05 6.60 -4.54
N ALA E 3 42.35 23.40 -37.07
CA ALA E 3 40.89 23.57 -37.12
C ALA E 3 40.52 25.03 -36.94
N LYS E 4 39.47 25.48 -37.66
CA LYS E 4 38.98 26.86 -37.60
C LYS E 4 38.67 27.29 -36.17
N SER E 5 37.92 26.45 -35.40
CA SER E 5 37.60 26.70 -33.99
C SER E 5 38.85 26.76 -33.08
N ARG E 6 40.04 26.44 -33.63
CA ARG E 6 41.31 26.47 -32.93
C ARG E 6 42.33 27.44 -33.59
N THR E 7 41.91 28.19 -34.63
CA THR E 7 42.74 29.19 -35.33
C THR E 7 42.44 30.55 -34.67
N ILE E 8 43.44 31.11 -33.95
CA ILE E 8 43.29 32.28 -33.09
C ILE E 8 44.15 33.46 -33.49
N GLY E 9 43.55 34.65 -33.38
CA GLY E 9 44.20 35.94 -33.58
C GLY E 9 44.13 36.75 -32.30
N ILE E 10 45.26 36.83 -31.57
CA ILE E 10 45.36 37.51 -30.27
C ILE E 10 45.57 39.01 -30.45
N ILE E 11 44.73 39.83 -29.77
CA ILE E 11 44.86 41.29 -29.74
C ILE E 11 44.85 41.77 -28.27
N GLY E 12 45.95 42.35 -27.83
CA GLY E 12 46.06 42.93 -26.50
C GLY E 12 45.52 44.35 -26.51
N ALA E 13 44.60 44.66 -25.58
CA ALA E 13 44.01 45.99 -25.48
C ALA E 13 44.26 46.63 -24.10
N PRO E 14 45.49 47.19 -23.89
CA PRO E 14 45.80 47.78 -22.57
C PRO E 14 45.14 49.15 -22.37
N PHE E 15 43.80 49.18 -22.25
CA PHE E 15 43.02 50.40 -22.07
C PHE E 15 42.23 50.40 -20.75
N SER E 16 42.25 51.53 -20.00
CA SER E 16 41.57 51.63 -18.70
C SER E 16 40.62 52.84 -18.51
N LYS E 17 40.68 53.83 -19.42
CA LYS E 17 39.92 55.08 -19.32
C LYS E 17 38.38 54.95 -19.47
N GLY E 18 37.87 53.71 -19.56
CA GLY E 18 36.44 53.45 -19.62
C GLY E 18 35.83 53.28 -18.23
N GLN E 19 36.69 53.31 -17.19
CA GLN E 19 36.31 53.16 -15.79
C GLN E 19 37.29 53.93 -14.88
N PRO E 20 36.95 54.21 -13.59
CA PRO E 20 37.86 55.06 -12.78
C PRO E 20 38.97 54.35 -12.00
N ARG E 21 39.06 53.01 -12.09
CA ARG E 21 40.05 52.26 -11.30
C ARG E 21 41.30 51.85 -12.09
N GLY E 22 42.44 52.42 -11.70
CA GLY E 22 43.72 52.14 -12.31
C GLY E 22 44.17 50.70 -12.13
N GLY E 23 44.77 50.13 -13.18
CA GLY E 23 45.31 48.78 -13.15
C GLY E 23 44.79 47.81 -14.19
N VAL E 24 43.57 48.05 -14.74
CA VAL E 24 42.96 47.15 -15.74
C VAL E 24 43.75 47.16 -17.10
N GLU E 25 44.55 48.22 -17.34
CA GLU E 25 45.40 48.32 -18.54
C GLU E 25 46.55 47.30 -18.49
N GLU E 26 46.86 46.76 -17.30
CA GLU E 26 47.89 45.75 -17.09
C GLU E 26 47.36 44.32 -17.31
N GLY E 27 46.07 44.21 -17.63
CA GLY E 27 45.38 42.93 -17.90
C GLY E 27 45.98 42.07 -18.98
N PRO E 28 46.25 42.61 -20.22
CA PRO E 28 46.89 41.78 -21.27
C PRO E 28 48.27 41.24 -20.87
N THR E 29 49.07 42.03 -20.11
CA THR E 29 50.42 41.66 -19.66
C THR E 29 50.38 40.46 -18.69
N VAL E 30 49.58 40.55 -17.62
CA VAL E 30 49.48 39.47 -16.64
C VAL E 30 48.89 38.19 -17.27
N LEU E 31 47.96 38.35 -18.24
CA LEU E 31 47.40 37.20 -18.98
C LEU E 31 48.47 36.54 -19.87
N ARG E 32 49.40 37.35 -20.44
CA ARG E 32 50.55 36.88 -21.24
C ARG E 32 51.59 36.18 -20.35
N LYS E 33 51.96 36.84 -19.23
CA LYS E 33 52.93 36.36 -18.23
C LYS E 33 52.51 35.04 -17.60
N ALA E 34 51.19 34.74 -17.60
CA ALA E 34 50.66 33.47 -17.08
C ALA E 34 50.92 32.33 -18.08
N GLY E 35 51.14 32.67 -19.35
CA GLY E 35 51.43 31.70 -20.40
C GLY E 35 50.24 31.26 -21.23
N LEU E 36 49.30 32.21 -21.50
CA LEU E 36 48.08 31.94 -22.27
C LEU E 36 48.33 31.41 -23.68
N LEU E 37 49.25 32.08 -24.44
CA LEU E 37 49.58 31.70 -25.82
C LEU E 37 50.16 30.29 -25.88
N GLU E 38 51.14 30.01 -24.99
CA GLU E 38 51.83 28.72 -24.88
C GLU E 38 50.84 27.60 -24.56
N LYS E 39 49.90 27.85 -23.62
CA LYS E 39 48.85 26.88 -23.22
C LYS E 39 47.91 26.59 -24.37
N LEU E 40 47.59 27.61 -25.19
CA LEU E 40 46.75 27.45 -26.37
C LEU E 40 47.48 26.63 -27.46
N LYS E 41 48.81 26.90 -27.65
CA LYS E 41 49.64 26.16 -28.64
C LYS E 41 49.71 24.67 -28.30
N GLU E 42 49.85 24.34 -27.00
CA GLU E 42 49.93 22.95 -26.50
C GLU E 42 48.59 22.22 -26.67
N GLN E 43 47.52 23.01 -26.84
CA GLN E 43 46.12 22.58 -27.01
C GLN E 43 45.76 22.39 -28.50
N GLU E 44 46.79 22.33 -29.39
CA GLU E 44 46.66 22.19 -30.85
C GLU E 44 45.95 23.40 -31.48
N CYS E 45 46.35 24.61 -31.05
CA CYS E 45 45.79 25.85 -31.55
C CYS E 45 46.77 26.62 -32.41
N ASP E 46 46.33 27.03 -33.62
CA ASP E 46 47.10 27.86 -34.53
C ASP E 46 46.96 29.28 -33.98
N VAL E 47 47.94 29.70 -33.16
CA VAL E 47 47.93 31.01 -32.48
C VAL E 47 48.91 31.98 -33.15
N LYS E 48 48.40 33.19 -33.50
CA LYS E 48 49.17 34.30 -34.03
C LYS E 48 49.03 35.51 -33.10
N ASP E 49 50.16 36.10 -32.69
CA ASP E 49 50.15 37.26 -31.82
C ASP E 49 50.16 38.54 -32.67
N TYR E 50 49.07 39.34 -32.59
CA TYR E 50 48.97 40.59 -33.33
C TYR E 50 49.49 41.75 -32.47
N GLY E 51 49.90 41.41 -31.25
CA GLY E 51 50.47 42.34 -30.28
C GLY E 51 49.47 43.15 -29.51
N ASP E 52 49.97 44.16 -28.78
CA ASP E 52 49.16 45.09 -27.98
C ASP E 52 49.01 46.38 -28.76
N LEU E 53 47.79 46.91 -28.81
CA LEU E 53 47.50 48.15 -29.54
C LEU E 53 48.09 49.36 -28.81
N PRO E 54 48.76 50.27 -29.55
CA PRO E 54 49.29 51.48 -28.88
C PRO E 54 48.20 52.55 -28.73
N PHE E 55 47.67 52.70 -27.49
CA PHE E 55 46.62 53.68 -27.21
C PHE E 55 47.24 55.01 -26.78
N ALA E 56 47.37 55.94 -27.74
CA ALA E 56 47.97 57.27 -27.52
C ALA E 56 47.15 58.12 -26.54
N ASP E 57 47.84 58.70 -25.55
CA ASP E 57 47.24 59.55 -24.52
C ASP E 57 46.62 60.81 -25.12
N ILE E 58 45.32 61.03 -24.84
CA ILE E 58 44.61 62.21 -25.33
C ILE E 58 44.48 63.25 -24.19
N PRO E 59 45.27 64.35 -24.23
CA PRO E 59 45.13 65.38 -23.18
C PRO E 59 43.92 66.28 -23.44
N ASN E 60 43.47 67.03 -22.41
CA ASN E 60 42.29 67.93 -22.49
C ASN E 60 41.02 67.18 -22.92
N ASP E 61 40.89 65.90 -22.52
CA ASP E 61 39.72 65.08 -22.83
C ASP E 61 38.59 65.44 -21.86
N SER E 62 37.94 66.60 -22.11
CA SER E 62 36.85 67.13 -21.28
C SER E 62 35.63 66.20 -21.29
N PRO E 63 34.86 66.14 -20.16
CA PRO E 63 33.70 65.24 -20.14
C PRO E 63 32.54 65.71 -20.99
N PHE E 64 31.77 64.75 -21.54
CA PHE E 64 30.53 65.03 -22.25
C PHE E 64 29.42 64.86 -21.23
N GLN E 65 28.94 65.99 -20.68
CA GLN E 65 27.93 66.07 -19.61
C GLN E 65 28.47 65.44 -18.31
N ILE E 66 28.34 64.10 -18.17
CA ILE E 66 28.84 63.35 -17.03
C ILE E 66 29.82 62.25 -17.48
N VAL E 67 29.77 61.89 -18.78
CA VAL E 67 30.59 60.85 -19.42
C VAL E 67 32.08 61.23 -19.40
N LYS E 68 32.89 60.46 -18.63
CA LYS E 68 34.33 60.68 -18.48
C LYS E 68 35.15 60.10 -19.64
N ASN E 69 36.24 60.81 -20.01
CA ASN E 69 37.19 60.44 -21.09
C ASN E 69 36.49 59.99 -22.43
N PRO E 70 35.51 60.77 -22.99
CA PRO E 70 34.83 60.30 -24.21
C PRO E 70 35.73 60.06 -25.42
N ARG E 71 36.63 61.01 -25.71
CA ARG E 71 37.55 60.94 -26.85
C ARG E 71 38.52 59.75 -26.76
N SER E 72 39.02 59.45 -25.54
CA SER E 72 39.94 58.33 -25.32
C SER E 72 39.25 56.97 -25.53
N VAL E 73 38.01 56.83 -25.02
CA VAL E 73 37.24 55.59 -25.13
C VAL E 73 36.84 55.30 -26.59
N GLY E 74 36.32 56.31 -27.28
CA GLY E 74 35.94 56.21 -28.68
C GLY E 74 37.11 55.85 -29.57
N LYS E 75 38.28 56.53 -29.38
CA LYS E 75 39.49 56.31 -30.15
C LYS E 75 40.03 54.89 -30.02
N ALA E 76 40.12 54.39 -28.77
CA ALA E 76 40.63 53.05 -28.45
C ALA E 76 39.79 51.97 -29.14
N SER E 77 38.45 52.10 -29.02
CA SER E 77 37.51 51.19 -29.66
C SER E 77 37.60 51.32 -31.19
N GLU E 78 37.82 52.55 -31.72
CA GLU E 78 38.00 52.76 -33.16
C GLU E 78 39.26 52.03 -33.64
N GLN E 79 40.36 52.12 -32.85
CA GLN E 79 41.62 51.42 -33.14
C GLN E 79 41.42 49.89 -33.09
N LEU E 80 40.71 49.39 -32.04
CA LEU E 80 40.41 47.96 -31.84
C LEU E 80 39.51 47.42 -32.96
N ALA E 81 38.55 48.24 -33.44
CA ALA E 81 37.64 47.83 -34.52
C ALA E 81 38.38 47.49 -35.83
N GLY E 82 39.39 48.29 -36.18
CA GLY E 82 40.21 48.05 -37.37
C GLY E 82 41.09 46.82 -37.24
N LYS E 83 41.58 46.56 -36.01
CA LYS E 83 42.43 45.40 -35.71
C LYS E 83 41.63 44.11 -35.67
N VAL E 84 40.41 44.12 -35.05
CA VAL E 84 39.53 42.94 -35.00
C VAL E 84 39.10 42.57 -36.41
N ALA E 85 38.73 43.60 -37.23
CA ALA E 85 38.32 43.42 -38.63
C ALA E 85 39.45 42.81 -39.47
N GLU E 86 40.70 43.24 -39.20
CA GLU E 86 41.91 42.72 -39.89
C GLU E 86 42.07 41.23 -39.55
N VAL E 87 42.07 40.89 -38.24
CA VAL E 87 42.18 39.51 -37.73
C VAL E 87 41.11 38.59 -38.37
N LYS E 88 39.85 39.08 -38.47
CA LYS E 88 38.73 38.34 -39.04
C LYS E 88 38.86 38.08 -40.54
N LYS E 89 39.41 39.05 -41.29
CA LYS E 89 39.66 38.93 -42.73
C LYS E 89 40.79 37.93 -42.98
N ASN E 90 41.68 37.74 -41.97
CA ASN E 90 42.77 36.77 -42.01
C ASN E 90 42.28 35.34 -41.65
N GLY E 91 40.98 35.21 -41.37
CA GLY E 91 40.32 33.94 -41.07
C GLY E 91 40.62 33.33 -39.70
N ARG E 92 40.96 34.18 -38.70
CA ARG E 92 41.27 33.76 -37.32
C ARG E 92 40.20 34.24 -36.35
N ILE E 93 40.00 33.51 -35.23
CA ILE E 93 39.06 33.93 -34.18
C ILE E 93 39.72 35.06 -33.40
N SER E 94 39.07 36.23 -33.30
CA SER E 94 39.65 37.35 -32.57
C SER E 94 39.58 37.13 -31.08
N LEU E 95 40.74 37.23 -30.41
CA LEU E 95 40.85 37.06 -28.98
C LEU E 95 41.39 38.36 -28.37
N VAL E 96 40.45 39.18 -27.88
CA VAL E 96 40.76 40.48 -27.29
C VAL E 96 41.07 40.32 -25.80
N LEU E 97 42.23 40.80 -25.40
CA LEU E 97 42.67 40.79 -24.02
C LEU E 97 42.47 42.19 -23.42
N GLY E 98 41.39 42.34 -22.67
CA GLY E 98 41.08 43.61 -22.00
C GLY E 98 41.90 43.81 -20.73
N GLY E 99 41.84 45.00 -20.14
CA GLY E 99 41.06 46.13 -20.62
C GLY E 99 39.65 46.16 -20.09
N ASP E 100 39.07 47.36 -19.91
CA ASP E 100 37.70 47.51 -19.42
C ASP E 100 36.70 47.22 -20.54
N HIS E 101 35.45 46.88 -20.17
CA HIS E 101 34.41 46.46 -21.10
C HIS E 101 33.93 47.50 -22.14
N SER E 102 34.46 48.76 -22.11
CA SER E 102 34.09 49.76 -23.12
C SER E 102 34.61 49.33 -24.47
N LEU E 103 35.75 48.62 -24.48
CA LEU E 103 36.40 48.08 -25.68
C LEU E 103 35.51 47.12 -26.49
N ALA E 104 34.41 46.61 -25.89
CA ALA E 104 33.41 45.77 -26.59
C ALA E 104 32.80 46.52 -27.76
N ILE E 105 32.79 47.88 -27.69
CA ILE E 105 32.35 48.77 -28.78
C ILE E 105 33.17 48.42 -30.03
N GLY E 106 34.49 48.53 -29.90
CA GLY E 106 35.43 48.24 -30.96
C GLY E 106 35.54 46.79 -31.33
N SER E 107 35.53 45.90 -30.32
CA SER E 107 35.61 44.46 -30.57
C SER E 107 34.44 43.91 -31.37
N ILE E 108 33.18 44.21 -30.95
CA ILE E 108 31.99 43.74 -31.68
C ILE E 108 31.87 44.46 -33.06
N SER E 109 32.03 45.81 -33.10
CA SER E 109 31.91 46.58 -34.35
C SER E 109 32.83 46.08 -35.45
N GLY E 110 34.10 45.82 -35.12
CA GLY E 110 35.08 45.29 -36.04
C GLY E 110 34.73 43.91 -36.54
N HIS E 111 34.18 43.07 -35.64
CA HIS E 111 33.75 41.70 -35.91
C HIS E 111 32.50 41.70 -36.81
N ALA E 112 31.55 42.66 -36.60
CA ALA E 112 30.34 42.74 -37.43
C ALA E 112 30.65 43.29 -38.81
N ARG E 113 31.76 44.04 -38.96
CA ARG E 113 32.23 44.57 -40.25
C ARG E 113 32.57 43.43 -41.23
N VAL E 114 33.01 42.29 -40.69
CA VAL E 114 33.38 41.11 -41.47
C VAL E 114 32.26 40.07 -41.37
N HIS E 115 31.62 39.96 -40.20
CA HIS E 115 30.50 39.03 -39.98
C HIS E 115 29.25 39.76 -39.42
N PRO E 116 28.43 40.39 -40.30
CA PRO E 116 27.27 41.17 -39.80
C PRO E 116 26.10 40.36 -39.23
N ASP E 117 26.09 39.04 -39.43
CA ASP E 117 25.02 38.15 -38.96
C ASP E 117 25.33 37.53 -37.59
N LEU E 118 26.39 38.03 -36.91
CA LEU E 118 26.85 37.51 -35.63
C LEU E 118 25.83 37.63 -34.49
N GLY E 119 25.89 36.66 -33.58
CA GLY E 119 25.10 36.61 -32.36
C GLY E 119 26.03 36.84 -31.20
N VAL E 120 25.58 37.59 -30.19
CA VAL E 120 26.42 37.95 -29.03
C VAL E 120 25.94 37.23 -27.76
N ILE E 121 26.89 36.69 -26.98
CA ILE E 121 26.69 36.13 -25.65
C ILE E 121 27.52 37.02 -24.71
N TRP E 122 26.82 37.80 -23.87
CA TRP E 122 27.42 38.77 -22.96
C TRP E 122 27.43 38.19 -21.53
N VAL E 123 28.59 37.67 -21.09
CA VAL E 123 28.70 37.08 -19.74
C VAL E 123 29.19 38.17 -18.83
N ASP E 124 28.33 38.55 -17.85
CA ASP E 124 28.56 39.72 -16.99
C ASP E 124 27.59 39.74 -15.82
N ALA E 125 27.95 40.40 -14.72
CA ALA E 125 27.05 40.63 -13.58
C ALA E 125 26.15 41.82 -13.91
N HIS E 126 26.58 42.62 -14.89
CA HIS E 126 25.96 43.86 -15.33
C HIS E 126 25.52 43.80 -16.80
N THR E 127 24.50 44.59 -17.16
CA THR E 127 23.97 44.63 -18.54
C THR E 127 24.82 45.54 -19.46
N ASP E 128 25.56 46.52 -18.87
CA ASP E 128 26.41 47.48 -19.61
C ASP E 128 25.65 48.14 -20.77
N ILE E 129 24.35 48.41 -20.55
CA ILE E 129 23.41 48.93 -21.55
C ILE E 129 22.98 50.38 -21.29
N ASN E 130 23.57 51.05 -20.28
CA ASN E 130 23.27 52.47 -20.04
C ASN E 130 23.67 53.28 -21.27
N THR E 131 22.95 54.38 -21.52
CA THR E 131 23.27 55.31 -22.62
C THR E 131 24.07 56.45 -21.97
N PRO E 132 24.70 57.38 -22.76
CA PRO E 132 25.38 58.52 -22.12
C PRO E 132 24.41 59.43 -21.34
N LEU E 133 23.10 59.20 -21.51
CA LEU E 133 22.03 59.94 -20.86
C LEU E 133 21.42 59.22 -19.65
N THR E 134 21.46 57.85 -19.62
CA THR E 134 20.90 57.09 -18.49
C THR E 134 21.93 56.83 -17.37
N THR E 135 23.24 56.86 -17.71
CA THR E 135 24.32 56.62 -16.75
C THR E 135 24.28 57.58 -15.56
N THR E 136 24.52 57.05 -14.37
CA THR E 136 24.62 57.84 -13.13
C THR E 136 26.10 57.89 -12.69
N SER E 137 26.95 57.02 -13.29
CA SER E 137 28.38 56.97 -13.01
C SER E 137 29.20 57.76 -14.04
N GLY E 138 28.75 57.75 -15.28
CA GLY E 138 29.47 58.36 -16.40
C GLY E 138 30.65 57.53 -16.86
N ASN E 139 30.75 56.27 -16.37
CA ASN E 139 31.81 55.35 -16.75
C ASN E 139 31.38 54.55 -17.99
N LEU E 140 32.13 54.68 -19.11
CA LEU E 140 31.78 54.09 -20.40
C LEU E 140 31.87 52.55 -20.47
N HIS E 141 32.44 51.89 -19.46
CA HIS E 141 32.49 50.41 -19.44
C HIS E 141 31.11 49.77 -19.10
N GLY E 142 30.18 50.61 -18.65
CA GLY E 142 28.81 50.20 -18.34
C GLY E 142 27.81 50.74 -19.35
N GLN E 143 28.33 51.13 -20.53
CA GLN E 143 27.54 51.71 -21.62
C GLN E 143 27.76 51.04 -23.03
N PRO E 144 28.70 50.06 -23.24
CA PRO E 144 28.97 49.58 -24.60
C PRO E 144 27.80 49.00 -25.37
N VAL E 145 26.88 48.27 -24.72
CA VAL E 145 25.72 47.67 -25.40
C VAL E 145 24.81 48.75 -26.03
N SER E 146 24.64 49.92 -25.38
CA SER E 146 23.80 51.00 -25.91
C SER E 146 24.35 51.59 -27.23
N PHE E 147 25.70 51.69 -27.36
CA PHE E 147 26.35 52.20 -28.58
C PHE E 147 26.20 51.21 -29.75
N LEU E 148 26.02 49.91 -29.44
CA LEU E 148 25.94 48.84 -30.44
C LEU E 148 24.54 48.47 -30.94
N LEU E 149 23.46 48.69 -30.13
CA LEU E 149 22.09 48.31 -30.52
C LEU E 149 21.44 49.26 -31.54
N LYS E 150 20.88 48.69 -32.63
CA LYS E 150 20.20 49.46 -33.68
C LYS E 150 18.90 50.09 -33.19
N GLU E 151 18.26 49.48 -32.18
CA GLU E 151 17.01 49.94 -31.59
C GLU E 151 17.21 51.21 -30.74
N LEU E 152 18.45 51.45 -30.25
CA LEU E 152 18.76 52.63 -29.43
C LEU E 152 19.35 53.79 -30.24
N LYS E 153 19.28 53.70 -31.59
CA LYS E 153 19.71 54.76 -32.50
C LYS E 153 18.68 55.90 -32.38
N GLY E 154 19.12 57.04 -31.87
CA GLY E 154 18.26 58.19 -31.59
C GLY E 154 18.18 58.48 -30.10
N LYS E 155 18.68 57.53 -29.29
CA LYS E 155 18.73 57.65 -27.82
C LYS E 155 20.22 57.79 -27.38
N ILE E 156 21.13 57.83 -28.36
CA ILE E 156 22.58 58.01 -28.14
C ILE E 156 22.96 59.38 -28.71
N PRO E 157 23.33 60.36 -27.85
CA PRO E 157 23.67 61.68 -28.37
C PRO E 157 25.05 61.73 -29.03
N ASP E 158 25.40 62.86 -29.66
CA ASP E 158 26.71 63.01 -30.30
C ASP E 158 27.83 63.13 -29.25
N VAL E 159 28.41 61.99 -28.88
CA VAL E 159 29.51 61.94 -27.92
C VAL E 159 30.84 62.11 -28.67
N PRO E 160 31.72 63.08 -28.25
CA PRO E 160 33.00 63.26 -28.97
C PRO E 160 33.87 61.99 -28.95
N GLY E 161 34.30 61.58 -30.14
CA GLY E 161 35.13 60.40 -30.33
C GLY E 161 34.35 59.19 -30.82
N PHE E 162 33.02 59.27 -30.85
CA PHE E 162 32.16 58.14 -31.25
C PHE E 162 31.35 58.41 -32.53
N SER E 163 31.81 59.32 -33.43
CA SER E 163 31.11 59.58 -34.69
C SER E 163 31.26 58.40 -35.65
N TRP E 164 32.40 57.66 -35.56
CA TRP E 164 32.70 56.48 -36.38
C TRP E 164 31.73 55.31 -36.15
N VAL E 165 31.10 55.25 -34.95
CA VAL E 165 30.17 54.17 -34.54
C VAL E 165 28.91 54.11 -35.42
N THR E 166 28.49 52.88 -35.74
CA THR E 166 27.26 52.57 -36.47
C THR E 166 26.69 51.29 -35.80
N PRO E 167 25.53 51.37 -35.09
CA PRO E 167 25.01 50.16 -34.42
C PRO E 167 25.01 48.96 -35.36
N CYS E 168 25.58 47.83 -34.89
CA CYS E 168 25.78 46.64 -35.72
C CYS E 168 24.96 45.41 -35.29
N ILE E 169 24.21 45.51 -34.16
CA ILE E 169 23.39 44.41 -33.64
C ILE E 169 21.99 44.88 -33.28
N SER E 170 21.01 44.00 -33.42
CA SER E 170 19.63 44.28 -33.01
C SER E 170 19.41 43.68 -31.63
N ALA E 171 18.35 44.12 -30.92
CA ALA E 171 18.01 43.63 -29.57
C ALA E 171 17.88 42.09 -29.51
N LYS E 172 17.46 41.48 -30.64
CA LYS E 172 17.27 40.03 -30.75
C LYS E 172 18.57 39.22 -31.00
N ASP E 173 19.70 39.91 -31.24
CA ASP E 173 20.99 39.28 -31.56
C ASP E 173 21.94 39.16 -30.35
N ILE E 174 21.42 39.33 -29.14
CA ILE E 174 22.25 39.31 -27.93
C ILE E 174 21.58 38.54 -26.81
N VAL E 175 22.37 37.72 -26.07
CA VAL E 175 21.91 36.97 -24.89
C VAL E 175 22.82 37.28 -23.72
N TYR E 176 22.23 37.71 -22.59
CA TYR E 176 22.98 37.98 -21.35
C TYR E 176 22.94 36.75 -20.45
N ILE E 177 24.07 36.47 -19.75
CA ILE E 177 24.15 35.37 -18.79
C ILE E 177 24.92 35.85 -17.57
N GLY E 178 24.29 35.76 -16.39
CA GLY E 178 24.92 36.07 -15.12
C GLY E 178 24.55 37.39 -14.44
N LEU E 179 23.54 38.12 -14.96
CA LEU E 179 23.13 39.42 -14.43
C LEU E 179 22.61 39.37 -13.00
N ARG E 180 23.00 40.35 -12.19
CA ARG E 180 22.60 40.46 -10.77
C ARG E 180 22.78 41.90 -10.20
N ASP E 181 23.15 42.88 -11.06
CA ASP E 181 23.33 44.29 -10.67
C ASP E 181 23.01 45.22 -11.84
N VAL E 182 21.71 45.34 -12.12
CA VAL E 182 21.15 46.08 -13.26
C VAL E 182 20.52 47.41 -12.77
N ASP E 183 20.98 48.57 -13.31
CA ASP E 183 20.43 49.89 -12.94
C ASP E 183 18.95 50.02 -13.39
N PRO E 184 18.12 50.93 -12.78
CA PRO E 184 16.70 51.02 -13.20
C PRO E 184 16.52 51.37 -14.68
N GLY E 185 17.36 52.29 -15.17
CA GLY E 185 17.39 52.71 -16.57
C GLY E 185 17.69 51.55 -17.49
N GLU E 186 18.64 50.70 -17.08
CA GLU E 186 19.06 49.49 -17.79
C GLU E 186 17.96 48.45 -17.77
N HIS E 187 17.32 48.25 -16.61
CA HIS E 187 16.21 47.30 -16.48
C HIS E 187 15.07 47.69 -17.43
N TYR E 188 14.75 49.02 -17.48
CA TYR E 188 13.76 49.55 -18.42
C TYR E 188 14.14 49.18 -19.84
N ILE E 189 15.41 49.48 -20.27
CA ILE E 189 15.92 49.17 -21.62
C ILE E 189 15.78 47.66 -21.91
N LEU E 190 16.26 46.82 -20.99
CA LEU E 190 16.23 45.36 -21.11
C LEU E 190 14.84 44.80 -21.42
N LYS E 191 13.82 45.28 -20.69
CA LYS E 191 12.45 44.80 -20.85
C LYS E 191 11.74 45.37 -22.08
N THR E 192 11.79 46.71 -22.28
CA THR E 192 11.14 47.37 -23.42
C THR E 192 11.65 46.88 -24.79
N LEU E 193 12.96 46.56 -24.87
CA LEU E 193 13.55 46.03 -26.10
C LEU E 193 13.33 44.53 -26.22
N GLY E 194 12.89 43.89 -25.13
CA GLY E 194 12.62 42.45 -25.08
C GLY E 194 13.83 41.58 -25.31
N ILE E 195 15.03 42.05 -24.87
CA ILE E 195 16.31 41.33 -24.96
C ILE E 195 16.27 40.01 -24.15
N LYS E 196 16.85 38.94 -24.70
CA LYS E 196 16.94 37.63 -24.05
C LYS E 196 17.99 37.70 -22.97
N TYR E 197 17.65 37.23 -21.76
CA TYR E 197 18.60 37.26 -20.65
C TYR E 197 18.39 36.14 -19.68
N PHE E 198 19.49 35.78 -19.03
CA PHE E 198 19.53 34.81 -17.97
C PHE E 198 20.26 35.44 -16.83
N SER E 199 19.50 36.07 -15.94
CA SER E 199 20.04 36.64 -14.72
C SER E 199 20.31 35.45 -13.81
N MET E 200 21.03 35.66 -12.70
CA MET E 200 21.32 34.58 -11.74
C MET E 200 20.07 33.87 -11.27
N THR E 201 18.90 34.55 -11.34
CA THR E 201 17.61 33.97 -10.96
C THR E 201 17.24 32.82 -11.90
N GLU E 202 17.40 33.04 -13.23
CA GLU E 202 17.14 32.01 -14.25
C GLU E 202 18.19 30.88 -14.16
N VAL E 203 19.46 31.21 -13.81
CA VAL E 203 20.51 30.19 -13.67
C VAL E 203 20.19 29.27 -12.47
N ASP E 204 19.69 29.85 -11.37
CA ASP E 204 19.27 29.11 -10.17
C ASP E 204 18.05 28.25 -10.51
N ARG E 205 17.04 28.84 -11.18
CA ARG E 205 15.80 28.18 -11.61
C ARG E 205 16.05 27.00 -12.56
N LEU E 206 16.87 27.21 -13.60
CA LEU E 206 17.05 26.21 -14.67
C LEU E 206 18.28 25.32 -14.55
N GLY E 207 19.34 25.83 -13.92
CA GLY E 207 20.64 25.16 -13.92
C GLY E 207 21.36 25.63 -15.16
N ILE E 208 22.69 25.60 -15.15
CA ILE E 208 23.46 26.11 -16.30
C ILE E 208 23.25 25.27 -17.60
N GLY E 209 22.90 24.00 -17.47
CA GLY E 209 22.63 23.10 -18.58
C GLY E 209 21.48 23.57 -19.45
N LYS E 210 20.31 23.87 -18.84
CA LYS E 210 19.15 24.40 -19.56
C LYS E 210 19.44 25.84 -20.04
N VAL E 211 20.22 26.63 -19.26
CA VAL E 211 20.62 28.00 -19.63
C VAL E 211 21.35 28.00 -20.98
N MET E 212 22.34 27.11 -21.15
CA MET E 212 23.10 26.98 -22.40
C MET E 212 22.26 26.41 -23.53
N GLU E 213 21.36 25.46 -23.22
CA GLU E 213 20.42 24.85 -24.16
C GLU E 213 19.56 25.97 -24.78
N GLU E 214 18.92 26.79 -23.92
CA GLU E 214 18.07 27.90 -24.34
C GLU E 214 18.82 29.01 -25.09
N THR E 215 20.04 29.38 -24.60
CA THR E 215 20.87 30.44 -25.20
C THR E 215 21.22 30.10 -26.64
N LEU E 216 21.83 28.91 -26.85
CA LEU E 216 22.27 28.42 -28.16
C LEU E 216 21.11 28.17 -29.13
N SER E 217 19.96 27.68 -28.63
CA SER E 217 18.75 27.46 -29.42
C SER E 217 18.19 28.80 -29.92
N TYR E 218 18.12 29.82 -29.02
CA TYR E 218 17.64 31.17 -29.34
C TYR E 218 18.53 31.85 -30.40
N LEU E 219 19.86 31.72 -30.28
CA LEU E 219 20.80 32.34 -31.21
C LEU E 219 20.99 31.59 -32.53
N LEU E 220 21.12 30.25 -32.49
CA LEU E 220 21.44 29.44 -33.66
C LEU E 220 20.26 28.65 -34.29
N GLY E 221 19.05 28.80 -33.72
CA GLY E 221 17.84 28.10 -34.16
C GLY E 221 17.60 28.07 -35.64
N ARG E 222 17.24 29.24 -36.22
CA ARG E 222 16.96 29.47 -37.65
C ARG E 222 18.07 28.87 -38.55
N LYS E 223 19.34 29.28 -38.32
CA LYS E 223 20.51 28.84 -39.07
C LYS E 223 21.82 29.07 -38.29
N LYS E 224 22.92 28.40 -38.71
CA LYS E 224 24.25 28.58 -38.11
C LYS E 224 24.73 30.02 -38.36
N ARG E 225 25.35 30.63 -37.34
CA ARG E 225 25.85 32.01 -37.40
C ARG E 225 27.05 32.22 -36.47
N PRO E 226 28.00 33.14 -36.83
CA PRO E 226 29.16 33.37 -35.95
C PRO E 226 28.79 33.85 -34.54
N ILE E 227 29.52 33.35 -33.52
CA ILE E 227 29.27 33.71 -32.12
C ILE E 227 30.38 34.59 -31.59
N HIS E 228 30.01 35.72 -30.98
CA HIS E 228 30.92 36.61 -30.30
C HIS E 228 30.64 36.53 -28.80
N LEU E 229 31.61 36.05 -28.04
CA LEU E 229 31.46 35.96 -26.59
C LEU E 229 32.22 37.09 -25.93
N SER E 230 31.52 38.00 -25.25
CA SER E 230 32.19 39.08 -24.53
C SER E 230 32.11 38.74 -23.06
N PHE E 231 33.24 38.33 -22.49
CA PHE E 231 33.31 37.84 -21.12
C PHE E 231 33.85 38.89 -20.14
N ASP E 232 32.98 39.37 -19.24
CA ASP E 232 33.40 40.23 -18.14
C ASP E 232 33.61 39.27 -16.99
N VAL E 233 34.85 39.18 -16.52
CA VAL E 233 35.24 38.24 -15.46
C VAL E 233 34.41 38.44 -14.18
N ASP E 234 33.71 39.60 -14.04
CA ASP E 234 32.84 39.85 -12.90
C ASP E 234 31.48 39.12 -13.03
N GLY E 235 31.28 38.40 -14.13
CA GLY E 235 30.12 37.52 -14.30
C GLY E 235 30.22 36.36 -13.32
N LEU E 236 31.48 35.95 -13.04
CA LEU E 236 31.80 34.91 -12.06
C LEU E 236 31.85 35.54 -10.69
N ASP E 237 31.55 34.74 -9.67
CA ASP E 237 31.55 35.16 -8.27
C ASP E 237 32.90 35.72 -7.84
N PRO E 238 32.94 36.72 -6.90
CA PRO E 238 34.24 37.28 -6.47
C PRO E 238 35.18 36.28 -5.81
N SER E 239 34.69 35.08 -5.46
CA SER E 239 35.53 34.05 -4.85
C SER E 239 36.44 33.35 -5.88
N PHE E 240 36.16 33.55 -7.20
CA PHE E 240 36.96 32.99 -8.30
C PHE E 240 37.71 34.07 -9.07
N THR E 241 37.10 35.28 -9.19
CA THR E 241 37.69 36.42 -9.89
C THR E 241 37.65 37.70 -8.99
N PRO E 242 38.33 37.70 -7.80
CA PRO E 242 38.28 38.90 -6.93
C PRO E 242 38.97 40.16 -7.49
N ALA E 243 40.07 39.99 -8.24
CA ALA E 243 40.82 41.12 -8.81
C ALA E 243 40.07 41.70 -10.02
N THR E 244 38.98 42.45 -9.74
CA THR E 244 38.14 43.12 -10.73
C THR E 244 37.49 44.39 -10.11
N GLY E 245 37.25 45.39 -10.94
CA GLY E 245 36.72 46.68 -10.54
C GLY E 245 35.34 46.72 -9.93
N THR E 246 34.36 45.99 -10.50
CA THR E 246 32.99 46.04 -9.99
C THR E 246 32.48 44.64 -9.60
N PRO E 247 32.99 44.04 -8.49
CA PRO E 247 32.53 42.69 -8.12
C PRO E 247 31.18 42.68 -7.47
N VAL E 248 30.36 41.66 -7.79
CA VAL E 248 29.01 41.48 -7.23
C VAL E 248 28.92 40.05 -6.71
N VAL E 249 28.53 39.88 -5.43
CA VAL E 249 28.39 38.57 -4.78
C VAL E 249 27.27 37.73 -5.45
N GLY E 250 27.32 36.41 -5.26
CA GLY E 250 26.30 35.51 -5.81
C GLY E 250 26.42 35.29 -7.31
N GLY E 251 27.64 35.38 -7.82
CA GLY E 251 27.91 35.19 -9.23
C GLY E 251 28.01 33.76 -9.66
N LEU E 252 28.33 33.56 -10.95
CA LEU E 252 28.51 32.24 -11.55
C LEU E 252 29.70 31.56 -10.92
N THR E 253 29.61 30.25 -10.71
CA THR E 253 30.72 29.48 -10.14
C THR E 253 31.79 29.26 -11.19
N TYR E 254 32.96 28.73 -10.76
CA TYR E 254 34.05 28.34 -11.65
C TYR E 254 33.55 27.27 -12.65
N ARG E 255 32.78 26.28 -12.16
CA ARG E 255 32.22 25.19 -12.97
C ARG E 255 31.28 25.72 -14.05
N GLU E 256 30.33 26.61 -13.67
CA GLU E 256 29.39 27.19 -14.64
C GLU E 256 30.11 27.97 -15.74
N GLY E 257 31.14 28.72 -15.34
CA GLY E 257 31.99 29.48 -16.26
C GLY E 257 32.58 28.56 -17.30
N LEU E 258 33.12 27.40 -16.85
CA LEU E 258 33.69 26.39 -17.73
C LEU E 258 32.62 25.72 -18.59
N TYR E 259 31.42 25.49 -18.04
CA TYR E 259 30.34 24.86 -18.81
C TYR E 259 29.83 25.74 -19.93
N ILE E 260 29.76 27.07 -19.70
CA ILE E 260 29.32 28.05 -20.69
C ILE E 260 30.29 27.96 -21.86
N THR E 261 31.60 28.11 -21.57
CA THR E 261 32.69 28.16 -22.56
C THR E 261 32.91 26.83 -23.29
N GLU E 262 32.66 25.67 -22.62
CA GLU E 262 32.74 24.35 -23.25
C GLU E 262 31.61 24.20 -24.28
N GLU E 263 30.37 24.61 -23.90
CA GLU E 263 29.21 24.52 -24.80
C GLU E 263 29.36 25.40 -26.02
N ILE E 264 30.01 26.55 -25.86
CA ILE E 264 30.26 27.50 -26.95
C ILE E 264 31.30 26.91 -27.92
N TYR E 265 32.38 26.31 -27.40
CA TYR E 265 33.37 25.64 -28.25
C TYR E 265 32.72 24.55 -29.13
N LYS E 266 31.88 23.69 -28.52
CA LYS E 266 31.21 22.56 -29.16
C LYS E 266 30.35 22.91 -30.40
N THR E 267 29.90 24.18 -30.52
CA THR E 267 29.13 24.63 -31.70
C THR E 267 30.05 24.77 -32.92
N GLY E 268 31.32 25.05 -32.66
CA GLY E 268 32.32 25.28 -33.72
C GLY E 268 32.12 26.63 -34.39
N LEU E 269 31.20 27.45 -33.83
CA LEU E 269 30.86 28.76 -34.40
C LEU E 269 31.42 29.95 -33.62
N LEU E 270 32.37 29.72 -32.66
CA LEU E 270 33.01 30.83 -31.95
C LEU E 270 33.86 31.61 -32.96
N SER E 271 33.61 32.91 -33.07
CA SER E 271 34.25 33.77 -34.05
C SER E 271 34.96 34.95 -33.41
N GLY E 272 34.48 35.35 -32.24
CA GLY E 272 35.06 36.43 -31.46
C GLY E 272 35.03 36.17 -29.97
N LEU E 273 36.08 36.60 -29.26
CA LEU E 273 36.16 36.40 -27.81
C LEU E 273 36.85 37.57 -27.12
N ASP E 274 36.15 38.17 -26.12
CA ASP E 274 36.69 39.25 -25.29
C ASP E 274 36.84 38.76 -23.85
N ILE E 275 38.05 38.87 -23.28
CA ILE E 275 38.31 38.54 -21.87
C ILE E 275 38.62 39.88 -21.24
N MET E 276 37.61 40.48 -20.55
CA MET E 276 37.67 41.85 -20.03
C MET E 276 37.65 41.98 -18.53
N GLU E 277 38.06 43.17 -18.04
CA GLU E 277 38.01 43.65 -16.66
C GLU E 277 38.92 42.93 -15.64
N VAL E 278 39.98 42.23 -16.09
CA VAL E 278 40.94 41.64 -15.15
C VAL E 278 41.83 42.80 -14.67
N ASN E 279 41.74 43.14 -13.35
CA ASN E 279 42.55 44.23 -12.77
C ASN E 279 43.54 43.66 -11.76
N PRO E 280 44.81 43.43 -12.18
CA PRO E 280 45.80 42.86 -11.24
C PRO E 280 46.13 43.74 -10.03
N SER E 281 45.83 45.05 -10.09
CA SER E 281 46.10 45.95 -8.95
C SER E 281 44.97 45.93 -7.88
N LEU E 282 43.90 45.13 -8.11
CA LEU E 282 42.75 45.08 -7.22
C LEU E 282 42.61 43.77 -6.43
N GLY E 283 43.68 42.99 -6.36
CA GLY E 283 43.70 41.79 -5.56
C GLY E 283 44.13 42.11 -4.14
N LYS E 284 43.26 41.80 -3.14
CA LYS E 284 43.53 42.05 -1.72
C LYS E 284 44.87 41.44 -1.26
N THR E 285 45.31 40.38 -1.94
CA THR E 285 46.59 39.70 -1.71
C THR E 285 47.17 39.31 -3.07
N PRO E 286 48.48 38.96 -3.21
CA PRO E 286 48.99 38.50 -4.52
C PRO E 286 48.28 37.23 -5.00
N GLU E 287 47.74 36.42 -4.06
CA GLU E 287 47.01 35.19 -4.31
C GLU E 287 45.67 35.48 -5.02
N GLU E 288 44.99 36.60 -4.67
CA GLU E 288 43.71 36.98 -5.29
C GLU E 288 43.91 37.37 -6.75
N VAL E 289 45.08 37.95 -7.09
CA VAL E 289 45.46 38.33 -8.45
C VAL E 289 45.68 37.05 -9.29
N THR E 290 46.53 36.14 -8.78
CA THR E 290 46.87 34.88 -9.45
C THR E 290 45.63 34.05 -9.69
N ARG E 291 44.71 34.00 -8.72
CA ARG E 291 43.45 33.26 -8.80
C ARG E 291 42.58 33.76 -9.96
N THR E 292 42.39 35.10 -10.05
CA THR E 292 41.61 35.76 -11.10
C THR E 292 42.19 35.41 -12.46
N VAL E 293 43.50 35.64 -12.64
CA VAL E 293 44.26 35.40 -13.87
C VAL E 293 44.18 33.92 -14.27
N ASN E 294 44.38 32.97 -13.30
CA ASN E 294 44.27 31.53 -13.55
C ASN E 294 42.85 31.16 -13.99
N THR E 295 41.82 31.75 -13.36
CA THR E 295 40.42 31.51 -13.74
C THR E 295 40.18 32.05 -15.16
N ALA E 296 40.66 33.27 -15.45
CA ALA E 296 40.50 33.88 -16.79
C ALA E 296 41.20 33.05 -17.88
N VAL E 297 42.35 32.44 -17.56
CA VAL E 297 43.07 31.55 -18.47
C VAL E 297 42.26 30.26 -18.69
N ALA E 298 41.73 29.65 -17.60
CA ALA E 298 40.93 28.43 -17.68
C ALA E 298 39.73 28.62 -18.58
N ILE E 299 39.05 29.78 -18.45
CA ILE E 299 37.87 30.15 -19.26
C ILE E 299 38.23 30.21 -20.75
N THR E 300 39.33 30.91 -21.09
CA THR E 300 39.82 31.10 -22.46
C THR E 300 40.19 29.77 -23.13
N LEU E 301 40.86 28.88 -22.41
CA LEU E 301 41.26 27.57 -22.94
C LEU E 301 40.06 26.69 -23.28
N ALA E 302 38.98 26.75 -22.47
CA ALA E 302 37.75 26.00 -22.71
C ALA E 302 37.02 26.51 -23.98
N CYS E 303 37.17 27.83 -24.30
CA CYS E 303 36.59 28.42 -25.51
C CYS E 303 37.19 27.78 -26.75
N PHE E 304 38.43 27.27 -26.62
CA PHE E 304 39.17 26.69 -27.75
C PHE E 304 39.41 25.19 -27.62
N GLY E 305 38.50 24.50 -26.94
CA GLY E 305 38.49 23.05 -26.91
C GLY E 305 38.99 22.29 -25.71
N LEU E 306 39.53 22.98 -24.69
CA LEU E 306 40.01 22.26 -23.50
C LEU E 306 38.81 21.78 -22.70
N ALA E 307 38.63 20.46 -22.60
CA ALA E 307 37.46 19.88 -21.92
C ALA E 307 37.80 19.11 -20.66
N ARG E 308 36.97 19.24 -19.63
CA ARG E 308 37.15 18.55 -18.36
C ARG E 308 37.07 17.02 -18.44
N GLU E 309 36.33 16.45 -19.43
CA GLU E 309 36.29 14.97 -19.57
C GLU E 309 37.63 14.43 -20.12
N GLY E 310 38.44 15.32 -20.68
CA GLY E 310 39.73 15.01 -21.28
C GLY E 310 39.74 15.26 -22.76
N ASN E 311 40.94 15.27 -23.36
CA ASN E 311 41.12 15.49 -24.80
C ASN E 311 42.21 14.54 -25.30
N HIS E 312 42.21 14.20 -26.60
CA HIS E 312 43.26 13.36 -27.20
C HIS E 312 43.39 13.61 -28.70
N LYS E 313 44.60 13.39 -29.26
CA LYS E 313 44.89 13.56 -30.70
C LYS E 313 44.37 12.35 -31.51
N PRO E 314 44.07 12.49 -32.84
CA PRO E 314 43.58 11.33 -33.62
C PRO E 314 44.65 10.26 -33.94
N ILE E 315 45.02 9.46 -32.92
CA ILE E 315 46.01 8.38 -33.00
C ILE E 315 45.56 7.23 -32.07
N ASP E 316 46.19 6.05 -32.22
CA ASP E 316 45.92 4.91 -31.35
C ASP E 316 46.87 4.99 -30.15
N TYR E 317 46.35 5.44 -28.99
CA TYR E 317 47.14 5.59 -27.76
C TYR E 317 47.51 4.24 -27.13
N LEU E 318 46.79 3.17 -27.50
CA LEU E 318 47.08 1.83 -27.00
C LEU E 318 48.16 1.11 -27.86
N ASN E 319 48.98 1.90 -28.59
CA ASN E 319 50.06 1.39 -29.43
C ASN E 319 51.31 2.28 -29.32
N ALA F 3 -48.43 -52.24 -4.16
CA ALA F 3 -47.00 -52.52 -4.35
C ALA F 3 -46.36 -52.97 -3.05
N LYS F 4 -45.38 -53.91 -3.13
CA LYS F 4 -44.68 -54.47 -1.96
C LYS F 4 -44.00 -53.38 -1.11
N SER F 5 -43.34 -52.38 -1.76
CA SER F 5 -42.68 -51.26 -1.08
C SER F 5 -43.69 -50.26 -0.45
N ARG F 6 -45.01 -50.50 -0.67
CA ARG F 6 -46.09 -49.64 -0.17
C ARG F 6 -47.07 -50.43 0.74
N THR F 7 -46.77 -51.71 1.02
CA THR F 7 -47.58 -52.57 1.89
C THR F 7 -46.98 -52.52 3.28
N ILE F 8 -47.71 -51.93 4.24
CA ILE F 8 -47.22 -51.63 5.58
C ILE F 8 -48.03 -52.29 6.71
N GLY F 9 -47.35 -52.51 7.84
CA GLY F 9 -47.90 -53.06 9.07
C GLY F 9 -47.48 -52.21 10.25
N ILE F 10 -48.35 -51.24 10.63
CA ILE F 10 -48.09 -50.30 11.72
C ILE F 10 -48.16 -50.97 13.09
N ILE F 11 -47.11 -50.81 13.89
CA ILE F 11 -47.06 -51.28 15.27
C ILE F 11 -46.75 -50.09 16.15
N GLY F 12 -47.59 -49.88 17.15
CA GLY F 12 -47.33 -48.87 18.17
C GLY F 12 -46.56 -49.54 19.30
N ALA F 13 -45.42 -48.95 19.68
CA ALA F 13 -44.62 -49.48 20.79
C ALA F 13 -44.50 -48.38 21.86
N PRO F 14 -45.57 -48.21 22.69
CA PRO F 14 -45.54 -47.15 23.72
C PRO F 14 -44.68 -47.55 24.92
N PHE F 15 -43.36 -47.40 24.76
CA PHE F 15 -42.40 -47.77 25.79
C PHE F 15 -41.41 -46.65 26.09
N SER F 16 -41.18 -46.34 27.39
CA SER F 16 -40.29 -45.26 27.82
C SER F 16 -39.16 -45.70 28.78
N LYS F 17 -39.31 -46.85 29.48
CA LYS F 17 -38.35 -47.34 30.49
C LYS F 17 -36.91 -47.64 29.98
N GLY F 18 -36.67 -47.43 28.68
CA GLY F 18 -35.34 -47.59 28.10
C GLY F 18 -34.45 -46.37 28.34
N GLN F 19 -35.05 -45.29 28.86
CA GLN F 19 -34.37 -44.03 29.16
C GLN F 19 -35.08 -43.29 30.32
N PRO F 20 -34.44 -42.32 31.01
CA PRO F 20 -35.07 -41.75 32.22
C PRO F 20 -36.11 -40.66 32.01
N ARG F 21 -36.26 -40.12 30.79
CA ARG F 21 -37.21 -39.03 30.53
C ARG F 21 -38.59 -39.53 30.08
N GLY F 22 -39.60 -39.28 30.92
CA GLY F 22 -40.97 -39.68 30.63
C GLY F 22 -41.58 -38.88 29.49
N GLY F 23 -42.61 -39.45 28.85
CA GLY F 23 -43.33 -38.81 27.76
C GLY F 23 -43.10 -39.40 26.38
N VAL F 24 -42.00 -40.17 26.19
CA VAL F 24 -41.67 -40.80 24.89
C VAL F 24 -42.66 -41.96 24.55
N GLU F 25 -43.40 -42.45 25.57
CA GLU F 25 -44.41 -43.52 25.41
C GLU F 25 -45.63 -43.00 24.65
N GLU F 26 -45.76 -41.66 24.54
CA GLU F 26 -46.83 -40.99 23.83
C GLU F 26 -46.48 -40.79 22.33
N GLY F 27 -45.26 -41.18 21.94
CA GLY F 27 -44.80 -41.12 20.56
C GLY F 27 -45.75 -41.74 19.53
N PRO F 28 -46.26 -42.99 19.73
CA PRO F 28 -47.21 -43.55 18.73
C PRO F 28 -48.54 -42.80 18.69
N THR F 29 -49.03 -42.35 19.88
CA THR F 29 -50.28 -41.59 20.06
C THR F 29 -50.31 -40.29 19.23
N VAL F 30 -49.24 -39.47 19.32
CA VAL F 30 -49.16 -38.19 18.63
C VAL F 30 -48.97 -38.34 17.11
N LEU F 31 -48.27 -39.41 16.67
CA LEU F 31 -48.05 -39.67 15.24
C LEU F 31 -49.33 -40.10 14.55
N ARG F 32 -50.14 -40.95 15.21
CA ARG F 32 -51.45 -41.36 14.69
C ARG F 32 -52.39 -40.15 14.62
N LYS F 33 -52.33 -39.26 15.67
CA LYS F 33 -53.13 -38.03 15.78
C LYS F 33 -52.80 -37.04 14.66
N ALA F 34 -51.51 -37.01 14.22
CA ALA F 34 -51.07 -36.13 13.13
C ALA F 34 -51.62 -36.62 11.78
N GLY F 35 -52.24 -37.80 11.80
CA GLY F 35 -52.87 -38.41 10.63
C GLY F 35 -51.93 -39.21 9.75
N LEU F 36 -50.91 -39.86 10.34
CA LEU F 36 -49.94 -40.67 9.59
C LEU F 36 -50.60 -41.78 8.73
N LEU F 37 -51.46 -42.62 9.35
CA LEU F 37 -52.15 -43.71 8.66
C LEU F 37 -52.98 -43.19 7.49
N GLU F 38 -53.77 -42.11 7.72
CA GLU F 38 -54.57 -41.45 6.69
C GLU F 38 -53.65 -40.91 5.56
N LYS F 39 -52.51 -40.26 5.93
CA LYS F 39 -51.51 -39.72 4.99
C LYS F 39 -50.84 -40.78 4.15
N LEU F 40 -50.65 -42.00 4.72
CA LEU F 40 -50.05 -43.11 3.97
C LEU F 40 -51.04 -43.64 2.94
N LYS F 41 -52.34 -43.74 3.30
CA LYS F 41 -53.40 -44.25 2.42
C LYS F 41 -53.61 -43.41 1.16
N GLU F 42 -53.44 -42.09 1.25
CA GLU F 42 -53.60 -41.17 0.11
C GLU F 42 -52.40 -41.26 -0.82
N GLN F 43 -51.33 -41.92 -0.37
CA GLN F 43 -50.07 -42.11 -1.08
C GLN F 43 -50.11 -43.47 -1.83
N GLU F 44 -51.30 -44.09 -1.92
CA GLU F 44 -51.55 -45.39 -2.56
C GLU F 44 -50.92 -46.55 -1.77
N CYS F 45 -50.92 -46.44 -0.42
CA CYS F 45 -50.38 -47.45 0.47
C CYS F 45 -51.43 -48.40 1.01
N ASP F 46 -51.12 -49.69 1.07
CA ASP F 46 -51.98 -50.69 1.72
C ASP F 46 -51.57 -50.68 3.18
N VAL F 47 -52.42 -50.11 4.05
CA VAL F 47 -52.09 -49.93 5.46
C VAL F 47 -52.92 -50.83 6.39
N LYS F 48 -52.24 -51.68 7.17
CA LYS F 48 -52.86 -52.49 8.20
C LYS F 48 -52.31 -52.05 9.56
N ASP F 49 -53.20 -51.68 10.47
CA ASP F 49 -52.82 -51.26 11.81
C ASP F 49 -52.86 -52.46 12.76
N TYR F 50 -51.71 -52.79 13.36
CA TYR F 50 -51.62 -53.90 14.31
C TYR F 50 -51.83 -53.40 15.74
N GLY F 51 -52.24 -52.14 15.85
CA GLY F 51 -52.52 -51.47 17.12
C GLY F 51 -51.28 -51.06 17.87
N ASP F 52 -51.44 -50.83 19.18
CA ASP F 52 -50.36 -50.46 20.10
C ASP F 52 -50.10 -51.64 21.05
N LEU F 53 -48.83 -52.08 21.14
CA LEU F 53 -48.44 -53.20 22.00
C LEU F 53 -48.68 -52.84 23.47
N PRO F 54 -49.41 -53.69 24.24
CA PRO F 54 -49.58 -53.39 25.67
C PRO F 54 -48.34 -53.78 26.44
N PHE F 55 -47.74 -52.81 27.16
CA PHE F 55 -46.54 -53.08 27.94
C PHE F 55 -46.84 -53.08 29.43
N ALA F 56 -47.16 -54.28 29.97
CA ALA F 56 -47.47 -54.49 31.39
C ALA F 56 -46.31 -54.06 32.29
N ASP F 57 -46.61 -53.26 33.33
CA ASP F 57 -45.62 -52.77 34.29
C ASP F 57 -45.05 -53.93 35.11
N ILE F 58 -43.71 -53.97 35.22
CA ILE F 58 -43.00 -55.00 35.98
C ILE F 58 -42.51 -54.42 37.31
N PRO F 59 -43.21 -54.72 38.44
CA PRO F 59 -42.77 -54.19 39.74
C PRO F 59 -41.53 -54.93 40.26
N ASN F 60 -40.74 -54.24 41.11
CA ASN F 60 -39.50 -54.74 41.74
C ASN F 60 -38.37 -55.06 40.71
N ASP F 61 -38.40 -54.42 39.51
CA ASP F 61 -37.39 -54.61 38.47
C ASP F 61 -36.08 -53.91 38.87
N SER F 62 -35.29 -54.57 39.75
CA SER F 62 -34.03 -54.05 40.28
C SER F 62 -33.00 -53.80 39.15
N PRO F 63 -32.16 -52.75 39.25
CA PRO F 63 -31.19 -52.49 38.19
C PRO F 63 -30.10 -53.54 38.11
N PHE F 64 -29.72 -53.96 36.89
CA PHE F 64 -28.62 -54.90 36.70
C PHE F 64 -27.35 -54.04 36.70
N GLN F 65 -26.59 -54.06 37.81
CA GLN F 65 -25.42 -53.20 38.03
C GLN F 65 -25.90 -51.74 38.03
N ILE F 66 -25.63 -50.97 36.94
CA ILE F 66 -26.12 -49.60 36.79
C ILE F 66 -27.24 -49.52 35.73
N VAL F 67 -27.38 -50.61 34.93
CA VAL F 67 -28.39 -50.74 33.86
C VAL F 67 -29.81 -50.74 34.46
N LYS F 68 -30.58 -49.66 34.20
CA LYS F 68 -31.93 -49.47 34.75
C LYS F 68 -33.02 -50.15 33.94
N ASN F 69 -34.08 -50.62 34.65
CA ASN F 69 -35.25 -51.35 34.11
C ASN F 69 -34.89 -52.48 33.12
N PRO F 70 -33.96 -53.42 33.44
CA PRO F 70 -33.60 -54.45 32.44
C PRO F 70 -34.73 -55.41 32.06
N ARG F 71 -35.49 -55.92 33.05
CA ARG F 71 -36.61 -56.86 32.79
C ARG F 71 -37.72 -56.23 31.94
N SER F 72 -38.04 -54.94 32.20
CA SER F 72 -39.03 -54.15 31.48
C SER F 72 -38.65 -53.94 29.99
N VAL F 73 -37.40 -53.50 29.75
CA VAL F 73 -36.83 -53.28 28.41
C VAL F 73 -36.77 -54.60 27.63
N GLY F 74 -36.24 -55.65 28.27
CA GLY F 74 -36.13 -56.98 27.69
C GLY F 74 -37.47 -57.57 27.29
N LYS F 75 -38.51 -57.35 28.14
CA LYS F 75 -39.87 -57.84 27.86
C LYS F 75 -40.51 -57.07 26.71
N ALA F 76 -40.30 -55.74 26.66
CA ALA F 76 -40.87 -54.88 25.60
C ALA F 76 -40.35 -55.28 24.22
N SER F 77 -39.05 -55.56 24.13
CA SER F 77 -38.43 -55.97 22.88
C SER F 77 -38.79 -57.40 22.49
N GLU F 78 -39.00 -58.31 23.48
CA GLU F 78 -39.45 -59.68 23.18
C GLU F 78 -40.85 -59.62 22.56
N GLN F 79 -41.75 -58.79 23.14
CA GLN F 79 -43.12 -58.57 22.65
C GLN F 79 -43.11 -57.95 21.25
N LEU F 80 -42.18 -56.99 21.00
CA LEU F 80 -42.07 -56.33 19.70
C LEU F 80 -41.49 -57.26 18.65
N ALA F 81 -40.51 -58.12 19.03
CA ALA F 81 -39.89 -59.11 18.13
C ALA F 81 -40.93 -60.05 17.51
N GLY F 82 -41.86 -60.55 18.33
CA GLY F 82 -42.91 -61.45 17.88
C GLY F 82 -43.89 -60.79 16.93
N LYS F 83 -44.30 -59.55 17.25
CA LYS F 83 -45.23 -58.79 16.43
C LYS F 83 -44.63 -58.39 15.07
N VAL F 84 -43.32 -58.01 15.03
CA VAL F 84 -42.60 -57.64 13.79
C VAL F 84 -42.48 -58.89 12.90
N ALA F 85 -42.15 -60.05 13.49
CA ALA F 85 -42.03 -61.31 12.77
C ALA F 85 -43.37 -61.70 12.13
N GLU F 86 -44.47 -61.43 12.85
CA GLU F 86 -45.85 -61.68 12.41
C GLU F 86 -46.19 -60.78 11.22
N VAL F 87 -45.74 -59.50 11.25
CA VAL F 87 -45.98 -58.53 10.18
C VAL F 87 -45.24 -58.99 8.92
N LYS F 88 -43.96 -59.39 9.09
CA LYS F 88 -43.09 -59.87 8.01
C LYS F 88 -43.58 -61.19 7.38
N LYS F 89 -44.22 -62.08 8.18
CA LYS F 89 -44.78 -63.32 7.63
C LYS F 89 -45.96 -62.98 6.71
N ASN F 90 -46.72 -61.92 7.08
CA ASN F 90 -47.88 -61.43 6.34
C ASN F 90 -47.53 -60.62 5.06
N GLY F 91 -46.25 -60.63 4.68
CA GLY F 91 -45.75 -59.96 3.48
C GLY F 91 -45.84 -58.44 3.53
N ARG F 92 -45.75 -57.86 4.74
CA ARG F 92 -45.84 -56.41 4.94
C ARG F 92 -44.53 -55.81 5.47
N ILE F 93 -44.34 -54.49 5.27
CA ILE F 93 -43.19 -53.77 5.82
C ILE F 93 -43.58 -53.35 7.23
N SER F 94 -42.81 -53.76 8.23
CA SER F 94 -43.11 -53.39 9.60
C SER F 94 -42.71 -51.94 9.85
N LEU F 95 -43.61 -51.16 10.49
CA LEU F 95 -43.36 -49.76 10.82
C LEU F 95 -43.58 -49.54 12.31
N VAL F 96 -42.49 -49.53 13.08
CA VAL F 96 -42.54 -49.39 14.53
C VAL F 96 -42.53 -47.93 14.94
N LEU F 97 -43.58 -47.51 15.64
CA LEU F 97 -43.67 -46.17 16.19
C LEU F 97 -43.25 -46.21 17.64
N GLY F 98 -42.14 -45.55 17.94
CA GLY F 98 -41.63 -45.49 19.30
C GLY F 98 -42.06 -44.24 20.07
N GLY F 99 -41.77 -44.17 21.36
CA GLY F 99 -41.02 -45.20 22.08
C GLY F 99 -39.53 -44.99 21.91
N ASP F 100 -38.76 -45.31 22.95
CA ASP F 100 -37.32 -45.13 22.92
C ASP F 100 -36.63 -46.18 22.05
N HIS F 101 -35.37 -45.90 21.66
CA HIS F 101 -34.59 -46.74 20.76
C HIS F 101 -34.11 -48.12 21.35
N SER F 102 -34.41 -48.43 22.63
CA SER F 102 -34.04 -49.77 23.16
C SER F 102 -34.89 -50.85 22.44
N LEU F 103 -36.10 -50.46 21.99
CA LEU F 103 -37.04 -51.30 21.22
C LEU F 103 -36.45 -51.85 19.91
N ALA F 104 -35.35 -51.21 19.40
CA ALA F 104 -34.66 -51.66 18.19
C ALA F 104 -34.13 -53.09 18.32
N ILE F 105 -33.90 -53.57 19.56
CA ILE F 105 -33.46 -54.95 19.84
C ILE F 105 -34.55 -55.90 19.34
N GLY F 106 -35.79 -55.66 19.74
CA GLY F 106 -36.94 -56.45 19.33
C GLY F 106 -37.31 -56.28 17.88
N SER F 107 -37.33 -55.01 17.40
CA SER F 107 -37.65 -54.69 16.03
C SER F 107 -36.76 -55.43 15.04
N ILE F 108 -35.42 -55.32 15.20
CA ILE F 108 -34.47 -55.96 14.29
C ILE F 108 -34.47 -57.50 14.47
N SER F 109 -34.42 -58.01 15.73
CA SER F 109 -34.45 -59.47 15.99
C SER F 109 -35.65 -60.11 15.27
N GLY F 110 -36.84 -59.52 15.48
CA GLY F 110 -38.09 -60.00 14.90
C GLY F 110 -38.13 -59.98 13.40
N HIS F 111 -37.50 -58.97 12.80
CA HIS F 111 -37.40 -58.80 11.35
C HIS F 111 -36.46 -59.87 10.79
N ALA F 112 -35.32 -60.11 11.50
CA ALA F 112 -34.29 -61.07 11.14
C ALA F 112 -34.76 -62.52 11.16
N ARG F 113 -35.82 -62.82 11.92
CA ARG F 113 -36.40 -64.18 11.99
C ARG F 113 -36.98 -64.59 10.64
N VAL F 114 -37.56 -63.62 9.89
CA VAL F 114 -38.15 -63.87 8.58
C VAL F 114 -37.13 -63.55 7.48
N HIS F 115 -36.31 -62.49 7.68
CA HIS F 115 -35.27 -62.11 6.72
C HIS F 115 -33.90 -62.06 7.39
N PRO F 116 -33.22 -63.23 7.53
CA PRO F 116 -31.91 -63.24 8.20
C PRO F 116 -30.78 -62.54 7.43
N ASP F 117 -31.01 -62.20 6.16
CA ASP F 117 -30.03 -61.53 5.29
C ASP F 117 -30.16 -59.99 5.31
N LEU F 118 -30.99 -59.44 6.22
CA LEU F 118 -31.25 -58.00 6.29
C LEU F 118 -30.01 -57.12 6.55
N GLY F 119 -30.03 -55.94 5.95
CA GLY F 119 -29.03 -54.89 6.14
C GLY F 119 -29.65 -53.78 6.94
N VAL F 120 -28.87 -53.17 7.85
CA VAL F 120 -29.39 -52.11 8.71
C VAL F 120 -28.81 -50.75 8.37
N ILE F 121 -29.68 -49.73 8.27
CA ILE F 121 -29.27 -48.34 8.14
C ILE F 121 -29.74 -47.67 9.42
N TRP F 122 -28.78 -47.16 10.21
CA TRP F 122 -29.05 -46.58 11.51
C TRP F 122 -28.81 -45.08 11.45
N VAL F 123 -29.91 -44.28 11.43
CA VAL F 123 -29.85 -42.83 11.37
C VAL F 123 -30.01 -42.26 12.78
N ASP F 124 -28.93 -41.66 13.29
CA ASP F 124 -28.87 -41.22 14.69
C ASP F 124 -27.70 -40.27 14.89
N ALA F 125 -27.76 -39.45 15.93
CA ALA F 125 -26.60 -38.66 16.36
C ALA F 125 -25.67 -39.58 17.17
N HIS F 126 -26.23 -40.72 17.65
CA HIS F 126 -25.55 -41.68 18.51
C HIS F 126 -25.34 -43.06 17.89
N THR F 127 -24.34 -43.82 18.39
CA THR F 127 -24.05 -45.17 17.92
C THR F 127 -24.93 -46.22 18.62
N ASP F 128 -25.42 -45.92 19.85
CA ASP F 128 -26.25 -46.84 20.63
C ASP F 128 -25.59 -48.27 20.70
N ILE F 129 -24.24 -48.30 20.77
CA ILE F 129 -23.45 -49.55 20.74
C ILE F 129 -22.75 -49.83 22.10
N ASN F 130 -23.11 -49.09 23.17
CA ASN F 130 -22.59 -49.33 24.51
C ASN F 130 -23.07 -50.71 24.97
N THR F 131 -22.21 -51.45 25.65
CA THR F 131 -22.60 -52.76 26.20
C THR F 131 -23.10 -52.50 27.64
N PRO F 132 -23.75 -53.47 28.35
CA PRO F 132 -24.15 -53.19 29.74
C PRO F 132 -22.96 -52.93 30.68
N LEU F 133 -21.73 -53.14 30.18
CA LEU F 133 -20.49 -52.90 30.94
C LEU F 133 -19.82 -51.57 30.59
N THR F 134 -19.85 -51.17 29.30
CA THR F 134 -19.21 -49.92 28.85
C THR F 134 -20.06 -48.67 29.15
N THR F 135 -21.38 -48.85 29.41
CA THR F 135 -22.29 -47.73 29.69
C THR F 135 -21.96 -47.01 31.01
N THR F 136 -22.13 -45.67 31.04
CA THR F 136 -21.87 -44.83 32.21
C THR F 136 -23.19 -44.32 32.79
N SER F 137 -24.19 -44.05 31.92
CA SER F 137 -25.53 -43.58 32.30
C SER F 137 -26.43 -44.75 32.69
N GLY F 138 -26.20 -45.92 32.07
CA GLY F 138 -26.96 -47.13 32.33
C GLY F 138 -28.34 -47.16 31.70
N ASN F 139 -28.52 -46.37 30.62
CA ASN F 139 -29.80 -46.35 29.91
C ASN F 139 -29.76 -47.30 28.71
N LEU F 140 -30.74 -48.20 28.62
CA LEU F 140 -30.77 -49.23 27.59
C LEU F 140 -31.07 -48.72 26.16
N HIS F 141 -31.51 -47.45 26.00
CA HIS F 141 -31.74 -46.87 24.67
C HIS F 141 -30.39 -46.52 23.97
N GLY F 142 -29.31 -46.52 24.74
CA GLY F 142 -27.95 -46.30 24.26
C GLY F 142 -27.13 -47.58 24.19
N GLN F 143 -27.81 -48.75 24.20
CA GLN F 143 -27.19 -50.09 24.16
C GLN F 143 -27.75 -51.07 23.06
N PRO F 144 -28.81 -50.72 22.24
CA PRO F 144 -29.41 -51.75 21.37
C PRO F 144 -28.50 -52.45 20.36
N VAL F 145 -27.58 -51.74 19.71
CA VAL F 145 -26.70 -52.34 18.71
C VAL F 145 -25.79 -53.43 19.31
N SER F 146 -25.31 -53.24 20.57
CA SER F 146 -24.42 -54.20 21.26
C SER F 146 -25.11 -55.56 21.48
N PHE F 147 -26.42 -55.55 21.80
CA PHE F 147 -27.20 -56.78 21.98
C PHE F 147 -27.48 -57.51 20.65
N LEU F 148 -27.37 -56.81 19.51
CA LEU F 148 -27.69 -57.38 18.20
C LEU F 148 -26.51 -57.89 17.42
N LEU F 149 -25.28 -57.38 17.73
CA LEU F 149 -24.05 -57.77 17.03
C LEU F 149 -23.49 -59.12 17.47
N LYS F 150 -23.04 -59.92 16.49
CA LYS F 150 -22.46 -61.25 16.68
C LYS F 150 -21.03 -61.19 17.21
N GLU F 151 -20.28 -60.13 16.86
CA GLU F 151 -18.89 -59.94 17.28
C GLU F 151 -18.82 -59.48 18.74
N LEU F 152 -19.93 -58.94 19.27
CA LEU F 152 -19.98 -58.48 20.66
C LEU F 152 -20.50 -59.55 21.61
N LYS F 153 -20.76 -60.76 21.06
CA LYS F 153 -21.19 -61.93 21.83
C LYS F 153 -19.99 -62.38 22.65
N GLY F 154 -20.17 -62.41 23.95
CA GLY F 154 -19.11 -62.73 24.90
C GLY F 154 -18.79 -61.52 25.78
N LYS F 155 -19.20 -60.32 25.32
CA LYS F 155 -19.00 -59.06 26.03
C LYS F 155 -20.32 -58.64 26.71
N ILE F 156 -21.45 -59.17 26.22
CA ILE F 156 -22.78 -58.91 26.75
C ILE F 156 -23.06 -59.93 27.87
N PRO F 157 -23.17 -59.49 29.14
CA PRO F 157 -23.43 -60.46 30.22
C PRO F 157 -24.90 -60.85 30.30
N ASP F 158 -25.23 -61.81 31.19
CA ASP F 158 -26.61 -62.28 31.37
C ASP F 158 -27.47 -61.23 32.10
N VAL F 159 -28.01 -60.28 31.33
CA VAL F 159 -28.87 -59.21 31.85
C VAL F 159 -30.31 -59.77 31.98
N PRO F 160 -30.99 -59.61 33.16
CA PRO F 160 -32.33 -60.19 33.32
C PRO F 160 -33.40 -59.66 32.35
N GLY F 161 -33.97 -60.58 31.57
CA GLY F 161 -34.99 -60.28 30.58
C GLY F 161 -34.49 -60.30 29.16
N PHE F 162 -33.20 -60.64 28.98
CA PHE F 162 -32.54 -60.68 27.67
C PHE F 162 -32.04 -62.09 27.24
N SER F 163 -32.45 -63.17 27.93
CA SER F 163 -32.02 -64.54 27.57
C SER F 163 -32.54 -65.03 26.21
N TRP F 164 -33.64 -64.43 25.76
CA TRP F 164 -34.27 -64.73 24.46
C TRP F 164 -33.43 -64.18 23.30
N VAL F 165 -32.62 -63.12 23.57
CA VAL F 165 -31.80 -62.42 22.57
C VAL F 165 -30.68 -63.30 22.02
N THR F 166 -30.69 -63.48 20.69
CA THR F 166 -29.67 -64.18 19.92
C THR F 166 -29.13 -63.11 18.93
N PRO F 167 -27.78 -62.94 18.78
CA PRO F 167 -27.28 -61.91 17.86
C PRO F 167 -27.58 -62.27 16.41
N CYS F 168 -28.27 -61.37 15.69
CA CYS F 168 -28.76 -61.64 14.34
C CYS F 168 -27.94 -60.97 13.23
N ILE F 169 -27.15 -59.93 13.55
CA ILE F 169 -26.36 -59.20 12.56
C ILE F 169 -24.87 -59.15 12.87
N SER F 170 -24.05 -59.14 11.81
CA SER F 170 -22.61 -59.00 11.91
C SER F 170 -22.27 -57.50 11.75
N ALA F 171 -21.09 -57.08 12.23
CA ALA F 171 -20.61 -55.70 12.17
C ALA F 171 -20.63 -55.11 10.74
N LYS F 172 -20.48 -55.97 9.72
CA LYS F 172 -20.49 -55.56 8.30
C LYS F 172 -21.88 -55.33 7.71
N ASP F 173 -22.95 -55.62 8.47
CA ASP F 173 -24.34 -55.51 7.98
C ASP F 173 -25.09 -54.27 8.47
N ILE F 174 -24.38 -53.32 9.10
CA ILE F 174 -24.97 -52.07 9.59
C ILE F 174 -24.21 -50.85 8.99
N VAL F 175 -24.92 -49.76 8.66
CA VAL F 175 -24.28 -48.50 8.21
C VAL F 175 -24.89 -47.37 9.02
N TYR F 176 -24.03 -46.61 9.73
CA TYR F 176 -24.47 -45.48 10.57
C TYR F 176 -24.46 -44.18 9.77
N ILE F 177 -25.49 -43.33 9.97
CA ILE F 177 -25.55 -42.02 9.31
C ILE F 177 -25.97 -40.92 10.30
N GLY F 178 -25.10 -39.91 10.45
CA GLY F 178 -25.40 -38.73 11.26
C GLY F 178 -24.75 -38.64 12.62
N LEU F 179 -23.78 -39.53 12.92
CA LEU F 179 -23.09 -39.60 14.21
C LEU F 179 -22.40 -38.29 14.56
N ARG F 180 -22.61 -37.80 15.79
CA ARG F 180 -21.97 -36.56 16.26
C ARG F 180 -21.71 -36.53 17.78
N ASP F 181 -22.15 -37.59 18.52
CA ASP F 181 -21.91 -37.71 19.96
C ASP F 181 -21.73 -39.19 20.35
N VAL F 182 -20.47 -39.65 20.30
CA VAL F 182 -20.13 -41.05 20.53
C VAL F 182 -19.21 -41.18 21.76
N ASP F 183 -19.62 -42.02 22.75
CA ASP F 183 -18.84 -42.25 23.99
C ASP F 183 -17.49 -42.97 23.69
N PRO F 184 -16.41 -42.70 24.48
CA PRO F 184 -15.12 -43.37 24.21
C PRO F 184 -15.19 -44.90 23.99
N GLY F 185 -15.98 -45.59 24.81
CA GLY F 185 -16.18 -47.04 24.68
C GLY F 185 -16.87 -47.43 23.39
N GLU F 186 -17.83 -46.62 22.94
CA GLU F 186 -18.58 -46.83 21.69
C GLU F 186 -17.67 -46.65 20.48
N HIS F 187 -16.85 -45.57 20.45
CA HIS F 187 -15.92 -45.30 19.36
C HIS F 187 -14.89 -46.41 19.28
N TYR F 188 -14.47 -46.93 20.45
CA TYR F 188 -13.55 -48.06 20.50
C TYR F 188 -14.18 -49.26 19.83
N ILE F 189 -15.47 -49.56 20.13
CA ILE F 189 -16.17 -50.68 19.53
C ILE F 189 -16.30 -50.48 18.02
N LEU F 190 -16.82 -49.30 17.62
CA LEU F 190 -17.04 -48.89 16.24
C LEU F 190 -15.80 -49.06 15.33
N LYS F 191 -14.62 -48.69 15.84
CA LYS F 191 -13.38 -48.75 15.06
C LYS F 191 -12.71 -50.13 15.10
N THR F 192 -12.76 -50.83 16.25
CA THR F 192 -12.14 -52.15 16.34
C THR F 192 -12.95 -53.21 15.58
N LEU F 193 -14.28 -53.02 15.45
CA LEU F 193 -15.14 -53.93 14.67
C LEU F 193 -15.18 -53.55 13.18
N GLY F 194 -14.61 -52.39 12.85
CA GLY F 194 -14.50 -51.91 11.48
C GLY F 194 -15.81 -51.54 10.81
N ILE F 195 -16.89 -51.29 11.62
CA ILE F 195 -18.23 -50.89 11.14
C ILE F 195 -18.17 -49.68 10.19
N LYS F 196 -18.95 -49.72 9.08
CA LYS F 196 -19.06 -48.63 8.11
C LYS F 196 -19.92 -47.53 8.71
N TYR F 197 -19.47 -46.27 8.57
CA TYR F 197 -20.19 -45.15 9.18
C TYR F 197 -19.94 -43.83 8.49
N PHE F 198 -20.91 -42.94 8.58
CA PHE F 198 -20.84 -41.60 8.06
C PHE F 198 -21.26 -40.68 9.17
N SER F 199 -20.28 -40.16 9.92
CA SER F 199 -20.53 -39.20 10.98
C SER F 199 -20.83 -37.87 10.29
N MET F 200 -21.22 -36.82 11.05
CA MET F 200 -21.51 -35.52 10.44
C MET F 200 -20.30 -35.01 9.63
N THR F 201 -19.08 -35.41 10.05
CA THR F 201 -17.82 -35.08 9.37
C THR F 201 -17.82 -35.63 7.93
N GLU F 202 -18.27 -36.90 7.75
CA GLU F 202 -18.38 -37.55 6.43
C GLU F 202 -19.49 -36.92 5.60
N VAL F 203 -20.63 -36.57 6.26
CA VAL F 203 -21.75 -35.92 5.57
C VAL F 203 -21.25 -34.56 5.03
N ASP F 204 -20.51 -33.79 5.87
CA ASP F 204 -19.93 -32.50 5.47
C ASP F 204 -18.92 -32.65 4.33
N ARG F 205 -18.04 -33.67 4.41
CA ARG F 205 -17.00 -33.93 3.41
C ARG F 205 -17.58 -34.31 2.04
N LEU F 206 -18.48 -35.31 2.03
CA LEU F 206 -18.99 -35.90 0.80
C LEU F 206 -20.27 -35.27 0.25
N GLY F 207 -21.15 -34.82 1.14
CA GLY F 207 -22.49 -34.39 0.75
C GLY F 207 -23.37 -35.61 0.85
N ILE F 208 -24.67 -35.41 1.09
CA ILE F 208 -25.63 -36.51 1.33
C ILE F 208 -25.87 -37.42 0.09
N GLY F 209 -25.63 -36.88 -1.11
CA GLY F 209 -25.73 -37.62 -2.35
C GLY F 209 -24.74 -38.78 -2.41
N LYS F 210 -23.46 -38.49 -2.12
CA LYS F 210 -22.37 -39.45 -2.08
C LYS F 210 -22.49 -40.37 -0.88
N VAL F 211 -22.98 -39.84 0.27
CA VAL F 211 -23.19 -40.63 1.49
C VAL F 211 -24.18 -41.77 1.19
N MET F 212 -25.29 -41.44 0.48
CA MET F 212 -26.31 -42.41 0.09
C MET F 212 -25.81 -43.38 -0.99
N GLU F 213 -25.05 -42.86 -1.98
CA GLU F 213 -24.41 -43.64 -3.02
C GLU F 213 -23.51 -44.73 -2.40
N GLU F 214 -22.66 -44.34 -1.43
CA GLU F 214 -21.74 -45.25 -0.73
C GLU F 214 -22.45 -46.24 0.23
N THR F 215 -23.50 -45.78 0.95
CA THR F 215 -24.27 -46.61 1.90
C THR F 215 -24.96 -47.79 1.18
N LEU F 216 -25.75 -47.47 0.15
CA LEU F 216 -26.47 -48.47 -0.62
C LEU F 216 -25.54 -49.37 -1.44
N SER F 217 -24.40 -48.83 -1.91
CA SER F 217 -23.43 -49.64 -2.67
C SER F 217 -22.77 -50.64 -1.74
N TYR F 218 -22.41 -50.19 -0.52
CA TYR F 218 -21.77 -51.04 0.49
C TYR F 218 -22.70 -52.15 0.97
N LEU F 219 -24.01 -51.87 1.05
CA LEU F 219 -24.97 -52.86 1.55
C LEU F 219 -25.54 -53.76 0.47
N LEU F 220 -25.89 -53.19 -0.70
CA LEU F 220 -26.56 -53.92 -1.78
C LEU F 220 -25.66 -54.22 -2.99
N GLY F 221 -24.34 -54.11 -2.80
CA GLY F 221 -23.36 -54.35 -3.85
C GLY F 221 -23.35 -55.77 -4.40
N ARG F 222 -23.13 -56.75 -3.50
CA ARG F 222 -23.08 -58.18 -3.85
C ARG F 222 -24.40 -58.69 -4.47
N LYS F 223 -25.55 -58.40 -3.79
CA LYS F 223 -26.90 -58.78 -4.22
C LYS F 223 -27.99 -58.01 -3.45
N LYS F 224 -29.19 -57.88 -4.06
CA LYS F 224 -30.35 -57.20 -3.49
C LYS F 224 -30.78 -57.85 -2.16
N ARG F 225 -30.65 -57.10 -1.06
CA ARG F 225 -30.99 -57.60 0.27
C ARG F 225 -31.99 -56.68 1.00
N PRO F 226 -32.87 -57.23 1.88
CA PRO F 226 -33.86 -56.36 2.56
C PRO F 226 -33.20 -55.33 3.46
N ILE F 227 -33.75 -54.10 3.45
CA ILE F 227 -33.25 -52.99 4.23
C ILE F 227 -34.12 -52.74 5.46
N HIS F 228 -33.49 -52.61 6.63
CA HIS F 228 -34.14 -52.22 7.85
C HIS F 228 -33.59 -50.83 8.22
N LEU F 229 -34.44 -49.80 8.18
CA LEU F 229 -34.03 -48.46 8.58
C LEU F 229 -34.47 -48.18 10.01
N SER F 230 -33.50 -47.94 10.89
CA SER F 230 -33.78 -47.61 12.28
C SER F 230 -33.49 -46.12 12.48
N PHE F 231 -34.55 -45.30 12.38
CA PHE F 231 -34.46 -43.85 12.44
C PHE F 231 -34.76 -43.28 13.82
N ASP F 232 -33.73 -42.70 14.45
CA ASP F 232 -33.84 -41.94 15.69
C ASP F 232 -34.00 -40.48 15.23
N VAL F 233 -35.06 -39.79 15.71
CA VAL F 233 -35.35 -38.39 15.32
C VAL F 233 -34.24 -37.41 15.74
N ASP F 234 -33.41 -37.77 16.74
CA ASP F 234 -32.29 -36.92 17.14
C ASP F 234 -31.11 -36.99 16.16
N GLY F 235 -31.22 -37.83 15.13
CA GLY F 235 -30.26 -37.89 14.04
C GLY F 235 -30.35 -36.60 13.25
N LEU F 236 -31.55 -36.00 13.24
CA LEU F 236 -31.80 -34.70 12.61
C LEU F 236 -31.51 -33.59 13.61
N ASP F 237 -31.10 -32.42 13.09
CA ASP F 237 -30.77 -31.26 13.89
C ASP F 237 -31.92 -30.85 14.81
N PRO F 238 -31.63 -30.42 16.08
CA PRO F 238 -32.72 -30.01 17.00
C PRO F 238 -33.57 -28.83 16.49
N SER F 239 -33.13 -28.17 15.41
CA SER F 239 -33.90 -27.11 14.75
C SER F 239 -35.12 -27.69 14.00
N PHE F 240 -35.10 -29.02 13.74
CA PHE F 240 -36.19 -29.73 13.05
C PHE F 240 -36.91 -30.70 13.97
N THR F 241 -36.17 -31.37 14.88
CA THR F 241 -36.74 -32.32 15.84
C THR F 241 -36.38 -31.94 17.30
N PRO F 242 -36.84 -30.78 17.82
CA PRO F 242 -36.51 -30.40 19.20
C PRO F 242 -37.07 -31.32 20.29
N ALA F 243 -38.30 -31.84 20.12
CA ALA F 243 -38.95 -32.68 21.14
C ALA F 243 -38.39 -34.13 21.21
N THR F 244 -37.12 -34.24 21.61
CA THR F 244 -36.41 -35.51 21.74
C THR F 244 -35.58 -35.51 23.02
N GLY F 245 -35.38 -36.69 23.61
CA GLY F 245 -34.67 -36.87 24.87
C GLY F 245 -33.21 -36.49 24.90
N THR F 246 -32.47 -36.80 23.81
CA THR F 246 -31.01 -36.54 23.74
C THR F 246 -30.63 -35.68 22.49
N PRO F 247 -31.02 -34.37 22.45
CA PRO F 247 -30.69 -33.55 21.27
C PRO F 247 -29.21 -33.18 21.19
N VAL F 248 -28.65 -33.18 19.98
CA VAL F 248 -27.25 -32.82 19.72
C VAL F 248 -27.22 -31.87 18.53
N VAL F 249 -26.65 -30.65 18.70
CA VAL F 249 -26.53 -29.62 17.65
C VAL F 249 -25.69 -30.12 16.44
N GLY F 250 -25.85 -29.45 15.29
CA GLY F 250 -25.12 -29.72 14.07
C GLY F 250 -25.52 -31.02 13.39
N GLY F 251 -26.83 -31.32 13.48
CA GLY F 251 -27.39 -32.55 12.91
C GLY F 251 -27.79 -32.48 11.46
N LEU F 252 -28.33 -33.60 10.96
CA LEU F 252 -28.83 -33.69 9.58
C LEU F 252 -29.94 -32.69 9.40
N THR F 253 -29.96 -32.04 8.25
CA THR F 253 -30.98 -31.06 7.88
C THR F 253 -32.28 -31.80 7.53
N TYR F 254 -33.41 -31.04 7.41
CA TYR F 254 -34.71 -31.57 7.01
C TYR F 254 -34.60 -32.19 5.61
N ARG F 255 -33.89 -31.49 4.68
CA ARG F 255 -33.64 -31.93 3.30
C ARG F 255 -32.85 -33.23 3.28
N GLU F 256 -31.77 -33.29 4.08
CA GLU F 256 -30.92 -34.49 4.15
C GLU F 256 -31.70 -35.70 4.62
N GLY F 257 -32.53 -35.53 5.63
CA GLY F 257 -33.40 -36.59 6.14
C GLY F 257 -34.36 -37.11 5.09
N LEU F 258 -34.95 -36.21 4.26
CA LEU F 258 -35.85 -36.59 3.17
C LEU F 258 -35.08 -37.25 2.04
N TYR F 259 -33.86 -36.78 1.78
CA TYR F 259 -33.03 -37.38 0.75
C TYR F 259 -32.60 -38.80 1.13
N ILE F 260 -32.24 -39.01 2.42
CA ILE F 260 -31.86 -40.34 2.92
C ILE F 260 -32.99 -41.32 2.64
N THR F 261 -34.21 -40.97 3.07
CA THR F 261 -35.40 -41.82 2.98
C THR F 261 -35.90 -41.97 1.52
N GLU F 262 -35.78 -40.91 0.70
CA GLU F 262 -36.13 -40.98 -0.73
C GLU F 262 -35.30 -42.06 -1.46
N GLU F 263 -33.96 -42.06 -1.26
CA GLU F 263 -33.05 -43.03 -1.88
C GLU F 263 -33.35 -44.46 -1.45
N ILE F 264 -33.65 -44.65 -0.15
CA ILE F 264 -33.96 -45.96 0.43
C ILE F 264 -35.24 -46.50 -0.18
N TYR F 265 -36.26 -45.62 -0.35
CA TYR F 265 -37.50 -46.03 -1.00
C TYR F 265 -37.21 -46.55 -2.41
N LYS F 266 -36.46 -45.77 -3.20
CA LYS F 266 -36.06 -46.03 -4.60
C LYS F 266 -35.40 -47.40 -4.86
N THR F 267 -34.85 -48.02 -3.81
CA THR F 267 -34.26 -49.35 -3.92
C THR F 267 -35.38 -50.41 -4.06
N GLY F 268 -36.53 -50.11 -3.47
CA GLY F 268 -37.67 -51.02 -3.41
C GLY F 268 -37.33 -52.18 -2.50
N LEU F 269 -36.39 -51.95 -1.54
CA LEU F 269 -35.88 -52.99 -0.65
C LEU F 269 -36.15 -52.73 0.84
N LEU F 270 -36.79 -51.57 1.18
CA LEU F 270 -37.19 -51.30 2.57
C LEU F 270 -38.13 -52.44 3.01
N SER F 271 -37.85 -53.03 4.15
CA SER F 271 -38.56 -54.20 4.65
C SER F 271 -38.93 -53.99 6.11
N GLY F 272 -38.19 -53.11 6.79
CA GLY F 272 -38.41 -52.75 8.18
C GLY F 272 -38.12 -51.28 8.45
N LEU F 273 -38.98 -50.63 9.25
CA LEU F 273 -38.78 -49.21 9.57
C LEU F 273 -39.10 -48.88 11.04
N ASP F 274 -38.20 -48.11 11.68
CA ASP F 274 -38.34 -47.67 13.08
C ASP F 274 -38.36 -46.14 13.16
N ILE F 275 -39.46 -45.55 13.67
CA ILE F 275 -39.58 -44.09 13.89
C ILE F 275 -39.52 -43.88 15.41
N MET F 276 -38.31 -43.58 15.92
CA MET F 276 -38.02 -43.58 17.36
C MET F 276 -37.65 -42.24 17.99
N GLU F 277 -37.85 -42.18 19.32
CA GLU F 277 -37.42 -41.11 20.24
C GLU F 277 -38.17 -39.79 20.10
N VAL F 278 -39.44 -39.82 19.65
CA VAL F 278 -40.27 -38.61 19.64
C VAL F 278 -40.90 -38.51 21.05
N ASN F 279 -40.45 -37.52 21.84
CA ASN F 279 -40.99 -37.28 23.19
C ASN F 279 -41.81 -35.97 23.18
N PRO F 280 -43.17 -36.08 23.06
CA PRO F 280 -44.00 -34.86 22.98
C PRO F 280 -44.07 -34.01 24.27
N SER F 281 -43.46 -34.46 25.36
CA SER F 281 -43.46 -33.64 26.58
C SER F 281 -42.16 -32.82 26.71
N LEU F 282 -41.20 -33.03 25.78
CA LEU F 282 -39.91 -32.35 25.82
C LEU F 282 -39.78 -31.17 24.84
N GLY F 283 -40.90 -30.66 24.37
CA GLY F 283 -40.92 -29.46 23.54
C GLY F 283 -40.93 -28.23 24.44
N LYS F 284 -40.16 -27.19 24.07
CA LYS F 284 -40.13 -25.94 24.85
C LYS F 284 -41.45 -25.18 24.70
N THR F 285 -42.09 -25.34 23.53
CA THR F 285 -43.37 -24.74 23.18
C THR F 285 -44.24 -25.83 22.50
N PRO F 286 -45.59 -25.68 22.44
CA PRO F 286 -46.40 -26.68 21.72
C PRO F 286 -46.03 -26.76 20.23
N GLU F 287 -45.57 -25.63 19.64
CA GLU F 287 -45.11 -25.51 18.24
C GLU F 287 -43.88 -26.42 17.99
N GLU F 288 -42.99 -26.54 18.99
CA GLU F 288 -41.80 -27.39 18.90
C GLU F 288 -42.19 -28.88 18.83
N VAL F 289 -43.32 -29.23 19.47
CA VAL F 289 -43.87 -30.59 19.44
C VAL F 289 -44.40 -30.88 18.02
N THR F 290 -45.25 -29.98 17.46
CA THR F 290 -45.81 -30.19 16.10
C THR F 290 -44.70 -30.16 15.04
N ARG F 291 -43.64 -29.35 15.26
CA ARG F 291 -42.48 -29.31 14.37
C ARG F 291 -41.81 -30.69 14.34
N THR F 292 -41.60 -31.31 15.53
CA THR F 292 -40.96 -32.63 15.65
C THR F 292 -41.80 -33.71 14.99
N VAL F 293 -43.11 -33.77 15.36
CA VAL F 293 -44.07 -34.75 14.83
C VAL F 293 -44.20 -34.63 13.30
N ASN F 294 -44.41 -33.39 12.76
CA ASN F 294 -44.50 -33.18 11.31
C ASN F 294 -43.24 -33.64 10.57
N THR F 295 -42.04 -33.39 11.12
CA THR F 295 -40.78 -33.84 10.51
C THR F 295 -40.74 -35.38 10.48
N ALA F 296 -41.02 -36.02 11.63
CA ALA F 296 -41.08 -37.49 11.73
C ALA F 296 -42.13 -38.06 10.74
N VAL F 297 -43.30 -37.38 10.61
CA VAL F 297 -44.37 -37.80 9.69
C VAL F 297 -43.88 -37.74 8.23
N ALA F 298 -43.24 -36.62 7.84
CA ALA F 298 -42.71 -36.39 6.50
C ALA F 298 -41.58 -37.36 6.13
N ILE F 299 -40.68 -37.70 7.09
CA ILE F 299 -39.60 -38.68 6.89
C ILE F 299 -40.22 -40.04 6.54
N THR F 300 -41.27 -40.42 7.28
CA THR F 300 -42.01 -41.67 7.08
C THR F 300 -42.68 -41.72 5.72
N LEU F 301 -43.39 -40.64 5.31
CA LEU F 301 -44.06 -40.58 4.00
C LEU F 301 -43.07 -40.80 2.85
N ALA F 302 -41.86 -40.21 2.95
CA ALA F 302 -40.81 -40.37 1.94
C ALA F 302 -40.27 -41.81 1.90
N CYS F 303 -40.35 -42.57 3.04
CA CYS F 303 -39.92 -43.98 3.05
C CYS F 303 -40.87 -44.81 2.17
N PHE F 304 -42.12 -44.34 2.02
CA PHE F 304 -43.15 -45.08 1.30
C PHE F 304 -43.56 -44.46 -0.04
N GLY F 305 -42.65 -43.68 -0.64
CA GLY F 305 -42.85 -43.18 -2.00
C GLY F 305 -43.07 -41.71 -2.25
N LEU F 306 -43.40 -40.91 -1.22
CA LEU F 306 -43.63 -39.47 -1.44
C LEU F 306 -42.33 -38.78 -1.89
N ALA F 307 -42.30 -38.26 -3.14
CA ALA F 307 -41.12 -37.63 -3.72
C ALA F 307 -41.29 -36.12 -3.85
N ARG F 308 -40.21 -35.35 -3.58
CA ARG F 308 -40.29 -33.88 -3.68
C ARG F 308 -40.51 -33.40 -5.11
N GLU F 309 -40.03 -34.16 -6.10
CA GLU F 309 -40.24 -33.83 -7.51
C GLU F 309 -41.71 -34.02 -7.92
N GLY F 310 -42.46 -34.78 -7.09
CA GLY F 310 -43.88 -35.04 -7.31
C GLY F 310 -44.21 -36.50 -7.58
N ASN F 311 -45.51 -36.83 -7.53
CA ASN F 311 -46.02 -38.20 -7.78
C ASN F 311 -47.28 -38.15 -8.62
N HIS F 312 -47.52 -39.18 -9.45
CA HIS F 312 -48.74 -39.31 -10.24
C HIS F 312 -49.14 -40.77 -10.47
N LYS F 313 -50.45 -41.05 -10.55
CA LYS F 313 -50.97 -42.41 -10.81
C LYS F 313 -50.73 -42.79 -12.30
N PRO F 314 -50.71 -44.10 -12.69
CA PRO F 314 -50.49 -44.44 -14.12
C PRO F 314 -51.71 -44.21 -15.02
N ILE F 315 -52.13 -42.94 -15.15
CA ILE F 315 -53.26 -42.48 -15.96
C ILE F 315 -52.85 -41.22 -16.73
N ASP F 316 -53.50 -40.95 -17.87
CA ASP F 316 -53.21 -39.77 -18.67
C ASP F 316 -53.94 -38.57 -18.06
N TYR F 317 -53.21 -37.70 -17.34
CA TYR F 317 -53.77 -36.51 -16.67
C TYR F 317 -54.16 -35.42 -17.66
N LEU F 318 -53.58 -35.44 -18.87
CA LEU F 318 -53.85 -34.44 -19.91
C LEU F 318 -55.15 -34.75 -20.73
N ASN F 319 -55.91 -35.79 -20.33
CA ASN F 319 -57.19 -36.17 -20.93
C ASN F 319 -58.35 -35.83 -20.00
#